data_3HYM
#
_entry.id   3HYM
#
_cell.length_a   301.897
_cell.length_b   301.897
_cell.length_c   80.168
_cell.angle_alpha   90.00
_cell.angle_beta   90.00
_cell.angle_gamma   120.00
#
_symmetry.space_group_name_H-M   'P 63'
#
loop_
_entity.id
_entity.type
_entity.pdbx_description
1 polymer 'Anaphase-promoting complex subunit CDC26'
2 polymer 'Cell division cycle protein 16 homolog'
3 water water
#
loop_
_entity_poly.entity_id
_entity_poly.type
_entity_poly.pdbx_seq_one_letter_code
_entity_poly.pdbx_strand_id
1 'polypeptide(L)' (MSE)LRRKPTRLELKLDDIEEFENIRKDLETR A,C,E,G,I,K
2 'polypeptide(L)'
;GSYNKPSETVIPESVDGLQENLDVVVSLAERHYYNCDFK(MSE)CYKLTSVV(MSE)EKDPFHASCLPVHIGTLVELNKA
NELFYLSHKLVDLYPSNPVSWFAVGCYYL(MSE)VGHKNEHARRYLSKATTLEKTYGPAWIAYGHSFAVESEHDQA
(MSE)AAYFTAAQL(MSE)KGCHLP(MSE)LYIGLEYGLTNNSKLAERFFSQALSIAPEDPFV(MSE)HEVGVVAFQNGE
WKTAEKWFLDALEKIKAIGNEVTVDKWEPLLNNLGHVCRKLKKYAEALDYHRQALVLIPQNASTYSAIGYIHSL(MSE)G
NFENAVDYFHTALGLRRDDTFSVT(MSE)LGHCIE(MSE)YIGDSEAYIGADIK
;
B,D,F,H,J,L
#
# COMPACT_ATOMS: atom_id res chain seq x y z
N LEU A 2 -5.69 31.46 -29.12
CA LEU A 2 -5.79 30.00 -29.23
C LEU A 2 -7.17 29.51 -28.80
N ARG A 3 -7.70 28.55 -29.55
CA ARG A 3 -9.04 28.03 -29.33
C ARG A 3 -9.04 26.54 -28.94
N ARG A 4 -10.13 26.07 -28.34
CA ARG A 4 -10.23 24.65 -27.97
C ARG A 4 -11.46 24.02 -28.59
N LYS A 5 -11.26 22.86 -29.20
CA LYS A 5 -12.25 22.23 -30.08
C LYS A 5 -13.67 22.43 -29.53
N PRO A 6 -14.58 22.89 -30.39
CA PRO A 6 -15.97 23.16 -30.05
C PRO A 6 -16.51 22.03 -29.20
N THR A 7 -17.03 22.36 -28.02
CA THR A 7 -17.51 21.33 -27.11
C THR A 7 -18.48 20.41 -27.83
N ARG A 8 -18.24 19.11 -27.72
CA ARG A 8 -19.05 18.11 -28.38
C ARG A 8 -19.97 17.46 -27.37
N LEU A 9 -21.21 17.22 -27.77
CA LEU A 9 -22.16 16.61 -26.87
C LEU A 9 -22.03 15.09 -26.85
N GLU A 10 -22.21 14.51 -25.67
CA GLU A 10 -22.18 13.07 -25.54
C GLU A 10 -23.33 12.60 -24.68
N LEU A 11 -23.69 11.32 -24.83
CA LEU A 11 -24.86 10.77 -24.18
C LEU A 11 -24.66 10.53 -22.68
N LYS A 12 -25.51 11.13 -21.87
CA LYS A 12 -25.52 10.82 -20.45
C LYS A 12 -26.45 9.63 -20.28
N LEU A 13 -26.47 9.05 -19.08
CA LEU A 13 -27.42 7.99 -18.79
C LEU A 13 -28.80 8.60 -18.52
N ASP A 14 -28.80 9.75 -17.83
CA ASP A 14 -30.04 10.47 -17.55
C ASP A 14 -30.84 10.67 -18.83
N ASP A 15 -30.18 10.50 -19.96
CA ASP A 15 -30.81 10.68 -21.26
C ASP A 15 -31.73 9.52 -21.57
N ILE A 16 -31.57 8.41 -20.84
CA ILE A 16 -32.39 7.24 -21.06
C ILE A 16 -33.82 7.48 -20.60
N GLU A 17 -34.03 8.59 -19.90
CA GLU A 17 -35.36 9.02 -19.50
C GLU A 17 -36.30 9.06 -20.69
N GLU A 18 -35.81 9.57 -21.81
CA GLU A 18 -36.67 9.79 -22.98
C GLU A 18 -37.36 8.50 -23.35
N PHE A 19 -36.58 7.42 -23.29
CA PHE A 19 -37.05 6.10 -23.63
C PHE A 19 -37.97 5.59 -22.53
N GLU A 20 -37.66 5.95 -21.30
CA GLU A 20 -38.50 5.58 -20.16
C GLU A 20 -39.90 6.17 -20.32
N ASN A 21 -39.95 7.47 -20.60
CA ASN A 21 -41.20 8.20 -20.73
C ASN A 21 -42.02 7.79 -21.95
N ILE A 22 -41.35 7.12 -22.87
CA ILE A 22 -41.98 6.68 -24.10
C ILE A 22 -42.95 5.54 -23.88
N ARG A 23 -42.55 4.54 -23.09
CA ARG A 23 -43.43 3.43 -22.81
C ARG A 23 -44.29 3.67 -21.59
N LYS A 24 -43.70 4.22 -20.54
CA LYS A 24 -44.46 4.56 -19.34
C LYS A 24 -45.72 5.27 -19.79
N ASP A 25 -45.56 6.21 -20.73
CA ASP A 25 -46.70 6.85 -21.36
C ASP A 25 -47.43 5.82 -22.22
N LEU A 26 -46.87 5.54 -23.39
CA LEU A 26 -47.49 4.60 -24.31
C LEU A 26 -47.45 3.17 -23.78
N GLU B 20 7.54 48.48 -47.17
CA GLU B 20 8.25 47.71 -46.15
C GLU B 20 7.60 47.82 -44.76
N ASN B 21 6.47 48.51 -44.68
CA ASN B 21 5.71 48.64 -43.45
C ASN B 21 4.67 47.53 -43.31
N LEU B 22 4.88 46.62 -42.35
CA LEU B 22 4.10 45.38 -42.26
C LEU B 22 3.22 45.16 -41.01
N ASP B 23 3.18 46.14 -40.12
CA ASP B 23 2.34 46.01 -38.92
C ASP B 23 0.86 46.19 -39.24
N VAL B 24 0.57 46.72 -40.41
CA VAL B 24 -0.81 46.89 -40.84
C VAL B 24 -1.41 45.54 -41.26
N VAL B 25 -0.56 44.63 -41.72
CA VAL B 25 -0.99 43.27 -42.06
C VAL B 25 -1.51 42.54 -40.83
N VAL B 26 -0.72 42.58 -39.76
CA VAL B 26 -1.04 41.84 -38.55
C VAL B 26 -2.31 42.30 -37.89
N SER B 27 -2.95 43.31 -38.48
CA SER B 27 -4.25 43.76 -38.01
C SER B 27 -5.35 43.03 -38.78
N LEU B 28 -5.16 42.93 -40.09
CA LEU B 28 -6.13 42.27 -40.96
C LEU B 28 -6.09 40.76 -40.79
N ALA B 29 -4.88 40.21 -40.69
CA ALA B 29 -4.70 38.79 -40.42
C ALA B 29 -5.26 38.46 -39.05
N GLU B 30 -5.19 39.40 -38.12
CA GLU B 30 -5.81 39.23 -36.81
C GLU B 30 -7.33 39.27 -36.89
N ARG B 31 -7.86 39.95 -37.90
CA ARG B 31 -9.30 40.04 -38.07
C ARG B 31 -9.91 38.77 -38.68
N HIS B 32 -9.17 38.12 -39.57
CA HIS B 32 -9.64 36.87 -40.16
C HIS B 32 -9.55 35.72 -39.18
N TYR B 33 -8.83 35.94 -38.09
CA TYR B 33 -8.71 34.93 -37.04
C TYR B 33 -9.86 35.01 -36.05
N TYR B 34 -10.34 36.23 -35.79
CA TYR B 34 -11.49 36.43 -34.91
C TYR B 34 -12.82 36.18 -35.62
N ASN B 35 -12.85 36.44 -36.93
CA ASN B 35 -14.04 36.17 -37.74
C ASN B 35 -14.03 34.79 -38.37
N CYS B 36 -13.07 33.98 -37.94
CA CYS B 36 -12.94 32.57 -38.35
C CYS B 36 -12.80 32.33 -39.86
N ASP B 37 -12.17 33.26 -40.56
CA ASP B 37 -11.73 33.02 -41.93
C ASP B 37 -10.26 32.62 -41.93
N PHE B 38 -9.99 31.34 -41.71
CA PHE B 38 -8.63 30.87 -41.46
C PHE B 38 -7.80 30.72 -42.73
N LYS B 39 -8.41 30.21 -43.79
CA LYS B 39 -7.70 30.00 -45.05
C LYS B 39 -7.01 31.28 -45.50
N CYS B 41 -6.43 34.30 -43.48
CA CYS B 41 -5.50 34.77 -42.48
C CYS B 41 -4.13 34.11 -42.65
N TYR B 42 -4.11 32.81 -42.92
CA TYR B 42 -2.87 32.07 -43.06
C TYR B 42 -2.01 32.61 -44.19
N LYS B 43 -2.63 32.93 -45.32
CA LYS B 43 -1.87 33.50 -46.44
C LYS B 43 -1.56 34.98 -46.24
N LEU B 44 -2.13 35.55 -45.19
CA LEU B 44 -1.83 36.92 -44.80
C LEU B 44 -0.60 36.93 -43.89
N THR B 45 -0.45 35.87 -43.11
CA THR B 45 0.63 35.81 -42.15
C THR B 45 1.92 35.29 -42.79
N SER B 46 1.80 34.28 -43.64
CA SER B 46 2.96 33.74 -44.33
C SER B 46 3.65 34.86 -45.11
N VAL B 47 2.88 35.91 -45.41
CA VAL B 47 3.42 37.11 -46.02
C VAL B 47 4.33 37.84 -45.03
N VAL B 48 3.76 38.26 -43.91
CA VAL B 48 4.54 38.83 -42.82
C VAL B 48 5.68 37.89 -42.42
N GLU B 50 7.21 35.69 -44.10
CA GLU B 50 8.27 35.64 -45.11
C GLU B 50 9.26 36.76 -44.90
N LYS B 51 8.83 37.81 -44.20
CA LYS B 51 9.76 38.81 -43.72
C LYS B 51 10.35 38.40 -42.37
N ASP B 52 9.63 38.74 -41.30
CA ASP B 52 10.12 38.51 -39.93
C ASP B 52 9.42 37.33 -39.23
N PRO B 53 10.07 36.16 -39.24
CA PRO B 53 9.57 34.98 -38.53
C PRO B 53 9.47 35.19 -37.01
N PHE B 54 10.44 35.86 -36.40
CA PHE B 54 10.38 36.13 -34.97
C PHE B 54 9.55 37.37 -34.64
N HIS B 55 8.56 37.65 -35.47
CA HIS B 55 7.64 38.75 -35.20
C HIS B 55 6.77 38.40 -34.00
N ALA B 56 6.99 39.11 -32.90
CA ALA B 56 6.37 38.77 -31.62
C ALA B 56 4.84 38.91 -31.59
N SER B 57 4.32 39.90 -32.31
CA SER B 57 2.88 40.16 -32.28
C SER B 57 2.12 39.39 -33.36
N CYS B 58 2.85 38.94 -34.38
CA CYS B 58 2.24 38.15 -35.45
C CYS B 58 2.33 36.66 -35.19
N LEU B 59 3.43 36.22 -34.58
CA LEU B 59 3.65 34.80 -34.35
C LEU B 59 2.48 34.13 -33.63
N PRO B 60 2.00 34.75 -32.56
CA PRO B 60 0.88 34.19 -31.79
C PRO B 60 -0.35 33.92 -32.66
N VAL B 61 -0.45 34.63 -33.77
CA VAL B 61 -1.59 34.49 -34.66
C VAL B 61 -1.36 33.37 -35.68
N HIS B 62 -0.22 33.41 -36.35
CA HIS B 62 0.09 32.42 -37.39
C HIS B 62 0.25 31.04 -36.78
N ILE B 63 0.51 30.99 -35.47
CA ILE B 63 0.60 29.72 -34.76
C ILE B 63 -0.81 29.16 -34.55
N GLY B 64 -1.72 30.02 -34.13
CA GLY B 64 -3.10 29.63 -33.94
C GLY B 64 -3.76 29.13 -35.21
N THR B 65 -3.52 29.82 -36.31
CA THR B 65 -4.14 29.44 -37.58
C THR B 65 -3.69 28.05 -38.06
N LEU B 66 -2.42 27.71 -37.86
CA LEU B 66 -1.95 26.37 -38.23
C LEU B 66 -2.78 25.37 -37.45
N VAL B 67 -2.91 25.62 -36.17
CA VAL B 67 -3.64 24.75 -35.26
C VAL B 67 -5.08 24.55 -35.73
N GLU B 68 -5.74 25.65 -36.07
CA GLU B 68 -7.12 25.61 -36.55
C GLU B 68 -7.23 24.87 -37.86
N LEU B 69 -6.23 25.03 -38.72
CA LEU B 69 -6.22 24.39 -40.04
C LEU B 69 -5.68 22.96 -39.99
N ASN B 70 -5.08 22.60 -38.86
CA ASN B 70 -4.39 21.32 -38.74
C ASN B 70 -3.14 21.19 -39.60
N LYS B 71 -2.30 22.21 -39.53
CA LYS B 71 -0.93 22.12 -40.04
C LYS B 71 -0.04 21.48 -38.99
N ALA B 72 -0.38 20.25 -38.60
CA ALA B 72 0.43 19.51 -37.64
C ALA B 72 1.87 19.44 -38.16
N ASN B 73 2.00 19.43 -39.49
CA ASN B 73 3.31 19.40 -40.14
C ASN B 73 4.09 20.70 -39.93
N GLU B 74 3.57 21.82 -40.44
CA GLU B 74 4.22 23.11 -40.25
C GLU B 74 4.53 23.35 -38.78
N LEU B 75 3.51 23.22 -37.94
CA LEU B 75 3.64 23.56 -36.53
C LEU B 75 4.70 22.70 -35.85
N PHE B 76 4.86 21.47 -36.32
CA PHE B 76 5.89 20.58 -35.78
C PHE B 76 7.27 21.15 -36.05
N TYR B 77 7.52 21.49 -37.32
CA TYR B 77 8.80 22.03 -37.74
C TYR B 77 9.05 23.39 -37.11
N LEU B 78 8.09 24.29 -37.27
CA LEU B 78 8.17 25.63 -36.69
C LEU B 78 8.42 25.60 -35.18
N SER B 79 7.48 25.03 -34.44
CA SER B 79 7.52 25.00 -32.99
C SER B 79 8.86 24.52 -32.41
N HIS B 80 9.41 23.47 -33.01
CA HIS B 80 10.66 22.90 -32.52
C HIS B 80 11.88 23.64 -33.01
N LYS B 81 11.71 24.48 -34.02
CA LYS B 81 12.82 25.30 -34.50
C LYS B 81 13.02 26.51 -33.60
N LEU B 82 11.91 27.21 -33.33
CA LEU B 82 11.94 28.37 -32.45
C LEU B 82 12.63 28.05 -31.14
N VAL B 83 12.54 26.78 -30.72
CA VAL B 83 13.14 26.37 -29.46
C VAL B 83 14.62 26.05 -29.61
N ASP B 84 15.05 25.77 -30.83
CA ASP B 84 16.46 25.49 -31.07
C ASP B 84 17.27 26.77 -31.04
N LEU B 85 16.80 27.79 -31.74
CA LEU B 85 17.57 29.02 -31.86
C LEU B 85 16.98 30.27 -31.17
N TYR B 86 15.97 30.07 -30.34
CA TYR B 86 15.33 31.20 -29.64
C TYR B 86 14.74 30.83 -28.28
N PRO B 87 15.54 30.18 -27.42
CA PRO B 87 15.07 29.71 -26.12
C PRO B 87 14.99 30.81 -25.07
N SER B 88 14.67 32.02 -25.52
CA SER B 88 14.57 33.17 -24.64
C SER B 88 13.19 33.80 -24.77
N ASN B 89 12.69 33.82 -26.00
CA ASN B 89 11.36 34.34 -26.30
C ASN B 89 10.28 33.35 -25.87
N PRO B 90 9.31 33.81 -25.05
CA PRO B 90 8.25 32.94 -24.53
C PRO B 90 7.44 32.29 -25.64
N VAL B 91 7.41 32.94 -26.81
CA VAL B 91 6.67 32.44 -27.96
C VAL B 91 7.06 31.01 -28.32
N SER B 92 8.32 30.67 -28.06
CA SER B 92 8.87 29.39 -28.46
C SER B 92 8.28 28.21 -27.68
N TRP B 93 7.95 28.41 -26.41
CA TRP B 93 7.30 27.37 -25.61
C TRP B 93 5.78 27.46 -25.68
N PHE B 94 5.30 28.60 -26.15
CA PHE B 94 3.88 28.72 -26.46
C PHE B 94 3.64 27.89 -27.71
N ALA B 95 4.60 27.96 -28.63
CA ALA B 95 4.56 27.18 -29.86
C ALA B 95 4.50 25.69 -29.55
N VAL B 96 5.59 25.16 -29.02
CA VAL B 96 5.71 23.73 -28.82
C VAL B 96 4.61 23.21 -27.89
N GLY B 97 4.08 24.10 -27.05
CA GLY B 97 2.96 23.74 -26.20
C GLY B 97 1.67 23.63 -27.00
N CYS B 98 1.39 24.63 -27.81
CA CYS B 98 0.28 24.59 -28.75
C CYS B 98 0.38 23.35 -29.63
N TYR B 99 1.60 22.92 -29.90
CA TYR B 99 1.79 21.70 -30.67
C TYR B 99 1.28 20.48 -29.91
N TYR B 100 1.70 20.32 -28.65
CA TYR B 100 1.29 19.15 -27.87
C TYR B 100 -0.17 19.22 -27.42
N LEU B 101 -0.83 20.33 -27.73
CA LEU B 101 -2.23 20.45 -27.41
C LEU B 101 -3.11 20.01 -28.57
N VAL B 103 -2.38 17.81 -30.72
CA VAL B 103 -2.19 16.39 -31.00
C VAL B 103 -2.06 15.52 -29.72
N GLY B 104 -1.00 15.74 -28.95
CA GLY B 104 -0.84 15.01 -27.69
C GLY B 104 -0.56 13.54 -27.89
N HIS B 105 -1.08 12.70 -27.01
CA HIS B 105 -1.80 13.14 -25.82
C HIS B 105 -0.81 13.40 -24.69
N LYS B 106 0.38 13.87 -25.06
CA LYS B 106 1.37 14.28 -24.07
C LYS B 106 0.88 15.53 -23.34
N ASN B 107 -0.37 15.49 -22.87
CA ASN B 107 -0.97 16.61 -22.16
C ASN B 107 -0.09 17.13 -21.04
N GLU B 108 0.48 16.21 -20.25
CA GLU B 108 1.35 16.58 -19.14
C GLU B 108 2.51 17.47 -19.59
N HIS B 109 3.02 17.20 -20.79
CA HIS B 109 4.08 17.99 -21.39
C HIS B 109 3.63 19.43 -21.64
N ALA B 110 2.53 19.57 -22.38
CA ALA B 110 2.00 20.87 -22.76
C ALA B 110 2.03 21.84 -21.57
N ARG B 111 1.32 21.47 -20.51
CA ARG B 111 1.20 22.31 -19.32
C ARG B 111 2.58 22.66 -18.79
N ARG B 112 3.51 21.72 -18.93
CA ARG B 112 4.89 21.89 -18.48
C ARG B 112 5.68 22.89 -19.32
N TYR B 113 5.39 22.93 -20.62
CA TYR B 113 6.01 23.90 -21.52
C TYR B 113 5.37 25.28 -21.40
N LEU B 114 4.04 25.30 -21.32
CA LEU B 114 3.31 26.57 -21.26
C LEU B 114 3.52 27.31 -19.96
N SER B 115 3.76 26.56 -18.88
CA SER B 115 4.10 27.20 -17.61
C SER B 115 5.54 27.68 -17.66
N LYS B 116 6.32 27.07 -18.54
CA LYS B 116 7.72 27.44 -18.75
C LYS B 116 7.84 28.73 -19.55
N ALA B 117 6.71 29.21 -20.05
CA ALA B 117 6.67 30.48 -20.79
C ALA B 117 6.12 31.57 -19.88
N THR B 118 5.17 31.20 -19.03
CA THR B 118 4.61 32.14 -18.07
C THR B 118 5.70 32.54 -17.08
N THR B 119 6.41 31.55 -16.55
CA THR B 119 7.54 31.81 -15.65
C THR B 119 8.80 32.21 -16.41
N LEU B 120 8.63 33.03 -17.45
CA LEU B 120 9.74 33.50 -18.28
C LEU B 120 9.28 34.83 -18.85
N GLU B 121 7.98 35.06 -18.77
CA GLU B 121 7.37 36.36 -19.00
C GLU B 121 5.89 36.29 -18.65
N LYS B 122 5.58 36.44 -17.37
CA LYS B 122 4.21 36.25 -16.87
C LYS B 122 3.17 37.13 -17.60
N THR B 123 3.64 38.19 -18.25
CA THR B 123 2.76 39.12 -18.95
C THR B 123 2.50 38.66 -20.38
N TYR B 124 2.95 37.45 -20.69
CA TYR B 124 2.76 36.85 -22.00
C TYR B 124 1.41 36.14 -22.08
N GLY B 125 0.36 36.91 -22.33
CA GLY B 125 -1.01 36.41 -22.31
C GLY B 125 -1.26 35.13 -23.09
N PRO B 126 -0.80 35.06 -24.36
CA PRO B 126 -1.10 33.89 -25.20
C PRO B 126 -0.83 32.55 -24.53
N ALA B 127 0.16 32.49 -23.64
CA ALA B 127 0.50 31.24 -22.99
C ALA B 127 -0.46 30.93 -21.84
N TRP B 128 -1.19 31.95 -21.40
CA TRP B 128 -2.15 31.78 -20.31
C TRP B 128 -3.47 31.20 -20.82
N ILE B 129 -3.80 31.48 -22.07
CA ILE B 129 -5.00 30.93 -22.68
C ILE B 129 -4.80 29.47 -23.08
N ALA B 130 -3.60 29.14 -23.57
CA ALA B 130 -3.25 27.77 -23.90
C ALA B 130 -3.04 26.94 -22.62
N TYR B 131 -2.59 27.61 -21.58
CA TYR B 131 -2.40 26.97 -20.28
C TYR B 131 -3.73 26.48 -19.74
N GLY B 132 -4.69 27.40 -19.62
CA GLY B 132 -6.02 27.05 -19.16
C GLY B 132 -6.67 25.97 -20.03
N HIS B 133 -6.54 26.10 -21.35
CA HIS B 133 -7.06 25.09 -22.26
C HIS B 133 -6.54 23.71 -21.89
N SER B 134 -5.41 23.66 -21.18
CA SER B 134 -4.85 22.37 -20.77
C SER B 134 -5.55 21.82 -19.52
N PHE B 135 -5.96 22.71 -18.62
CA PHE B 135 -6.82 22.28 -17.52
C PHE B 135 -8.24 21.98 -18.03
N ALA B 136 -8.73 22.86 -18.89
CA ALA B 136 -10.09 22.77 -19.42
C ALA B 136 -10.41 21.48 -20.18
N VAL B 137 -9.40 20.81 -20.72
CA VAL B 137 -9.61 19.53 -21.38
C VAL B 137 -9.53 18.35 -20.40
N GLU B 138 -8.76 18.54 -19.33
CA GLU B 138 -8.62 17.51 -18.30
C GLU B 138 -9.67 17.63 -17.20
N SER B 139 -10.56 18.61 -17.33
CA SER B 139 -11.71 18.77 -16.45
C SER B 139 -11.45 19.57 -15.16
N GLU B 140 -10.21 20.03 -14.98
CA GLU B 140 -9.79 20.72 -13.76
C GLU B 140 -10.29 22.16 -13.65
N HIS B 141 -11.62 22.33 -13.72
CA HIS B 141 -12.30 23.62 -13.92
C HIS B 141 -11.75 24.80 -13.13
N ASP B 142 -11.37 24.55 -11.88
CA ASP B 142 -10.88 25.62 -11.02
C ASP B 142 -9.67 26.30 -11.63
N GLN B 143 -8.77 25.48 -12.16
CA GLN B 143 -7.45 25.92 -12.56
C GLN B 143 -7.39 26.43 -14.00
N ALA B 144 -8.23 25.86 -14.87
CA ALA B 144 -8.42 26.42 -16.21
C ALA B 144 -8.98 27.82 -16.05
N ALA B 146 -8.87 29.98 -13.66
CA ALA B 146 -7.88 30.95 -13.19
C ALA B 146 -6.99 31.44 -14.31
N ALA B 147 -6.63 30.53 -15.22
CA ALA B 147 -5.78 30.90 -16.34
C ALA B 147 -6.49 31.86 -17.31
N TYR B 148 -7.78 31.64 -17.54
CA TYR B 148 -8.53 32.46 -18.50
C TYR B 148 -8.70 33.90 -18.00
N PHE B 149 -8.84 34.04 -16.69
CA PHE B 149 -8.98 35.34 -16.04
C PHE B 149 -7.68 36.14 -16.00
N THR B 150 -6.55 35.43 -16.05
CA THR B 150 -5.26 36.09 -16.18
C THR B 150 -5.02 36.51 -17.64
N ALA B 151 -5.48 35.68 -18.59
CA ALA B 151 -5.38 36.03 -20.02
C ALA B 151 -6.26 37.22 -20.41
N ALA B 152 -7.40 37.37 -19.75
CA ALA B 152 -8.32 38.45 -20.06
C ALA B 152 -7.76 39.80 -19.61
N GLN B 153 -6.74 39.74 -18.76
CA GLN B 153 -6.08 40.96 -18.29
C GLN B 153 -4.98 41.34 -19.27
N LEU B 154 -4.30 40.31 -19.78
CA LEU B 154 -3.16 40.46 -20.66
C LEU B 154 -3.52 40.66 -22.14
N LYS B 156 -6.64 42.27 -23.32
CA LYS B 156 -7.89 43.02 -23.29
C LYS B 156 -8.37 43.34 -24.70
N GLY B 157 -9.68 43.45 -24.86
CA GLY B 157 -10.27 43.66 -26.17
C GLY B 157 -10.46 42.35 -26.92
N CYS B 158 -9.62 41.37 -26.62
CA CYS B 158 -9.75 40.05 -27.21
C CYS B 158 -10.90 39.30 -26.53
N HIS B 159 -11.71 38.62 -27.33
CA HIS B 159 -12.94 38.04 -26.81
C HIS B 159 -12.82 36.59 -26.37
N LEU B 160 -11.78 35.91 -26.84
CA LEU B 160 -11.59 34.48 -26.60
C LEU B 160 -11.53 34.09 -25.12
N PRO B 161 -10.69 34.77 -24.32
CA PRO B 161 -10.62 34.43 -22.91
C PRO B 161 -12.01 34.49 -22.26
N LEU B 163 -14.97 34.10 -23.89
CA LEU B 163 -15.77 33.01 -24.41
C LEU B 163 -15.56 31.73 -23.60
N TYR B 164 -14.36 31.56 -23.05
CA TYR B 164 -14.03 30.34 -22.32
C TYR B 164 -14.33 30.37 -20.82
N ILE B 165 -14.30 31.55 -20.22
CA ILE B 165 -14.72 31.64 -18.82
C ILE B 165 -16.24 31.52 -18.75
N GLY B 166 -16.92 32.06 -19.75
CA GLY B 166 -18.37 31.96 -19.83
C GLY B 166 -18.81 30.51 -19.90
N LEU B 167 -18.21 29.77 -20.82
CA LEU B 167 -18.48 28.34 -20.98
C LEU B 167 -18.19 27.53 -19.71
N GLU B 168 -16.98 27.70 -19.16
CA GLU B 168 -16.60 27.05 -17.92
C GLU B 168 -17.59 27.37 -16.79
N TYR B 169 -18.23 28.53 -16.88
CA TYR B 169 -19.26 28.89 -15.92
C TYR B 169 -20.52 28.07 -16.18
N GLY B 170 -20.91 28.04 -17.45
CA GLY B 170 -22.07 27.25 -17.84
C GLY B 170 -21.94 25.81 -17.42
N LEU B 171 -20.75 25.23 -17.59
CA LEU B 171 -20.53 23.84 -17.25
C LEU B 171 -20.76 23.64 -15.76
N THR B 172 -20.48 24.67 -14.98
CA THR B 172 -20.52 24.57 -13.51
C THR B 172 -21.81 25.07 -12.86
N ASN B 173 -22.81 25.38 -13.69
CA ASN B 173 -24.14 25.81 -13.24
C ASN B 173 -24.21 27.30 -12.97
N ASN B 174 -23.22 28.03 -13.45
CA ASN B 174 -23.23 29.49 -13.37
C ASN B 174 -23.88 30.10 -14.60
N SER B 175 -25.07 29.62 -14.91
CA SER B 175 -25.82 30.08 -16.07
C SER B 175 -26.01 31.61 -16.15
N LYS B 176 -25.88 32.31 -15.02
CA LYS B 176 -26.08 33.75 -15.01
C LYS B 176 -24.78 34.50 -15.29
N LEU B 177 -23.66 33.92 -14.87
CA LEU B 177 -22.34 34.47 -15.18
C LEU B 177 -21.84 33.96 -16.53
N ALA B 178 -22.44 32.87 -16.98
CA ALA B 178 -22.12 32.31 -18.29
C ALA B 178 -22.71 33.21 -19.34
N GLU B 179 -23.91 33.72 -19.06
CA GLU B 179 -24.61 34.58 -20.01
C GLU B 179 -23.90 35.93 -20.16
N ARG B 180 -23.26 36.40 -19.09
CA ARG B 180 -22.54 37.68 -19.15
C ARG B 180 -21.37 37.69 -20.14
N PHE B 181 -20.52 36.67 -20.07
CA PHE B 181 -19.31 36.62 -20.90
C PHE B 181 -19.58 36.19 -22.35
N PHE B 182 -20.68 35.47 -22.56
CA PHE B 182 -21.09 35.14 -23.92
C PHE B 182 -21.53 36.37 -24.69
N SER B 183 -22.26 37.26 -24.01
CA SER B 183 -22.73 38.50 -24.65
C SER B 183 -21.63 39.57 -24.77
N GLN B 184 -20.64 39.51 -23.88
CA GLN B 184 -19.47 40.38 -23.99
C GLN B 184 -18.62 39.95 -25.18
N ALA B 185 -18.47 38.64 -25.33
CA ALA B 185 -17.71 38.07 -26.44
C ALA B 185 -18.43 38.25 -27.78
N LEU B 186 -19.76 38.35 -27.72
CA LEU B 186 -20.58 38.56 -28.91
C LEU B 186 -20.56 40.02 -29.35
N SER B 187 -20.37 40.93 -28.41
CA SER B 187 -20.28 42.36 -28.72
C SER B 187 -18.84 42.75 -29.01
N ILE B 188 -18.14 41.86 -29.69
CA ILE B 188 -16.77 42.09 -30.11
C ILE B 188 -16.63 41.36 -31.43
N ALA B 189 -16.72 40.04 -31.36
CA ALA B 189 -16.81 39.21 -32.54
C ALA B 189 -18.18 38.57 -32.59
N PRO B 190 -19.19 39.34 -33.02
CA PRO B 190 -20.55 38.82 -33.07
C PRO B 190 -20.67 37.76 -34.15
N GLU B 191 -19.79 37.82 -35.14
CA GLU B 191 -19.82 36.90 -36.28
C GLU B 191 -18.94 35.69 -36.05
N ASP B 192 -18.76 35.33 -34.78
CA ASP B 192 -17.94 34.16 -34.43
C ASP B 192 -18.82 32.94 -34.19
N PRO B 193 -18.70 31.93 -35.07
CA PRO B 193 -19.45 30.67 -35.00
C PRO B 193 -19.12 29.83 -33.75
N PHE B 194 -17.92 30.01 -33.21
CA PHE B 194 -17.54 29.27 -32.01
C PHE B 194 -18.11 29.93 -30.77
N VAL B 195 -18.56 31.16 -30.92
CA VAL B 195 -19.20 31.86 -29.82
C VAL B 195 -20.62 31.36 -29.68
N HIS B 197 -21.77 28.74 -30.81
CA HIS B 197 -21.77 27.31 -30.59
C HIS B 197 -21.83 26.97 -29.11
N GLU B 198 -20.88 27.47 -28.33
CA GLU B 198 -20.79 27.14 -26.91
C GLU B 198 -21.92 27.80 -26.10
N VAL B 199 -22.69 28.66 -26.76
CA VAL B 199 -23.86 29.30 -26.13
C VAL B 199 -25.08 28.39 -26.18
N GLY B 200 -25.30 27.78 -27.34
CA GLY B 200 -26.36 26.79 -27.49
C GLY B 200 -25.95 25.57 -26.71
N VAL B 201 -24.66 25.28 -26.76
CA VAL B 201 -24.07 24.21 -25.98
C VAL B 201 -24.43 24.34 -24.50
N VAL B 202 -24.33 25.57 -23.97
CA VAL B 202 -24.69 25.81 -22.57
C VAL B 202 -26.23 25.80 -22.37
N ALA B 203 -26.96 26.40 -23.29
CA ALA B 203 -28.41 26.37 -23.21
C ALA B 203 -28.90 24.93 -23.09
N PHE B 204 -28.39 24.07 -23.96
CA PHE B 204 -28.72 22.65 -23.94
C PHE B 204 -28.58 22.02 -22.54
N GLN B 205 -27.52 22.38 -21.82
CA GLN B 205 -27.30 21.85 -20.47
C GLN B 205 -28.33 22.36 -19.47
N ASN B 206 -28.84 23.56 -19.73
CA ASN B 206 -29.87 24.16 -18.89
C ASN B 206 -31.23 23.51 -19.06
N GLY B 207 -31.33 22.61 -20.04
CA GLY B 207 -32.58 21.92 -20.32
C GLY B 207 -33.39 22.69 -21.32
N GLU B 208 -32.84 23.80 -21.79
CA GLU B 208 -33.53 24.66 -22.74
C GLU B 208 -33.22 24.23 -24.16
N TRP B 209 -33.65 23.02 -24.49
CA TRP B 209 -33.38 22.42 -25.80
C TRP B 209 -33.88 23.30 -26.92
N LYS B 210 -35.06 23.89 -26.73
CA LYS B 210 -35.67 24.70 -27.75
C LYS B 210 -34.71 25.78 -28.26
N THR B 211 -34.10 26.53 -27.35
CA THR B 211 -33.20 27.63 -27.72
C THR B 211 -31.78 27.13 -27.97
N ALA B 212 -31.57 25.83 -27.82
CA ALA B 212 -30.33 25.22 -28.25
C ALA B 212 -30.39 25.09 -29.76
N GLU B 213 -31.53 24.64 -30.27
CA GLU B 213 -31.70 24.45 -31.71
C GLU B 213 -31.39 25.70 -32.53
N LYS B 214 -31.70 26.87 -31.97
CA LYS B 214 -31.57 28.10 -32.76
C LYS B 214 -30.14 28.65 -32.81
N TRP B 215 -29.39 28.48 -31.73
CA TRP B 215 -27.99 28.88 -31.70
C TRP B 215 -27.11 27.96 -32.56
N PHE B 216 -27.39 26.66 -32.55
CA PHE B 216 -26.64 25.70 -33.35
C PHE B 216 -26.84 25.91 -34.84
N LEU B 217 -28.07 26.21 -35.24
CA LEU B 217 -28.38 26.48 -36.64
C LEU B 217 -27.67 27.74 -37.13
N ASP B 218 -27.68 28.78 -36.29
CA ASP B 218 -27.07 30.07 -36.62
C ASP B 218 -25.56 29.97 -36.78
N ALA B 219 -24.94 29.13 -35.96
CA ALA B 219 -23.49 28.93 -36.00
C ALA B 219 -23.12 28.12 -37.23
N LEU B 220 -24.12 27.47 -37.80
CA LEU B 220 -23.90 26.61 -38.97
C LEU B 220 -24.00 27.38 -40.27
N GLU B 221 -24.95 28.30 -40.35
CA GLU B 221 -25.05 29.14 -41.54
C GLU B 221 -23.81 30.03 -41.69
N LYS B 222 -23.27 30.49 -40.57
CA LYS B 222 -22.08 31.32 -40.58
C LYS B 222 -20.82 30.49 -40.86
N ILE B 223 -20.81 29.25 -40.39
CA ILE B 223 -19.73 28.33 -40.75
C ILE B 223 -19.89 27.89 -42.20
N LYS B 224 -21.13 27.54 -42.56
CA LYS B 224 -21.43 27.08 -43.90
C LYS B 224 -21.26 28.21 -44.90
N ALA B 225 -22.37 28.61 -45.53
CA ALA B 225 -22.34 29.51 -46.69
C ALA B 225 -21.34 30.66 -46.56
N ILE B 226 -21.32 31.34 -45.43
CA ILE B 226 -20.46 32.50 -45.24
C ILE B 226 -18.96 32.15 -45.30
N GLY B 227 -18.35 31.93 -44.14
CA GLY B 227 -16.94 31.61 -44.10
C GLY B 227 -16.63 30.27 -44.77
N ASN B 228 -17.45 29.90 -45.75
CA ASN B 228 -17.36 28.59 -46.41
C ASN B 228 -15.97 28.31 -47.00
N GLU B 229 -15.44 27.14 -46.69
CA GLU B 229 -14.13 26.70 -47.18
C GLU B 229 -13.80 25.30 -46.65
N VAL B 230 -14.82 24.64 -46.09
CA VAL B 230 -14.66 23.31 -45.51
C VAL B 230 -13.80 23.36 -44.25
N THR B 231 -14.20 24.22 -43.32
CA THR B 231 -13.53 24.35 -42.02
C THR B 231 -13.65 23.05 -41.21
N VAL B 232 -14.18 22.02 -41.86
CA VAL B 232 -14.47 20.74 -41.22
C VAL B 232 -13.25 20.08 -40.59
N ASP B 233 -12.06 20.59 -40.90
CA ASP B 233 -10.81 20.05 -40.36
C ASP B 233 -10.71 20.24 -38.85
N LYS B 234 -10.08 19.28 -38.18
CA LYS B 234 -9.98 19.29 -36.72
C LYS B 234 -11.36 19.51 -36.12
N TRP B 235 -12.38 19.11 -36.88
CA TRP B 235 -13.74 19.47 -36.51
C TRP B 235 -14.80 18.51 -37.04
N GLU B 236 -15.96 18.53 -36.39
CA GLU B 236 -17.14 17.74 -36.73
C GLU B 236 -18.32 18.04 -35.80
N PRO B 237 -18.05 18.43 -34.53
CA PRO B 237 -19.06 18.43 -33.46
C PRO B 237 -20.41 18.96 -33.90
N LEU B 238 -20.57 20.27 -33.90
CA LEU B 238 -21.78 20.95 -34.38
C LEU B 238 -22.89 20.00 -34.83
N LEU B 239 -22.65 19.26 -35.91
CA LEU B 239 -23.63 18.31 -36.43
C LEU B 239 -24.03 17.24 -35.42
N ASN B 240 -23.05 16.66 -34.74
CA ASN B 240 -23.37 15.76 -33.64
C ASN B 240 -24.31 16.45 -32.66
N ASN B 241 -23.97 17.68 -32.30
CA ASN B 241 -24.75 18.44 -31.33
C ASN B 241 -26.21 18.63 -31.77
N LEU B 242 -26.40 19.14 -32.98
CA LEU B 242 -27.74 19.33 -33.53
C LEU B 242 -28.58 18.05 -33.48
N GLY B 243 -27.95 16.90 -33.70
CA GLY B 243 -28.63 15.62 -33.65
C GLY B 243 -29.17 15.32 -32.26
N HIS B 244 -28.44 15.77 -31.24
CA HIS B 244 -28.84 15.61 -29.85
C HIS B 244 -30.05 16.50 -29.53
N VAL B 245 -30.05 17.70 -30.10
CA VAL B 245 -31.14 18.65 -29.88
C VAL B 245 -32.46 18.04 -30.35
N CYS B 246 -32.51 17.66 -31.63
CA CYS B 246 -33.73 17.15 -32.24
C CYS B 246 -34.27 15.88 -31.60
N ARG B 247 -33.37 14.99 -31.16
CA ARG B 247 -33.81 13.85 -30.37
C ARG B 247 -34.50 14.34 -29.12
N LYS B 248 -33.86 15.31 -28.46
CA LYS B 248 -34.38 15.88 -27.23
C LYS B 248 -35.70 16.58 -27.49
N LEU B 249 -35.82 17.20 -28.66
CA LEU B 249 -37.04 17.84 -29.11
C LEU B 249 -38.03 16.86 -29.73
N LYS B 250 -37.82 15.56 -29.51
CA LYS B 250 -38.68 14.52 -30.08
C LYS B 250 -38.78 14.61 -31.60
N LYS B 251 -37.88 15.36 -32.22
CA LYS B 251 -37.80 15.45 -33.67
C LYS B 251 -37.02 14.29 -34.26
N TYR B 252 -37.24 13.09 -33.73
CA TYR B 252 -36.44 11.93 -34.09
C TYR B 252 -36.13 11.93 -35.56
N ALA B 253 -37.11 12.24 -36.39
CA ALA B 253 -36.95 12.10 -37.83
C ALA B 253 -35.86 13.01 -38.36
N GLU B 254 -35.83 14.25 -37.88
CA GLU B 254 -34.82 15.25 -38.25
C GLU B 254 -33.50 15.00 -37.52
N ALA B 255 -33.58 14.33 -36.38
CA ALA B 255 -32.39 14.02 -35.58
C ALA B 255 -31.44 13.15 -36.35
N LEU B 256 -31.87 11.93 -36.65
CA LEU B 256 -31.06 10.97 -37.40
C LEU B 256 -30.18 11.65 -38.44
N ASP B 257 -30.78 12.55 -39.19
CA ASP B 257 -30.12 13.23 -40.30
C ASP B 257 -28.78 13.84 -39.90
N TYR B 258 -28.74 14.55 -38.77
CA TYR B 258 -27.52 15.24 -38.32
C TYR B 258 -26.38 14.31 -37.90
N HIS B 259 -26.72 13.11 -37.42
CA HIS B 259 -25.68 12.16 -37.05
C HIS B 259 -25.11 11.49 -38.29
N ARG B 260 -25.97 11.26 -39.27
CA ARG B 260 -25.53 10.70 -40.55
C ARG B 260 -24.39 11.55 -41.12
N GLN B 261 -24.58 12.87 -41.12
CA GLN B 261 -23.59 13.78 -41.66
C GLN B 261 -22.33 13.87 -40.79
N ALA B 262 -22.48 13.61 -39.49
CA ALA B 262 -21.34 13.65 -38.57
C ALA B 262 -20.46 12.46 -38.80
N LEU B 263 -21.02 11.43 -39.43
CA LEU B 263 -20.29 10.23 -39.80
C LEU B 263 -19.56 10.40 -41.13
N VAL B 264 -20.19 11.06 -42.09
CA VAL B 264 -19.49 11.38 -43.31
C VAL B 264 -18.23 12.14 -42.96
N LEU B 265 -18.33 12.98 -41.94
CA LEU B 265 -17.21 13.81 -41.51
C LEU B 265 -16.20 13.00 -40.72
N ILE B 266 -16.69 12.10 -39.87
CA ILE B 266 -15.81 11.24 -39.10
C ILE B 266 -16.37 9.82 -39.09
N PRO B 267 -16.05 9.07 -40.15
CA PRO B 267 -16.60 7.74 -40.44
C PRO B 267 -16.06 6.60 -39.57
N GLN B 268 -15.62 6.92 -38.36
CA GLN B 268 -15.16 5.90 -37.43
C GLN B 268 -15.50 6.31 -36.01
N ASN B 269 -16.40 7.28 -35.89
CA ASN B 269 -16.81 7.75 -34.58
C ASN B 269 -17.81 6.80 -33.93
N ALA B 270 -17.54 6.42 -32.68
CA ALA B 270 -18.37 5.43 -31.99
C ALA B 270 -19.53 6.07 -31.26
N SER B 271 -19.34 7.32 -30.85
CA SER B 271 -20.38 8.05 -30.14
C SER B 271 -21.55 8.34 -31.07
N THR B 272 -21.27 8.59 -32.34
CA THR B 272 -22.33 8.88 -33.30
C THR B 272 -23.16 7.63 -33.60
N TYR B 273 -22.53 6.46 -33.47
CA TYR B 273 -23.21 5.20 -33.71
C TYR B 273 -24.13 4.83 -32.54
N SER B 274 -23.69 5.18 -31.34
CA SER B 274 -24.50 5.00 -30.13
C SER B 274 -25.67 5.98 -30.09
N ALA B 275 -25.45 7.17 -30.64
CA ALA B 275 -26.47 8.21 -30.68
C ALA B 275 -27.58 7.83 -31.64
N ILE B 276 -27.20 7.18 -32.73
CA ILE B 276 -28.15 6.77 -33.76
C ILE B 276 -28.97 5.53 -33.36
N GLY B 277 -28.33 4.61 -32.64
CA GLY B 277 -28.99 3.42 -32.15
C GLY B 277 -29.94 3.77 -31.04
N TYR B 278 -29.62 4.84 -30.32
CA TYR B 278 -30.48 5.26 -29.22
C TYR B 278 -31.74 5.90 -29.74
N ILE B 279 -31.63 6.63 -30.84
CA ILE B 279 -32.80 7.22 -31.48
C ILE B 279 -33.77 6.13 -31.95
N HIS B 280 -33.26 5.16 -32.69
CA HIS B 280 -34.05 4.01 -33.08
C HIS B 280 -34.80 3.35 -31.92
N SER B 281 -34.15 3.23 -30.76
CA SER B 281 -34.80 2.59 -29.62
C SER B 281 -35.89 3.50 -29.04
N LEU B 282 -35.69 4.81 -29.17
CA LEU B 282 -36.74 5.78 -28.85
C LEU B 282 -37.85 5.67 -29.88
N GLY B 284 -38.55 2.82 -31.39
CA GLY B 284 -39.10 1.47 -31.32
C GLY B 284 -38.48 0.49 -32.29
N ASN B 285 -37.51 0.94 -33.06
CA ASN B 285 -36.78 0.04 -33.96
C ASN B 285 -35.63 -0.67 -33.23
N PHE B 286 -35.95 -1.75 -32.54
CA PHE B 286 -34.96 -2.43 -31.71
C PHE B 286 -33.99 -3.30 -32.51
N GLU B 287 -34.51 -4.13 -33.41
CA GLU B 287 -33.66 -4.95 -34.25
C GLU B 287 -32.60 -4.05 -34.87
N ASN B 288 -33.06 -2.96 -35.47
CA ASN B 288 -32.19 -2.02 -36.17
C ASN B 288 -31.31 -1.21 -35.20
N ALA B 289 -31.82 -0.97 -34.00
CA ALA B 289 -31.06 -0.22 -32.99
C ALA B 289 -29.90 -1.05 -32.44
N VAL B 290 -30.20 -2.18 -31.84
CA VAL B 290 -29.16 -3.10 -31.38
C VAL B 290 -28.09 -3.33 -32.46
N ASP B 291 -28.47 -3.18 -33.73
CA ASP B 291 -27.51 -3.28 -34.81
C ASP B 291 -26.49 -2.16 -34.74
N TYR B 292 -26.96 -0.96 -34.36
CA TYR B 292 -26.09 0.21 -34.20
C TYR B 292 -25.38 0.18 -32.84
N PHE B 293 -26.00 -0.49 -31.89
CA PHE B 293 -25.38 -0.65 -30.58
C PHE B 293 -24.27 -1.71 -30.56
N HIS B 294 -24.26 -2.57 -31.57
CA HIS B 294 -23.17 -3.52 -31.73
C HIS B 294 -21.99 -2.82 -32.39
N THR B 295 -22.27 -2.23 -33.55
CA THR B 295 -21.22 -1.59 -34.34
C THR B 295 -20.73 -0.31 -33.68
N ALA B 296 -20.92 -0.22 -32.37
CA ALA B 296 -20.45 0.92 -31.59
C ALA B 296 -19.54 0.44 -30.47
N LEU B 297 -19.75 -0.82 -30.07
CA LEU B 297 -18.87 -1.46 -29.12
C LEU B 297 -17.70 -2.07 -29.90
N GLY B 298 -17.94 -2.38 -31.16
CA GLY B 298 -16.88 -2.79 -32.05
C GLY B 298 -15.80 -1.72 -32.12
N LEU B 299 -16.20 -0.46 -31.96
CA LEU B 299 -15.26 0.66 -31.95
C LEU B 299 -14.84 1.08 -30.53
N ARG B 300 -15.78 1.60 -29.75
CA ARG B 300 -15.52 1.88 -28.33
C ARG B 300 -16.09 0.79 -27.45
N ARG B 301 -15.22 -0.05 -26.90
CA ARG B 301 -15.63 -1.16 -26.04
C ARG B 301 -16.21 -0.67 -24.70
N ASP B 302 -15.55 0.31 -24.09
CA ASP B 302 -16.07 0.91 -22.86
C ASP B 302 -17.20 1.89 -23.17
N ASP B 303 -18.34 1.37 -23.61
CA ASP B 303 -19.49 2.22 -23.84
C ASP B 303 -20.54 2.02 -22.76
N THR B 304 -20.35 2.70 -21.64
CA THR B 304 -21.21 2.55 -20.47
C THR B 304 -22.71 2.64 -20.81
N PHE B 305 -23.04 3.51 -21.75
CA PHE B 305 -24.43 3.79 -22.15
C PHE B 305 -24.97 2.82 -23.23
N SER B 306 -24.14 2.50 -24.23
CA SER B 306 -24.53 1.50 -25.23
C SER B 306 -24.83 0.18 -24.54
N VAL B 307 -24.10 -0.08 -23.47
CA VAL B 307 -24.17 -1.36 -22.79
C VAL B 307 -25.42 -1.51 -21.92
N THR B 308 -25.72 -0.47 -21.14
CA THR B 308 -26.90 -0.49 -20.28
C THR B 308 -28.19 -0.53 -21.08
N LEU B 310 -28.47 -1.76 -24.25
CA LEU B 310 -28.54 -3.03 -24.96
C LEU B 310 -29.26 -4.03 -24.09
N GLY B 311 -29.11 -3.84 -22.78
CA GLY B 311 -29.77 -4.66 -21.79
C GLY B 311 -31.29 -4.51 -21.74
N HIS B 312 -31.78 -3.30 -21.95
CA HIS B 312 -33.22 -3.09 -22.05
C HIS B 312 -33.77 -3.79 -23.29
N CYS B 313 -33.05 -3.66 -24.40
CA CYS B 313 -33.43 -4.23 -25.69
C CYS B 313 -33.64 -5.75 -25.70
N ILE B 314 -32.92 -6.45 -24.83
CA ILE B 314 -32.98 -7.91 -24.81
C ILE B 314 -34.01 -8.44 -23.81
N GLU B 315 -34.10 -7.81 -22.65
CA GLU B 315 -35.11 -8.17 -21.67
C GLU B 315 -36.45 -8.19 -22.38
N TYR B 317 -36.71 -8.79 -25.78
CA TYR B 317 -36.67 -9.88 -26.76
C TYR B 317 -37.13 -11.17 -26.10
N ILE B 318 -36.72 -11.36 -24.85
CA ILE B 318 -37.28 -12.41 -24.00
C ILE B 318 -38.70 -11.99 -23.66
N GLY B 319 -39.61 -12.22 -24.61
CA GLY B 319 -40.97 -11.70 -24.52
C GLY B 319 -41.47 -11.44 -25.93
N ASP B 320 -40.64 -11.78 -26.90
CA ASP B 320 -41.00 -11.72 -28.32
C ASP B 320 -41.39 -10.32 -28.77
N LEU C 2 -15.65 40.71 3.45
CA LEU C 2 -14.87 39.91 4.40
C LEU C 2 -13.36 40.09 4.17
N ARG C 3 -12.57 39.78 5.19
CA ARG C 3 -11.11 39.90 5.10
C ARG C 3 -10.40 38.68 5.67
N ARG C 4 -9.18 38.42 5.18
CA ARG C 4 -8.31 37.44 5.81
C ARG C 4 -7.09 38.10 6.44
N LYS C 5 -6.65 37.56 7.57
CA LYS C 5 -5.55 38.14 8.35
C LYS C 5 -4.35 38.58 7.50
N PRO C 6 -3.79 39.75 7.81
CA PRO C 6 -2.69 40.37 7.09
C PRO C 6 -1.51 39.40 6.98
N THR C 7 -1.18 39.00 5.76
CA THR C 7 -0.06 38.09 5.53
C THR C 7 1.08 38.39 6.50
N ARG C 8 1.33 37.46 7.43
CA ARG C 8 2.41 37.62 8.41
C ARG C 8 3.74 37.11 7.86
N LEU C 9 4.79 37.90 8.09
CA LEU C 9 6.11 37.63 7.51
C LEU C 9 6.88 36.59 8.29
N GLU C 10 7.56 35.70 7.58
CA GLU C 10 8.31 34.63 8.23
C GLU C 10 9.70 34.49 7.63
N LEU C 11 10.58 33.81 8.37
CA LEU C 11 11.95 33.55 7.94
C LEU C 11 12.07 32.41 6.93
N LYS C 12 12.61 32.72 5.75
CA LYS C 12 12.99 31.68 4.79
C LYS C 12 14.31 31.10 5.27
N LEU C 13 14.93 30.27 4.44
CA LEU C 13 16.25 29.75 4.77
C LEU C 13 17.35 30.49 4.02
N ASP C 14 17.18 30.68 2.71
CA ASP C 14 18.16 31.41 1.92
C ASP C 14 18.17 32.87 2.35
N ASP C 15 17.44 33.16 3.43
CA ASP C 15 17.52 34.45 4.10
C ASP C 15 18.74 34.46 5.02
N ILE C 16 19.31 33.28 5.28
CA ILE C 16 20.52 33.21 6.08
C ILE C 16 21.71 33.71 5.25
N GLU C 17 21.54 33.72 3.93
CA GLU C 17 22.57 34.21 3.03
C GLU C 17 23.20 35.48 3.59
N GLU C 18 22.39 36.33 4.21
CA GLU C 18 22.90 37.56 4.82
C GLU C 18 24.07 37.24 5.73
N PHE C 19 23.84 36.30 6.64
CA PHE C 19 24.83 35.94 7.64
C PHE C 19 26.05 35.30 6.96
N GLU C 20 25.81 34.68 5.81
CA GLU C 20 26.88 34.04 5.07
C GLU C 20 27.73 35.15 4.43
N ASN C 21 27.08 36.24 4.08
CA ASN C 21 27.75 37.41 3.49
C ASN C 21 28.51 38.20 4.53
N ILE C 22 28.10 38.06 5.79
CA ILE C 22 28.76 38.74 6.89
C ILE C 22 30.11 38.08 7.20
N ARG C 23 30.58 37.27 6.26
CA ARG C 23 31.89 36.64 6.38
C ARG C 23 32.42 36.20 5.02
N GLU D 20 -38.12 55.89 10.31
CA GLU D 20 -37.84 54.46 10.46
C GLU D 20 -37.26 53.84 9.18
N ASN D 21 -36.62 54.66 8.35
CA ASN D 21 -35.93 54.18 7.16
C ASN D 21 -34.48 53.84 7.46
N LEU D 22 -34.12 52.56 7.31
CA LEU D 22 -32.82 52.05 7.77
C LEU D 22 -31.75 51.80 6.70
N ASP D 23 -32.16 51.74 5.44
CA ASP D 23 -31.22 51.42 4.37
C ASP D 23 -30.04 52.39 4.35
N VAL D 24 -30.23 53.55 4.96
CA VAL D 24 -29.17 54.54 5.08
C VAL D 24 -28.08 54.04 6.02
N VAL D 25 -28.49 53.45 7.13
CA VAL D 25 -27.55 52.89 8.09
C VAL D 25 -26.62 51.88 7.44
N VAL D 26 -27.19 51.05 6.56
CA VAL D 26 -26.43 49.97 5.96
C VAL D 26 -25.34 50.48 5.01
N SER D 27 -25.54 51.66 4.45
CA SER D 27 -24.51 52.27 3.63
C SER D 27 -23.37 52.72 4.54
N LEU D 28 -23.75 53.38 5.64
CA LEU D 28 -22.78 53.92 6.58
C LEU D 28 -22.12 52.84 7.43
N ALA D 29 -22.81 51.73 7.59
CA ALA D 29 -22.23 50.56 8.26
C ALA D 29 -21.12 50.01 7.38
N GLU D 30 -21.35 50.04 6.07
CA GLU D 30 -20.40 49.48 5.12
C GLU D 30 -19.18 50.37 4.92
N ARG D 31 -19.40 51.69 4.88
CA ARG D 31 -18.30 52.61 4.59
C ARG D 31 -17.25 52.59 5.69
N HIS D 32 -17.66 52.30 6.93
CA HIS D 32 -16.71 52.14 8.01
C HIS D 32 -15.97 50.83 7.91
N TYR D 33 -16.66 49.81 7.38
CA TYR D 33 -16.03 48.50 7.23
C TYR D 33 -14.88 48.58 6.23
N TYR D 34 -15.14 49.23 5.11
CA TYR D 34 -14.10 49.46 4.11
C TYR D 34 -12.94 50.27 4.71
N ASN D 35 -13.27 51.33 5.44
CA ASN D 35 -12.25 52.21 6.01
C ASN D 35 -11.47 51.60 7.18
N CYS D 36 -11.98 50.48 7.72
CA CYS D 36 -11.36 49.78 8.83
C CYS D 36 -11.63 50.37 10.23
N ASP D 37 -12.77 51.05 10.37
CA ASP D 37 -13.26 51.51 11.67
C ASP D 37 -14.38 50.59 12.15
N PHE D 38 -14.06 49.33 12.39
CA PHE D 38 -15.09 48.35 12.74
C PHE D 38 -15.79 48.70 14.05
N LYS D 39 -15.01 49.10 15.05
CA LYS D 39 -15.57 49.45 16.35
C LYS D 39 -16.78 50.37 16.21
N CYS D 41 -18.53 50.62 12.95
CA CYS D 41 -19.40 49.80 12.13
C CYS D 41 -20.24 48.87 13.00
N TYR D 42 -19.61 48.19 13.94
CA TYR D 42 -20.31 47.20 14.73
C TYR D 42 -21.55 47.76 15.42
N LYS D 43 -21.44 48.96 15.97
CA LYS D 43 -22.60 49.52 16.66
C LYS D 43 -23.57 50.06 15.63
N LEU D 44 -23.04 50.39 14.45
CA LEU D 44 -23.88 50.79 13.32
C LEU D 44 -24.79 49.64 12.97
N THR D 45 -24.21 48.46 12.83
CA THR D 45 -24.95 47.27 12.42
C THR D 45 -25.87 46.72 13.51
N SER D 46 -25.45 46.85 14.77
CA SER D 46 -26.24 46.43 15.92
C SER D 46 -27.57 47.16 15.95
N VAL D 47 -27.62 48.31 15.30
CA VAL D 47 -28.85 49.08 15.16
C VAL D 47 -29.77 48.40 14.17
N VAL D 48 -29.23 48.15 12.98
CA VAL D 48 -30.02 47.56 11.91
C VAL D 48 -30.51 46.18 12.27
N GLU D 50 -31.18 44.98 15.12
CA GLU D 50 -32.24 45.12 16.11
C GLU D 50 -33.58 45.41 15.44
N LYS D 51 -33.50 45.92 14.22
CA LYS D 51 -34.70 46.07 13.39
C LYS D 51 -34.98 44.81 12.57
N ASP D 52 -34.35 44.72 11.42
CA ASP D 52 -34.49 43.57 10.53
C ASP D 52 -33.21 42.75 10.55
N PRO D 53 -33.10 41.79 11.48
CA PRO D 53 -31.91 40.93 11.52
C PRO D 53 -31.66 40.22 10.19
N PHE D 54 -32.66 39.53 9.67
CA PHE D 54 -32.50 38.81 8.40
C PHE D 54 -32.36 39.77 7.21
N HIS D 55 -31.87 40.97 7.46
CA HIS D 55 -31.65 41.95 6.41
C HIS D 55 -30.57 41.47 5.45
N ALA D 56 -30.92 41.37 4.17
CA ALA D 56 -30.06 40.74 3.17
C ALA D 56 -28.76 41.50 2.89
N SER D 57 -28.81 42.83 2.95
CA SER D 57 -27.65 43.65 2.66
C SER D 57 -26.84 43.95 3.92
N CYS D 58 -27.47 43.73 5.08
CA CYS D 58 -26.86 44.06 6.36
C CYS D 58 -26.07 42.89 6.96
N LEU D 59 -26.62 41.69 6.87
CA LEU D 59 -25.96 40.53 7.43
C LEU D 59 -24.54 40.31 6.92
N PRO D 60 -24.35 40.39 5.59
CA PRO D 60 -23.01 40.12 5.04
C PRO D 60 -21.95 41.02 5.70
N VAL D 61 -22.37 42.16 6.19
CA VAL D 61 -21.44 43.10 6.79
C VAL D 61 -21.35 42.93 8.30
N HIS D 62 -22.50 42.72 8.93
CA HIS D 62 -22.55 42.55 10.38
C HIS D 62 -21.75 41.34 10.80
N ILE D 63 -21.66 40.37 9.89
CA ILE D 63 -20.90 39.15 10.15
C ILE D 63 -19.41 39.43 9.99
N GLY D 64 -19.04 40.08 8.89
CA GLY D 64 -17.64 40.43 8.68
C GLY D 64 -17.01 41.12 9.88
N THR D 65 -17.81 41.93 10.57
CA THR D 65 -17.35 42.69 11.72
C THR D 65 -17.30 41.85 13.00
N LEU D 66 -18.13 40.81 13.07
CA LEU D 66 -18.08 39.86 14.20
C LEU D 66 -16.78 39.08 14.19
N VAL D 67 -16.26 38.84 12.99
CA VAL D 67 -14.96 38.22 12.84
C VAL D 67 -13.84 39.17 13.25
N GLU D 68 -13.91 40.39 12.73
CA GLU D 68 -12.83 41.37 12.91
C GLU D 68 -12.58 41.74 14.37
N LEU D 69 -13.65 41.96 15.13
CA LEU D 69 -13.48 42.27 16.55
C LEU D 69 -13.28 40.99 17.36
N ASN D 70 -13.11 39.87 16.65
CA ASN D 70 -12.96 38.57 17.27
C ASN D 70 -14.06 38.33 18.30
N LYS D 71 -15.28 38.69 17.95
CA LYS D 71 -16.46 38.21 18.67
C LYS D 71 -16.71 36.78 18.21
N ALA D 72 -15.93 35.85 18.75
CA ALA D 72 -16.12 34.44 18.45
C ALA D 72 -17.46 33.97 19.00
N ASN D 73 -17.80 34.47 20.19
CA ASN D 73 -19.03 34.04 20.87
C ASN D 73 -20.29 34.48 20.17
N GLU D 74 -20.34 35.74 19.75
CA GLU D 74 -21.54 36.29 19.12
C GLU D 74 -21.83 35.63 17.80
N LEU D 75 -20.78 35.41 17.01
CA LEU D 75 -20.91 34.79 15.68
C LEU D 75 -21.23 33.30 15.77
N PHE D 76 -20.71 32.66 16.81
CA PHE D 76 -21.04 31.27 17.09
C PHE D 76 -22.55 31.13 17.22
N TYR D 77 -23.14 31.95 18.08
CA TYR D 77 -24.57 31.88 18.33
C TYR D 77 -25.37 32.31 17.10
N LEU D 78 -24.92 33.35 16.41
CA LEU D 78 -25.65 33.86 15.26
C LEU D 78 -25.57 32.91 14.09
N SER D 79 -24.36 32.55 13.68
CA SER D 79 -24.18 31.66 12.54
C SER D 79 -24.99 30.37 12.71
N HIS D 80 -24.90 29.76 13.89
CA HIS D 80 -25.57 28.49 14.14
C HIS D 80 -27.06 28.64 14.39
N LYS D 81 -27.50 29.87 14.62
CA LYS D 81 -28.93 30.12 14.82
C LYS D 81 -29.65 30.26 13.49
N LEU D 82 -28.98 30.90 12.52
CA LEU D 82 -29.56 31.15 11.20
C LEU D 82 -29.90 29.86 10.48
N VAL D 83 -28.92 28.96 10.43
CA VAL D 83 -29.04 27.73 9.69
C VAL D 83 -30.15 26.85 10.26
N ASP D 84 -30.61 27.20 11.46
CA ASP D 84 -31.70 26.47 12.08
C ASP D 84 -33.02 26.92 11.49
N LEU D 85 -33.30 28.22 11.57
CA LEU D 85 -34.59 28.74 11.18
C LEU D 85 -34.61 29.45 9.82
N TYR D 86 -33.56 29.25 9.03
CA TYR D 86 -33.47 29.91 7.73
C TYR D 86 -32.56 29.19 6.74
N PRO D 87 -32.68 27.86 6.64
CA PRO D 87 -31.83 27.07 5.74
C PRO D 87 -32.15 27.30 4.26
N SER D 88 -32.89 28.36 3.97
CA SER D 88 -33.23 28.71 2.59
C SER D 88 -32.27 29.74 2.05
N ASN D 89 -31.76 30.59 2.96
CA ASN D 89 -30.85 31.67 2.61
C ASN D 89 -29.39 31.22 2.67
N PRO D 90 -28.62 31.44 1.59
CA PRO D 90 -27.20 31.15 1.51
C PRO D 90 -26.42 31.89 2.59
N VAL D 91 -27.05 32.92 3.15
CA VAL D 91 -26.47 33.69 4.24
C VAL D 91 -26.16 32.77 5.41
N SER D 92 -27.04 31.81 5.64
CA SER D 92 -26.91 30.91 6.76
C SER D 92 -25.60 30.13 6.71
N TRP D 93 -25.15 29.81 5.51
CA TRP D 93 -23.94 29.02 5.39
C TRP D 93 -22.70 29.89 5.27
N PHE D 94 -22.85 31.02 4.61
CA PHE D 94 -21.79 32.01 4.62
C PHE D 94 -21.46 32.37 6.07
N ALA D 95 -22.47 32.29 6.95
CA ALA D 95 -22.28 32.60 8.38
C ALA D 95 -21.53 31.51 9.15
N VAL D 96 -21.95 30.26 8.96
CA VAL D 96 -21.30 29.14 9.67
C VAL D 96 -20.00 28.71 8.98
N GLY D 97 -19.85 29.03 7.71
CA GLY D 97 -18.58 28.89 7.04
C GLY D 97 -17.58 29.89 7.62
N CYS D 98 -18.08 31.09 7.89
CA CYS D 98 -17.26 32.16 8.46
C CYS D 98 -16.90 31.85 9.92
N TYR D 99 -17.78 31.14 10.61
CA TYR D 99 -17.44 30.70 11.95
C TYR D 99 -16.30 29.66 11.99
N TYR D 100 -16.19 28.83 10.95
CA TYR D 100 -15.15 27.81 10.93
C TYR D 100 -13.80 28.36 10.48
N LEU D 101 -13.83 29.27 9.51
CA LEU D 101 -12.60 29.89 9.04
C LEU D 101 -11.90 30.60 10.19
N VAL D 103 -11.84 30.41 13.22
CA VAL D 103 -11.39 29.68 14.40
C VAL D 103 -11.02 28.20 14.15
N GLY D 104 -11.71 27.27 14.81
CA GLY D 104 -11.38 25.85 14.71
C GLY D 104 -10.92 25.45 13.32
N HIS D 105 -9.80 24.74 13.25
CA HIS D 105 -9.20 24.38 11.96
C HIS D 105 -10.05 23.39 11.17
N LYS D 106 -11.36 23.42 11.39
CA LYS D 106 -12.31 22.68 10.57
C LYS D 106 -12.46 23.35 9.20
N ASN D 107 -11.32 23.79 8.65
CA ASN D 107 -11.26 24.38 7.32
C ASN D 107 -11.81 23.43 6.25
N GLU D 108 -11.95 22.15 6.62
CA GLU D 108 -12.59 21.18 5.74
C GLU D 108 -14.08 21.47 5.71
N HIS D 109 -14.67 21.61 6.89
CA HIS D 109 -16.08 21.94 7.02
C HIS D 109 -16.43 23.22 6.26
N ALA D 110 -15.64 24.25 6.47
CA ALA D 110 -15.93 25.58 5.92
C ALA D 110 -16.10 25.57 4.42
N ARG D 111 -15.09 25.08 3.70
CA ARG D 111 -15.11 25.02 2.25
C ARG D 111 -16.40 24.37 1.80
N ARG D 112 -16.89 23.46 2.63
CA ARG D 112 -18.12 22.72 2.38
C ARG D 112 -19.34 23.64 2.51
N TYR D 113 -19.46 24.27 3.68
CA TYR D 113 -20.58 25.17 3.96
C TYR D 113 -20.57 26.40 3.05
N LEU D 114 -19.43 26.69 2.45
CA LEU D 114 -19.30 27.84 1.57
C LEU D 114 -19.70 27.51 0.13
N SER D 115 -19.51 26.25 -0.26
CA SER D 115 -19.92 25.79 -1.59
C SER D 115 -21.41 25.49 -1.64
N LYS D 116 -22.00 25.22 -0.48
CA LYS D 116 -23.43 25.05 -0.37
C LYS D 116 -24.11 26.39 -0.61
N ALA D 117 -23.62 27.41 0.08
CA ALA D 117 -24.10 28.77 -0.14
C ALA D 117 -23.97 29.17 -1.61
N THR D 118 -23.03 28.56 -2.32
CA THR D 118 -22.85 28.85 -3.74
C THR D 118 -23.78 28.00 -4.61
N THR D 119 -23.78 26.68 -4.38
CA THR D 119 -24.69 25.80 -5.12
C THR D 119 -26.12 25.98 -4.59
N LEU D 120 -26.29 26.92 -3.67
CA LEU D 120 -27.61 27.32 -3.19
C LEU D 120 -28.02 28.59 -3.93
N GLU D 121 -27.07 29.52 -4.03
CA GLU D 121 -27.22 30.69 -4.89
C GLU D 121 -25.85 31.08 -5.43
N LYS D 122 -25.59 30.70 -6.68
CA LYS D 122 -24.29 30.90 -7.31
C LYS D 122 -23.99 32.38 -7.49
N THR D 123 -25.01 33.20 -7.36
CA THR D 123 -24.86 34.65 -7.50
C THR D 123 -24.49 35.33 -6.17
N TYR D 124 -24.26 34.54 -5.13
CA TYR D 124 -23.95 35.08 -3.80
C TYR D 124 -22.46 35.33 -3.56
N GLY D 125 -22.00 36.54 -3.93
CA GLY D 125 -20.60 36.91 -3.87
C GLY D 125 -19.88 36.79 -2.53
N PRO D 126 -20.50 37.31 -1.45
CA PRO D 126 -19.87 37.16 -0.14
C PRO D 126 -19.44 35.71 0.15
N ALA D 127 -20.16 34.74 -0.40
CA ALA D 127 -19.81 33.33 -0.25
C ALA D 127 -18.59 32.95 -1.09
N TRP D 128 -18.43 33.62 -2.23
CA TRP D 128 -17.33 33.31 -3.14
C TRP D 128 -16.00 33.84 -2.62
N ILE D 129 -16.01 35.08 -2.13
CA ILE D 129 -14.83 35.67 -1.51
C ILE D 129 -14.32 34.78 -0.38
N ALA D 130 -15.22 34.42 0.55
CA ALA D 130 -14.86 33.55 1.67
C ALA D 130 -14.46 32.17 1.18
N TYR D 131 -15.06 31.73 0.08
CA TYR D 131 -14.73 30.42 -0.48
C TYR D 131 -13.23 30.38 -0.78
N GLY D 132 -12.77 31.33 -1.58
CA GLY D 132 -11.36 31.43 -1.94
C GLY D 132 -10.44 31.66 -0.76
N HIS D 133 -11.00 32.13 0.36
CA HIS D 133 -10.20 32.30 1.56
C HIS D 133 -9.85 30.97 2.21
N SER D 134 -10.70 29.96 2.05
CA SER D 134 -10.39 28.63 2.56
C SER D 134 -9.32 27.95 1.70
N PHE D 135 -9.24 28.33 0.43
CA PHE D 135 -8.16 27.86 -0.43
C PHE D 135 -6.87 28.61 -0.14
N ALA D 136 -6.98 29.93 0.01
CA ALA D 136 -5.81 30.79 0.18
C ALA D 136 -4.93 30.40 1.36
N VAL D 137 -5.54 30.06 2.49
CA VAL D 137 -4.79 29.68 3.69
C VAL D 137 -4.22 28.28 3.55
N GLU D 138 -4.84 27.48 2.67
CA GLU D 138 -4.34 26.13 2.41
C GLU D 138 -3.28 26.11 1.30
N SER D 139 -3.03 27.27 0.71
CA SER D 139 -1.94 27.46 -0.26
C SER D 139 -2.26 27.01 -1.69
N GLU D 140 -3.53 26.75 -1.97
CA GLU D 140 -3.99 26.58 -3.35
C GLU D 140 -4.31 27.96 -3.91
N HIS D 141 -3.45 28.45 -4.80
CA HIS D 141 -3.59 29.79 -5.34
C HIS D 141 -4.54 29.80 -6.52
N ASP D 142 -4.41 28.80 -7.38
CA ASP D 142 -5.26 28.67 -8.57
C ASP D 142 -6.72 28.61 -8.17
N GLN D 143 -7.01 27.78 -7.18
CA GLN D 143 -8.38 27.59 -6.73
C GLN D 143 -8.92 28.84 -6.05
N ALA D 144 -8.11 29.43 -5.17
CA ALA D 144 -8.50 30.67 -4.50
C ALA D 144 -8.59 31.81 -5.50
N ALA D 146 -9.54 31.71 -8.66
CA ALA D 146 -10.74 31.67 -9.49
C ALA D 146 -11.99 32.07 -8.71
N ALA D 147 -12.01 31.74 -7.42
CA ALA D 147 -13.13 32.12 -6.57
C ALA D 147 -13.15 33.63 -6.33
N TYR D 148 -11.96 34.23 -6.31
CA TYR D 148 -11.80 35.67 -6.06
C TYR D 148 -12.29 36.52 -7.24
N PHE D 149 -12.09 36.01 -8.45
CA PHE D 149 -12.51 36.71 -9.66
C PHE D 149 -14.03 36.73 -9.78
N THR D 150 -14.67 35.62 -9.45
CA THR D 150 -16.13 35.55 -9.48
C THR D 150 -16.70 36.58 -8.51
N ALA D 151 -16.13 36.62 -7.31
CA ALA D 151 -16.53 37.60 -6.31
C ALA D 151 -16.30 39.02 -6.81
N ALA D 152 -15.43 39.16 -7.80
CA ALA D 152 -15.20 40.45 -8.44
C ALA D 152 -16.39 40.83 -9.30
N GLN D 153 -17.00 39.82 -9.92
CA GLN D 153 -18.07 40.03 -10.88
C GLN D 153 -19.40 40.28 -10.18
N LEU D 154 -19.56 39.68 -9.00
CA LEU D 154 -20.79 39.82 -8.21
C LEU D 154 -20.86 41.17 -7.52
N LYS D 156 -19.27 44.27 -7.50
CA LYS D 156 -18.37 45.22 -8.13
C LYS D 156 -18.42 46.52 -7.34
N GLY D 157 -17.36 47.31 -7.42
CA GLY D 157 -17.23 48.50 -6.61
C GLY D 157 -16.69 48.09 -5.26
N CYS D 158 -16.62 46.77 -5.04
CA CYS D 158 -15.99 46.23 -3.85
C CYS D 158 -14.49 46.10 -4.12
N HIS D 159 -13.69 46.73 -3.25
CA HIS D 159 -12.26 46.77 -3.44
C HIS D 159 -11.57 45.54 -2.86
N LEU D 160 -12.32 44.77 -2.09
CA LEU D 160 -11.74 43.64 -1.36
C LEU D 160 -11.33 42.47 -2.25
N PRO D 161 -12.18 42.10 -3.21
CA PRO D 161 -11.80 40.97 -4.06
C PRO D 161 -10.59 41.34 -4.92
N LEU D 163 -8.13 43.41 -3.92
CA LEU D 163 -7.00 43.30 -3.02
C LEU D 163 -6.45 41.89 -3.09
N TYR D 164 -7.35 40.91 -3.09
CA TYR D 164 -6.93 39.50 -2.95
C TYR D 164 -6.46 38.84 -4.23
N ILE D 165 -7.00 39.23 -5.37
CA ILE D 165 -6.41 38.80 -6.63
C ILE D 165 -5.07 39.51 -6.80
N GLY D 166 -4.98 40.73 -6.27
CA GLY D 166 -3.71 41.46 -6.24
C GLY D 166 -2.68 40.72 -5.40
N LEU D 167 -3.07 40.28 -4.20
CA LEU D 167 -2.15 39.58 -3.31
C LEU D 167 -1.66 38.28 -3.92
N GLU D 168 -2.61 37.48 -4.37
CA GLU D 168 -2.31 36.16 -4.89
C GLU D 168 -1.36 36.23 -6.07
N TYR D 169 -1.53 37.24 -6.91
CA TYR D 169 -0.64 37.46 -8.05
C TYR D 169 0.77 37.78 -7.58
N GLY D 170 0.86 38.35 -6.38
CA GLY D 170 2.15 38.69 -5.81
C GLY D 170 2.87 37.45 -5.32
N LEU D 171 2.10 36.47 -4.83
CA LEU D 171 2.67 35.25 -4.30
C LEU D 171 2.82 34.20 -5.40
N THR D 172 2.87 34.65 -6.65
CA THR D 172 3.06 33.75 -7.79
C THR D 172 4.00 34.35 -8.83
N ASN D 173 4.61 35.48 -8.50
CA ASN D 173 5.55 36.16 -9.39
C ASN D 173 4.91 37.01 -10.49
N ASN D 174 3.60 37.24 -10.39
CA ASN D 174 2.90 38.12 -11.30
C ASN D 174 2.92 39.53 -10.75
N SER D 175 4.11 40.07 -10.56
CA SER D 175 4.29 41.37 -9.91
C SER D 175 3.72 42.54 -10.73
N LYS D 176 3.70 42.39 -12.06
CA LYS D 176 3.15 43.47 -12.89
C LYS D 176 1.62 43.46 -12.89
N LEU D 177 1.06 42.27 -12.71
CA LEU D 177 -0.40 42.13 -12.60
C LEU D 177 -0.90 42.48 -11.20
N ALA D 178 -0.15 42.06 -10.19
CA ALA D 178 -0.47 42.44 -8.81
C ALA D 178 -0.47 43.96 -8.66
N GLU D 179 0.50 44.63 -9.28
CA GLU D 179 0.57 46.09 -9.21
C GLU D 179 -0.76 46.68 -9.63
N ARG D 180 -1.41 46.06 -10.61
CA ARG D 180 -2.64 46.58 -11.17
C ARG D 180 -3.81 46.61 -10.19
N PHE D 181 -4.01 45.50 -9.47
CA PHE D 181 -5.17 45.36 -8.60
C PHE D 181 -5.02 46.14 -7.29
N PHE D 182 -3.80 46.25 -6.80
CA PHE D 182 -3.57 47.07 -5.62
C PHE D 182 -3.87 48.52 -5.94
N SER D 183 -3.32 49.00 -7.05
CA SER D 183 -3.54 50.38 -7.46
C SER D 183 -5.01 50.61 -7.79
N GLN D 184 -5.70 49.55 -8.21
CA GLN D 184 -7.14 49.63 -8.42
C GLN D 184 -7.90 49.65 -7.07
N ALA D 185 -7.45 48.83 -6.13
CA ALA D 185 -8.06 48.80 -4.80
C ALA D 185 -7.80 50.11 -4.06
N LEU D 186 -6.58 50.63 -4.22
CA LEU D 186 -6.20 51.89 -3.59
C LEU D 186 -7.03 53.07 -4.06
N SER D 187 -7.51 53.01 -5.29
CA SER D 187 -8.36 54.07 -5.82
C SER D 187 -9.75 54.05 -5.17
N ILE D 188 -10.12 52.91 -4.60
CA ILE D 188 -11.43 52.74 -3.99
C ILE D 188 -11.42 53.08 -2.51
N ALA D 189 -10.76 52.24 -1.71
CA ALA D 189 -10.58 52.51 -0.29
C ALA D 189 -9.14 52.95 -0.07
N PRO D 190 -8.86 54.22 -0.37
CA PRO D 190 -7.45 54.63 -0.39
C PRO D 190 -6.91 54.62 1.01
N GLU D 191 -7.81 54.61 1.99
CA GLU D 191 -7.43 54.75 3.39
C GLU D 191 -7.47 53.44 4.17
N ASP D 192 -7.39 52.32 3.48
CA ASP D 192 -7.36 51.02 4.11
C ASP D 192 -5.92 50.54 4.31
N PRO D 193 -5.49 50.39 5.57
CA PRO D 193 -4.09 50.08 5.87
C PRO D 193 -3.78 48.64 5.55
N PHE D 194 -4.82 47.82 5.43
CA PHE D 194 -4.65 46.43 5.02
C PHE D 194 -4.17 46.37 3.60
N VAL D 195 -4.76 47.20 2.75
CA VAL D 195 -4.37 47.27 1.35
C VAL D 195 -2.92 47.71 1.26
N HIS D 197 -0.82 47.40 3.57
CA HIS D 197 -0.02 46.37 4.23
C HIS D 197 0.46 45.34 3.22
N GLU D 198 -0.46 44.89 2.36
CA GLU D 198 -0.16 43.88 1.36
C GLU D 198 0.73 44.43 0.24
N VAL D 199 0.55 45.70 -0.09
CA VAL D 199 1.35 46.32 -1.14
C VAL D 199 2.84 46.22 -0.83
N GLY D 200 3.19 46.54 0.41
CA GLY D 200 4.56 46.47 0.87
C GLY D 200 5.02 45.03 1.08
N VAL D 201 4.09 44.19 1.51
CA VAL D 201 4.35 42.76 1.63
C VAL D 201 4.84 42.18 0.30
N VAL D 202 4.09 42.43 -0.77
CA VAL D 202 4.49 42.00 -2.10
C VAL D 202 5.86 42.57 -2.45
N ALA D 203 6.04 43.87 -2.21
CA ALA D 203 7.29 44.55 -2.53
C ALA D 203 8.46 43.93 -1.79
N PHE D 204 8.21 43.45 -0.58
CA PHE D 204 9.25 42.81 0.22
C PHE D 204 9.83 41.59 -0.50
N GLN D 205 8.95 40.84 -1.17
CA GLN D 205 9.34 39.60 -1.83
C GLN D 205 10.07 39.81 -3.16
N ASN D 206 9.74 40.91 -3.83
CA ASN D 206 10.41 41.26 -5.08
C ASN D 206 11.84 41.69 -4.82
N GLY D 207 12.26 41.60 -3.57
CA GLY D 207 13.61 42.00 -3.18
C GLY D 207 13.70 43.48 -2.93
N GLU D 208 12.57 44.18 -3.04
CA GLU D 208 12.57 45.63 -2.90
C GLU D 208 12.31 46.07 -1.46
N TRP D 209 13.37 46.04 -0.65
CA TRP D 209 13.26 46.19 0.79
C TRP D 209 12.99 47.62 1.28
N LYS D 210 13.50 48.61 0.54
CA LYS D 210 13.36 49.99 0.99
C LYS D 210 11.95 50.53 0.76
N THR D 211 11.35 50.18 -0.38
CA THR D 211 9.98 50.61 -0.64
C THR D 211 8.97 49.86 0.23
N ALA D 212 9.22 48.57 0.45
CA ALA D 212 8.38 47.80 1.36
C ALA D 212 8.23 48.51 2.68
N GLU D 213 9.21 49.35 3.02
CA GLU D 213 9.25 50.05 4.30
C GLU D 213 8.28 51.25 4.37
N LYS D 214 8.10 51.98 3.27
CA LYS D 214 7.17 53.13 3.27
C LYS D 214 5.73 52.66 3.36
N TRP D 215 5.46 51.50 2.80
CA TRP D 215 4.10 50.96 2.80
C TRP D 215 3.70 50.45 4.17
N PHE D 216 4.62 49.75 4.82
CA PHE D 216 4.36 49.24 6.15
C PHE D 216 4.18 50.39 7.13
N LEU D 217 4.98 51.43 6.95
CA LEU D 217 4.90 52.60 7.81
C LEU D 217 3.57 53.32 7.58
N ASP D 218 3.18 53.44 6.32
CA ASP D 218 1.85 53.96 6.01
C ASP D 218 0.80 53.19 6.82
N ALA D 219 0.72 51.90 6.57
CA ALA D 219 -0.33 51.10 7.16
C ALA D 219 -0.24 51.03 8.67
N LEU D 220 0.86 51.54 9.22
CA LEU D 220 0.98 51.63 10.67
C LEU D 220 0.45 52.95 11.22
N GLU D 221 0.70 54.05 10.50
CA GLU D 221 0.01 55.30 10.77
C GLU D 221 -1.51 55.12 10.72
N LYS D 222 -2.05 54.91 9.51
CA LYS D 222 -3.50 54.88 9.30
C LYS D 222 -4.22 53.96 10.28
N ILE D 223 -3.47 53.03 10.86
CA ILE D 223 -4.05 52.11 11.84
C ILE D 223 -3.97 52.72 13.22
N LYS D 224 -2.73 52.91 13.69
CA LYS D 224 -2.48 53.52 15.00
C LYS D 224 -3.21 54.84 15.09
N ALA D 225 -3.33 55.50 13.95
CA ALA D 225 -3.98 56.80 13.85
C ALA D 225 -5.49 56.66 13.91
N ILE D 226 -6.18 57.55 13.19
CA ILE D 226 -7.63 57.58 13.15
C ILE D 226 -8.24 56.19 13.18
N GLY D 227 -9.36 56.05 13.91
CA GLY D 227 -10.05 54.79 14.00
C GLY D 227 -9.20 53.72 14.69
N ASN D 228 -8.30 54.17 15.55
CA ASN D 228 -7.48 53.25 16.32
C ASN D 228 -8.28 52.65 17.48
N GLU D 229 -8.19 51.33 17.62
CA GLU D 229 -8.78 50.63 18.75
C GLU D 229 -7.73 49.67 19.25
N VAL D 230 -8.15 48.64 19.99
CA VAL D 230 -7.21 47.65 20.51
C VAL D 230 -6.20 47.26 19.43
N THR D 231 -6.69 47.34 18.18
CA THR D 231 -5.88 47.21 16.97
C THR D 231 -5.01 45.96 16.94
N VAL D 232 -5.59 44.82 17.33
CA VAL D 232 -4.79 43.58 17.39
C VAL D 232 -5.57 42.33 17.76
N ASP D 233 -6.88 42.28 17.46
CA ASP D 233 -7.68 41.10 17.74
C ASP D 233 -7.22 39.92 16.89
N LYS D 234 -6.47 39.02 17.50
CA LYS D 234 -5.77 37.95 16.79
C LYS D 234 -4.77 38.55 15.81
N TRP D 235 -4.78 39.88 15.70
CA TRP D 235 -3.84 40.61 14.86
C TRP D 235 -2.52 40.87 15.60
N GLU D 236 -1.44 40.96 14.84
CA GLU D 236 -0.11 41.32 15.33
C GLU D 236 0.99 41.26 14.23
N PRO D 237 0.67 40.73 13.05
CA PRO D 237 1.74 40.56 12.08
C PRO D 237 2.53 41.83 11.80
N LEU D 238 1.82 42.91 11.51
CA LEU D 238 2.42 44.10 10.91
C LEU D 238 3.76 44.52 11.51
N LEU D 239 3.86 44.46 12.83
CA LEU D 239 5.10 44.82 13.48
C LEU D 239 6.16 43.76 13.19
N ASN D 240 5.72 42.51 13.19
CA ASN D 240 6.61 41.42 12.82
C ASN D 240 7.10 41.57 11.39
N ASN D 241 6.34 42.32 10.60
CA ASN D 241 6.77 42.65 9.24
C ASN D 241 7.86 43.72 9.21
N LEU D 242 7.72 44.75 10.04
CA LEU D 242 8.70 45.83 10.13
C LEU D 242 10.02 45.38 10.76
N GLY D 243 9.95 44.44 11.70
CA GLY D 243 11.15 43.87 12.27
C GLY D 243 11.99 43.27 11.15
N HIS D 244 11.30 42.75 10.14
CA HIS D 244 11.94 42.02 9.04
C HIS D 244 12.62 42.96 8.05
N VAL D 245 11.90 43.97 7.58
CA VAL D 245 12.40 44.88 6.54
C VAL D 245 13.80 45.39 6.85
N CYS D 246 14.08 45.56 8.13
CA CYS D 246 15.29 46.25 8.56
C CYS D 246 16.50 45.34 8.73
N ARG D 247 16.27 44.15 9.27
CA ARG D 247 17.33 43.16 9.25
C ARG D 247 17.80 43.07 7.80
N LYS D 248 16.86 43.38 6.90
CA LYS D 248 17.06 43.32 5.47
C LYS D 248 17.81 44.56 4.98
N LEU D 249 17.51 45.70 5.59
CA LEU D 249 18.24 46.95 5.29
C LEU D 249 19.49 47.04 6.14
N LYS D 250 19.79 45.98 6.89
CA LYS D 250 21.01 45.94 7.68
C LYS D 250 20.86 46.89 8.87
N LYS D 251 19.63 47.34 9.10
CA LYS D 251 19.32 48.25 10.21
C LYS D 251 19.09 47.48 11.50
N TYR D 252 20.11 46.72 11.90
CA TYR D 252 19.97 45.68 12.94
C TYR D 252 19.47 46.17 14.29
N ALA D 253 19.71 47.43 14.61
CA ALA D 253 19.20 47.95 15.86
C ALA D 253 17.68 48.05 15.76
N GLU D 254 17.20 48.48 14.58
CA GLU D 254 15.79 48.82 14.34
C GLU D 254 14.87 47.59 14.14
N ALA D 255 15.43 46.49 13.64
CA ALA D 255 14.68 45.25 13.61
C ALA D 255 14.31 44.87 15.04
N LEU D 256 15.30 44.43 15.82
CA LEU D 256 15.11 44.08 17.22
C LEU D 256 14.04 44.95 17.88
N ASP D 257 14.04 46.24 17.55
CA ASP D 257 13.03 47.14 18.09
C ASP D 257 11.64 46.53 17.93
N TYR D 258 11.26 46.23 16.69
CA TYR D 258 9.90 45.80 16.38
C TYR D 258 9.52 44.45 17.03
N HIS D 259 10.28 43.40 16.74
CA HIS D 259 9.94 42.05 17.21
C HIS D 259 9.63 41.98 18.71
N ARG D 260 10.31 42.82 19.48
CA ARG D 260 10.06 42.96 20.90
C ARG D 260 8.59 43.34 21.15
N GLN D 261 8.04 44.17 20.27
CA GLN D 261 6.66 44.64 20.37
C GLN D 261 5.66 43.61 19.86
N ALA D 262 6.14 42.71 18.99
CA ALA D 262 5.31 41.62 18.48
C ALA D 262 5.06 40.61 19.58
N LEU D 263 5.93 40.61 20.57
CA LEU D 263 5.79 39.77 21.74
C LEU D 263 4.74 40.34 22.67
N VAL D 264 5.00 41.55 23.16
CA VAL D 264 4.01 42.30 23.93
C VAL D 264 2.59 41.92 23.53
N LEU D 265 2.35 41.80 22.22
CA LEU D 265 1.01 41.50 21.71
C LEU D 265 0.71 40.00 21.66
N ILE D 266 1.67 39.23 21.15
CA ILE D 266 1.52 37.78 21.06
C ILE D 266 2.69 37.08 21.73
N PRO D 267 2.61 36.92 23.07
CA PRO D 267 3.68 36.38 23.92
C PRO D 267 4.15 35.05 23.39
N GLN D 268 3.22 34.12 23.29
CA GLN D 268 3.51 32.74 22.95
C GLN D 268 3.78 32.55 21.46
N ASN D 269 4.91 33.05 20.98
CA ASN D 269 5.19 33.00 19.55
C ASN D 269 6.57 32.44 19.24
N ALA D 270 6.60 31.39 18.42
CA ALA D 270 7.86 30.73 18.09
C ALA D 270 8.70 31.61 17.18
N SER D 271 8.07 32.06 16.10
CA SER D 271 8.74 32.86 15.09
C SER D 271 9.44 34.07 15.71
N THR D 272 8.71 34.86 16.48
CA THR D 272 9.28 36.07 17.05
C THR D 272 10.53 35.80 17.89
N TYR D 273 10.59 34.63 18.53
CA TYR D 273 11.77 34.25 19.33
C TYR D 273 12.94 33.88 18.44
N SER D 274 12.71 32.93 17.55
CA SER D 274 13.71 32.51 16.58
C SER D 274 14.23 33.72 15.81
N ALA D 275 13.33 34.62 15.44
CA ALA D 275 13.66 35.77 14.60
C ALA D 275 14.66 36.68 15.28
N ILE D 276 14.34 37.05 16.51
CA ILE D 276 15.17 37.92 17.33
C ILE D 276 16.54 37.30 17.57
N GLY D 277 16.57 35.98 17.63
CA GLY D 277 17.82 35.29 17.81
C GLY D 277 18.68 35.50 16.59
N TYR D 278 18.04 35.44 15.43
CA TYR D 278 18.79 35.52 14.17
C TYR D 278 19.59 36.80 14.08
N ILE D 279 19.00 37.90 14.54
CA ILE D 279 19.66 39.19 14.45
C ILE D 279 20.97 39.19 15.25
N HIS D 280 20.94 38.59 16.45
CA HIS D 280 22.15 38.43 17.25
C HIS D 280 23.12 37.48 16.57
N SER D 281 22.59 36.63 15.70
CA SER D 281 23.44 35.78 14.90
C SER D 281 24.19 36.67 13.90
N LEU D 282 23.45 37.57 13.24
CA LEU D 282 24.03 38.48 12.25
C LEU D 282 24.97 39.51 12.87
N GLY D 284 26.52 39.28 16.22
CA GLY D 284 27.65 38.62 16.87
C GLY D 284 27.38 38.20 18.30
N ASN D 285 26.18 38.46 18.77
CA ASN D 285 25.80 38.14 20.15
C ASN D 285 25.32 36.69 20.24
N PHE D 286 26.24 35.75 19.99
CA PHE D 286 25.92 34.32 19.84
C PHE D 286 25.28 33.67 21.07
N GLU D 287 26.01 33.61 22.17
CA GLU D 287 25.49 33.08 23.41
C GLU D 287 24.07 33.61 23.60
N ASN D 288 23.93 34.90 23.35
CA ASN D 288 22.66 35.58 23.47
C ASN D 288 21.64 35.07 22.48
N ALA D 289 22.08 34.85 21.24
CA ALA D 289 21.20 34.39 20.17
C ALA D 289 20.74 32.94 20.38
N VAL D 290 21.64 32.10 20.89
CA VAL D 290 21.26 30.71 21.22
C VAL D 290 20.23 30.69 22.35
N ASP D 291 20.28 31.67 23.22
CA ASP D 291 19.26 31.83 24.24
C ASP D 291 17.90 32.03 23.59
N TYR D 292 17.89 32.69 22.44
CA TYR D 292 16.67 33.04 21.72
C TYR D 292 16.19 31.94 20.77
N PHE D 293 17.11 31.09 20.34
CA PHE D 293 16.71 29.98 19.50
C PHE D 293 16.26 28.82 20.40
N HIS D 294 16.79 28.78 21.63
CA HIS D 294 16.35 27.80 22.63
C HIS D 294 14.87 27.97 22.93
N THR D 295 14.56 29.08 23.60
CA THR D 295 13.20 29.35 24.03
C THR D 295 12.24 29.31 22.84
N ALA D 296 12.81 29.29 21.64
CA ALA D 296 12.03 29.24 20.41
C ALA D 296 11.63 27.82 20.02
N LEU D 297 12.38 26.84 20.52
CA LEU D 297 12.06 25.42 20.32
C LEU D 297 11.31 24.86 21.51
N GLY D 298 11.48 25.50 22.67
CA GLY D 298 10.66 25.21 23.83
C GLY D 298 9.22 25.55 23.49
N LEU D 299 9.05 26.29 22.41
CA LEU D 299 7.73 26.65 21.91
C LEU D 299 7.33 25.72 20.76
N ARG D 300 7.86 25.98 19.57
CA ARG D 300 7.65 25.09 18.44
C ARG D 300 8.86 24.18 18.27
N ARG D 301 8.67 22.89 18.51
CA ARG D 301 9.74 21.92 18.38
C ARG D 301 10.15 21.73 16.92
N ASP D 302 9.16 21.71 16.04
CA ASP D 302 9.43 21.71 14.60
C ASP D 302 9.75 23.12 14.11
N ASP D 303 11.03 23.48 14.18
CA ASP D 303 11.47 24.77 13.65
C ASP D 303 12.69 24.58 12.77
N THR D 304 12.44 24.23 11.52
CA THR D 304 13.50 23.90 10.56
C THR D 304 14.60 24.94 10.52
N PHE D 305 14.24 26.22 10.67
CA PHE D 305 15.20 27.32 10.59
C PHE D 305 15.91 27.56 11.92
N SER D 306 15.16 27.54 13.01
CA SER D 306 15.75 27.80 14.31
C SER D 306 16.90 26.85 14.58
N VAL D 307 16.65 25.57 14.34
CA VAL D 307 17.61 24.55 14.75
C VAL D 307 18.90 24.66 13.93
N THR D 308 18.76 24.97 12.65
CA THR D 308 19.90 25.04 11.74
C THR D 308 20.94 26.06 12.20
N LEU D 310 21.32 27.19 15.11
CA LEU D 310 21.89 26.69 16.35
C LEU D 310 23.07 25.77 16.09
N GLY D 311 23.03 25.12 14.94
CA GLY D 311 24.13 24.26 14.54
C GLY D 311 25.37 25.08 14.24
N HIS D 312 25.18 26.21 13.59
CA HIS D 312 26.28 27.10 13.24
C HIS D 312 26.89 27.78 14.46
N CYS D 313 26.04 28.15 15.42
CA CYS D 313 26.50 28.81 16.64
C CYS D 313 27.37 27.89 17.50
N ILE D 314 27.23 26.58 17.29
CA ILE D 314 28.02 25.60 18.03
C ILE D 314 29.26 25.09 17.27
N GLU D 315 29.15 24.98 15.95
CA GLU D 315 30.32 24.60 15.15
C GLU D 315 31.41 25.65 15.31
N TYR D 317 31.54 27.29 18.29
CA TYR D 317 31.89 27.07 19.70
C TYR D 317 33.00 26.04 19.79
N ILE D 318 33.03 25.12 18.82
CA ILE D 318 34.14 24.18 18.65
C ILE D 318 35.37 24.93 18.15
N GLY D 319 35.75 25.97 18.90
CA GLY D 319 36.88 26.83 18.55
C GLY D 319 36.95 27.99 19.53
N ASP D 320 37.10 27.67 20.81
CA ASP D 320 37.07 28.67 21.89
C ASP D 320 37.84 29.95 21.56
N LEU E 2 -14.89 -23.77 -33.71
CA LEU E 2 -14.82 -22.31 -33.59
C LEU E 2 -13.39 -21.74 -33.78
N ARG E 3 -13.25 -20.80 -34.70
CA ARG E 3 -11.95 -20.18 -34.97
C ARG E 3 -11.80 -18.83 -34.29
N ARG E 4 -10.55 -18.37 -34.14
CA ARG E 4 -10.30 -16.97 -33.85
C ARG E 4 -9.76 -16.25 -35.09
N LYS E 5 -10.01 -14.95 -35.15
CA LYS E 5 -9.56 -14.12 -36.25
C LYS E 5 -8.07 -14.33 -36.54
N PRO E 6 -7.70 -14.34 -37.83
CA PRO E 6 -6.30 -14.54 -38.24
C PRO E 6 -5.40 -13.55 -37.54
N THR E 7 -4.33 -14.03 -36.93
CA THR E 7 -3.46 -13.15 -36.17
C THR E 7 -3.07 -11.98 -37.07
N ARG E 8 -2.86 -10.82 -36.45
CA ARG E 8 -2.52 -9.59 -37.16
C ARG E 8 -1.21 -9.03 -36.62
N LEU E 9 -0.35 -8.57 -37.53
CA LEU E 9 0.97 -8.12 -37.14
C LEU E 9 1.02 -6.62 -36.83
N GLU E 10 1.73 -6.28 -35.75
CA GLU E 10 1.83 -4.89 -35.27
C GLU E 10 3.28 -4.49 -35.01
N LEU E 11 3.54 -3.20 -34.90
CA LEU E 11 4.89 -2.68 -34.76
C LEU E 11 5.37 -2.65 -33.31
N LYS E 12 6.44 -3.39 -33.04
CA LYS E 12 7.09 -3.34 -31.74
C LYS E 12 8.07 -2.18 -31.76
N LEU E 13 8.34 -1.59 -30.60
CA LEU E 13 9.32 -0.51 -30.53
C LEU E 13 10.66 -0.96 -31.09
N ASP E 14 11.05 -2.19 -30.77
CA ASP E 14 12.33 -2.74 -31.23
C ASP E 14 12.45 -2.66 -32.75
N ASP E 15 11.31 -2.75 -33.42
CA ASP E 15 11.28 -2.75 -34.88
C ASP E 15 11.95 -1.51 -35.47
N ILE E 16 12.25 -0.54 -34.61
CA ILE E 16 12.86 0.70 -35.07
C ILE E 16 14.32 0.45 -35.39
N GLU E 17 14.84 -0.65 -34.87
CA GLU E 17 16.22 -1.04 -35.13
C GLU E 17 16.55 -1.01 -36.62
N GLU E 18 15.57 -1.36 -37.46
CA GLU E 18 15.75 -1.35 -38.92
C GLU E 18 16.11 0.06 -39.39
N PHE E 19 15.40 1.04 -38.83
CA PHE E 19 15.67 2.43 -39.10
C PHE E 19 16.88 2.91 -38.29
N GLU E 20 17.14 2.29 -37.15
CA GLU E 20 18.32 2.63 -36.37
C GLU E 20 19.54 2.40 -37.24
N ASN E 21 19.64 1.18 -37.74
CA ASN E 21 20.81 0.73 -38.49
C ASN E 21 20.93 1.40 -39.86
N ILE E 22 19.80 1.60 -40.53
CA ILE E 22 19.81 2.24 -41.84
C ILE E 22 20.46 3.63 -41.74
N ARG E 23 20.30 4.26 -40.58
CA ARG E 23 20.86 5.59 -40.34
C ARG E 23 22.34 5.53 -39.97
N LYS E 24 22.69 4.59 -39.09
CA LYS E 24 24.07 4.42 -38.65
C LYS E 24 24.96 3.96 -39.81
N ASP E 25 24.45 3.03 -40.61
CA ASP E 25 25.18 2.56 -41.77
C ASP E 25 25.47 3.72 -42.70
N LEU E 26 24.48 4.09 -43.49
CA LEU E 26 24.61 5.22 -44.41
C LEU E 26 24.78 6.55 -43.67
N GLU F 20 -38.12 -37.11 -43.05
CA GLU F 20 -37.87 -36.02 -42.13
C GLU F 20 -36.50 -36.14 -41.48
N ASN F 21 -35.58 -36.78 -42.20
CA ASN F 21 -34.22 -37.02 -41.73
C ASN F 21 -33.29 -35.82 -41.98
N LEU F 22 -32.85 -35.19 -40.89
CA LEU F 22 -32.05 -33.96 -40.97
C LEU F 22 -30.57 -34.09 -40.58
N ASP F 23 -30.19 -35.21 -39.98
CA ASP F 23 -28.81 -35.39 -39.56
C ASP F 23 -27.86 -35.17 -40.74
N VAL F 24 -28.34 -35.49 -41.95
CA VAL F 24 -27.53 -35.37 -43.16
C VAL F 24 -27.21 -33.91 -43.50
N VAL F 25 -28.08 -33.00 -43.06
CA VAL F 25 -27.82 -31.58 -43.28
C VAL F 25 -26.62 -31.12 -42.48
N VAL F 26 -26.68 -31.33 -41.18
CA VAL F 26 -25.66 -30.87 -40.26
C VAL F 26 -24.26 -31.32 -40.69
N SER F 27 -24.18 -32.45 -41.40
CA SER F 27 -22.91 -32.95 -41.91
C SER F 27 -22.41 -32.02 -43.01
N LEU F 28 -23.33 -31.62 -43.88
CA LEU F 28 -23.00 -30.69 -44.94
C LEU F 28 -22.73 -29.31 -44.39
N ALA F 29 -23.58 -28.87 -43.47
CA ALA F 29 -23.37 -27.59 -42.77
C ALA F 29 -22.02 -27.58 -42.02
N GLU F 30 -21.57 -28.74 -41.56
CA GLU F 30 -20.24 -28.86 -40.94
C GLU F 30 -19.16 -28.90 -42.02
N ARG F 31 -19.53 -29.40 -43.19
CA ARG F 31 -18.63 -29.43 -44.34
C ARG F 31 -18.18 -28.03 -44.67
N HIS F 32 -19.15 -27.12 -44.76
CA HIS F 32 -18.90 -25.74 -45.18
C HIS F 32 -18.15 -24.94 -44.13
N TYR F 33 -18.32 -25.31 -42.87
CA TYR F 33 -17.65 -24.60 -41.77
C TYR F 33 -16.15 -24.85 -41.74
N TYR F 34 -15.75 -26.08 -42.04
CA TYR F 34 -14.34 -26.45 -42.07
C TYR F 34 -13.69 -26.04 -43.38
N ASN F 35 -14.48 -26.03 -44.45
CA ASN F 35 -14.04 -25.53 -45.74
C ASN F 35 -14.23 -24.01 -45.86
N CYS F 36 -14.64 -23.41 -44.75
CA CYS F 36 -14.64 -21.96 -44.57
C CYS F 36 -15.70 -21.21 -45.40
N ASP F 37 -16.61 -21.96 -46.01
CA ASP F 37 -17.76 -21.38 -46.69
C ASP F 37 -18.90 -21.13 -45.69
N PHE F 38 -18.85 -20.00 -45.00
CA PHE F 38 -19.78 -19.71 -43.92
C PHE F 38 -21.09 -19.10 -44.42
N LYS F 39 -21.00 -18.31 -45.47
CA LYS F 39 -22.16 -17.73 -46.12
C LYS F 39 -23.21 -18.82 -46.33
N CYS F 41 -23.10 -22.10 -45.05
CA CYS F 41 -23.42 -22.83 -43.83
C CYS F 41 -24.57 -22.15 -43.10
N TYR F 42 -24.53 -20.81 -43.05
CA TYR F 42 -25.51 -20.06 -42.27
C TYR F 42 -26.95 -20.37 -42.64
N LYS F 43 -27.25 -20.36 -43.94
CA LYS F 43 -28.57 -20.72 -44.42
C LYS F 43 -28.76 -22.23 -44.33
N LEU F 44 -27.65 -22.97 -44.27
CA LEU F 44 -27.72 -24.42 -44.08
C LEU F 44 -28.17 -24.77 -42.66
N THR F 45 -27.78 -23.93 -41.71
CA THR F 45 -28.06 -24.17 -40.29
C THR F 45 -29.37 -23.54 -39.84
N SER F 46 -29.60 -22.29 -40.18
CA SER F 46 -30.84 -21.62 -39.76
C SER F 46 -32.08 -22.40 -40.23
N VAL F 47 -31.87 -23.31 -41.17
CA VAL F 47 -32.90 -24.26 -41.58
C VAL F 47 -33.02 -25.37 -40.54
N VAL F 48 -31.90 -25.98 -40.17
CA VAL F 48 -31.88 -26.99 -39.11
C VAL F 48 -32.31 -26.38 -37.78
N GLU F 50 -34.75 -24.33 -37.65
CA GLU F 50 -36.19 -24.17 -37.80
C GLU F 50 -36.92 -25.42 -37.33
N LYS F 51 -36.34 -26.58 -37.62
CA LYS F 51 -36.89 -27.85 -37.16
C LYS F 51 -36.60 -28.07 -35.67
N ASP F 52 -35.32 -28.09 -35.32
CA ASP F 52 -34.91 -28.45 -33.98
C ASP F 52 -33.81 -27.52 -33.48
N PRO F 53 -34.21 -26.46 -32.74
CA PRO F 53 -33.29 -25.47 -32.20
C PRO F 53 -32.23 -26.10 -31.29
N PHE F 54 -32.68 -26.77 -30.24
CA PHE F 54 -31.77 -27.36 -29.26
C PHE F 54 -30.95 -28.52 -29.85
N HIS F 55 -30.94 -28.62 -31.17
CA HIS F 55 -30.14 -29.64 -31.86
C HIS F 55 -28.70 -29.55 -31.39
N ALA F 56 -28.35 -30.35 -30.39
CA ALA F 56 -27.08 -30.22 -29.68
C ALA F 56 -25.84 -30.39 -30.55
N SER F 57 -26.02 -30.88 -31.77
CA SER F 57 -24.91 -31.03 -32.71
C SER F 57 -24.83 -29.90 -33.73
N CYS F 58 -25.98 -29.36 -34.11
CA CYS F 58 -26.04 -28.31 -35.12
C CYS F 58 -25.81 -26.92 -34.53
N LEU F 59 -26.14 -26.75 -33.26
CA LEU F 59 -26.01 -25.46 -32.57
C LEU F 59 -24.58 -24.93 -32.54
N PRO F 60 -23.64 -25.71 -31.97
CA PRO F 60 -22.23 -25.31 -31.87
C PRO F 60 -21.68 -24.82 -33.20
N VAL F 61 -22.25 -25.28 -34.31
CA VAL F 61 -21.81 -24.88 -35.63
C VAL F 61 -22.55 -23.62 -36.09
N HIS F 62 -23.86 -23.63 -35.95
CA HIS F 62 -24.68 -22.46 -36.28
C HIS F 62 -24.18 -21.25 -35.52
N ILE F 63 -23.71 -21.49 -34.30
CA ILE F 63 -23.16 -20.42 -33.47
C ILE F 63 -21.81 -19.93 -33.98
N GLY F 64 -20.93 -20.88 -34.31
CA GLY F 64 -19.62 -20.57 -34.88
C GLY F 64 -19.75 -19.73 -36.14
N THR F 65 -20.74 -20.06 -36.98
CA THR F 65 -20.93 -19.36 -38.26
C THR F 65 -21.57 -17.97 -38.11
N LEU F 66 -22.39 -17.78 -37.08
CA LEU F 66 -22.89 -16.45 -36.75
C LEU F 66 -21.71 -15.58 -36.40
N VAL F 67 -20.83 -16.10 -35.55
CA VAL F 67 -19.65 -15.39 -35.12
C VAL F 67 -18.86 -14.87 -36.32
N GLU F 68 -18.39 -15.79 -37.15
CA GLU F 68 -17.58 -15.42 -38.31
C GLU F 68 -18.27 -14.33 -39.10
N LEU F 69 -19.59 -14.41 -39.18
CA LEU F 69 -20.36 -13.53 -40.04
C LEU F 69 -20.76 -12.22 -39.36
N ASN F 70 -20.27 -12.02 -38.15
CA ASN F 70 -20.65 -10.86 -37.36
C ASN F 70 -22.16 -10.64 -37.18
N LYS F 71 -22.91 -11.73 -37.21
CA LYS F 71 -24.31 -11.72 -36.79
C LYS F 71 -24.34 -11.46 -35.29
N ALA F 72 -23.76 -10.35 -34.86
CA ALA F 72 -23.76 -9.98 -33.45
C ALA F 72 -25.19 -9.76 -32.98
N ASN F 73 -26.08 -9.51 -33.94
CA ASN F 73 -27.50 -9.41 -33.64
C ASN F 73 -28.08 -10.78 -33.30
N GLU F 74 -28.19 -11.63 -34.31
CA GLU F 74 -28.75 -12.97 -34.12
C GLU F 74 -28.20 -13.64 -32.87
N LEU F 75 -26.90 -13.50 -32.65
CA LEU F 75 -26.20 -14.22 -31.60
C LEU F 75 -26.35 -13.52 -30.26
N PHE F 76 -26.86 -12.29 -30.29
CA PHE F 76 -27.25 -11.60 -29.07
C PHE F 76 -28.59 -12.15 -28.60
N TYR F 77 -29.55 -12.20 -29.52
CA TYR F 77 -30.90 -12.68 -29.23
C TYR F 77 -30.90 -14.14 -28.82
N LEU F 78 -30.21 -14.96 -29.59
CA LEU F 78 -30.19 -16.41 -29.41
C LEU F 78 -29.60 -16.81 -28.06
N SER F 79 -28.42 -16.30 -27.73
CA SER F 79 -27.76 -16.72 -26.49
C SER F 79 -28.58 -16.45 -25.23
N HIS F 80 -29.08 -15.23 -25.07
CA HIS F 80 -29.86 -14.86 -23.89
C HIS F 80 -31.22 -15.53 -23.86
N LYS F 81 -31.80 -15.78 -25.02
CA LYS F 81 -33.03 -16.53 -25.11
C LYS F 81 -32.78 -17.99 -24.74
N LEU F 82 -31.69 -18.55 -25.23
CA LEU F 82 -31.33 -19.93 -24.91
C LEU F 82 -31.11 -20.11 -23.41
N VAL F 83 -30.43 -19.15 -22.80
CA VAL F 83 -30.12 -19.25 -21.38
C VAL F 83 -31.37 -19.02 -20.56
N ASP F 84 -32.41 -18.49 -21.20
CA ASP F 84 -33.68 -18.23 -20.51
C ASP F 84 -34.52 -19.51 -20.33
N LEU F 85 -34.73 -20.25 -21.40
CA LEU F 85 -35.57 -21.44 -21.37
C LEU F 85 -34.82 -22.78 -21.38
N TYR F 86 -33.50 -22.73 -21.22
CA TYR F 86 -32.69 -23.94 -21.23
C TYR F 86 -31.36 -23.78 -20.48
N PRO F 87 -31.40 -23.18 -19.28
CA PRO F 87 -30.18 -23.04 -18.47
C PRO F 87 -29.70 -24.38 -17.90
N SER F 88 -29.80 -25.43 -18.69
CA SER F 88 -29.32 -26.75 -18.25
C SER F 88 -28.27 -27.28 -19.21
N ASN F 89 -28.46 -27.06 -20.51
CA ASN F 89 -27.47 -27.45 -21.51
C ASN F 89 -26.34 -26.43 -21.52
N PRO F 90 -25.08 -26.92 -21.47
CA PRO F 90 -23.89 -26.08 -21.52
C PRO F 90 -23.81 -25.22 -22.79
N VAL F 91 -24.57 -25.60 -23.82
CA VAL F 91 -24.62 -24.83 -25.05
C VAL F 91 -25.17 -23.42 -24.81
N SER F 92 -25.89 -23.25 -23.71
CA SER F 92 -26.53 -21.98 -23.39
C SER F 92 -25.51 -20.93 -23.00
N TRP F 93 -24.54 -21.35 -22.19
CA TRP F 93 -23.51 -20.43 -21.73
C TRP F 93 -22.39 -20.32 -22.75
N PHE F 94 -22.13 -21.42 -23.45
CA PHE F 94 -21.25 -21.40 -24.61
C PHE F 94 -21.67 -20.26 -25.53
N ALA F 95 -22.98 -20.12 -25.74
CA ALA F 95 -23.52 -19.20 -26.74
C ALA F 95 -23.37 -17.72 -26.37
N VAL F 96 -23.50 -17.42 -25.08
CA VAL F 96 -23.36 -16.05 -24.61
C VAL F 96 -21.92 -15.78 -24.19
N GLY F 97 -21.20 -16.84 -23.81
CA GLY F 97 -19.77 -16.76 -23.58
C GLY F 97 -19.07 -16.41 -24.89
N CYS F 98 -19.64 -16.87 -25.99
CA CYS F 98 -19.24 -16.47 -27.33
C CYS F 98 -19.76 -15.08 -27.68
N TYR F 99 -20.83 -14.65 -27.02
CA TYR F 99 -21.38 -13.34 -27.33
C TYR F 99 -20.40 -12.23 -26.95
N TYR F 100 -19.84 -12.32 -25.76
CA TYR F 100 -18.97 -11.27 -25.26
C TYR F 100 -17.55 -11.37 -25.84
N LEU F 101 -17.26 -12.49 -26.48
CA LEU F 101 -15.96 -12.67 -27.12
C LEU F 101 -15.90 -11.93 -28.45
N VAL F 103 -17.45 -9.36 -29.31
CA VAL F 103 -17.80 -7.94 -29.21
C VAL F 103 -17.23 -7.21 -27.96
N GLY F 104 -18.12 -6.61 -27.16
CA GLY F 104 -17.72 -5.77 -26.03
C GLY F 104 -16.61 -6.33 -25.17
N HIS F 105 -15.79 -5.47 -24.61
CA HIS F 105 -14.61 -5.90 -23.84
C HIS F 105 -14.99 -6.55 -22.50
N LYS F 106 -16.14 -7.21 -22.47
CA LYS F 106 -16.53 -7.98 -21.31
C LYS F 106 -15.78 -9.32 -21.29
N ASN F 107 -14.52 -9.30 -21.72
CA ASN F 107 -13.68 -10.49 -21.71
C ASN F 107 -13.70 -11.19 -20.34
N GLU F 108 -13.89 -10.40 -19.29
CA GLU F 108 -14.02 -10.92 -17.94
C GLU F 108 -15.26 -11.80 -17.86
N HIS F 109 -16.32 -11.33 -18.51
CA HIS F 109 -17.62 -12.01 -18.54
C HIS F 109 -17.58 -13.35 -19.27
N ALA F 110 -17.11 -13.32 -20.52
CA ALA F 110 -17.05 -14.53 -21.35
C ALA F 110 -16.33 -15.68 -20.65
N ARG F 111 -15.12 -15.40 -20.19
CA ARG F 111 -14.33 -16.38 -19.47
C ARG F 111 -15.10 -16.97 -18.27
N ARG F 112 -16.04 -16.20 -17.75
CA ARG F 112 -16.83 -16.62 -16.59
C ARG F 112 -18.03 -17.48 -16.97
N TYR F 113 -18.63 -17.18 -18.11
CA TYR F 113 -19.75 -17.95 -18.61
C TYR F 113 -19.27 -19.29 -19.16
N LEU F 114 -18.15 -19.24 -19.87
CA LEU F 114 -17.58 -20.45 -20.44
C LEU F 114 -17.30 -21.46 -19.34
N SER F 115 -16.77 -20.96 -18.21
CA SER F 115 -16.45 -21.83 -17.07
C SER F 115 -17.69 -22.54 -16.54
N LYS F 116 -18.81 -21.84 -16.46
CA LYS F 116 -20.08 -22.42 -16.03
C LYS F 116 -20.64 -23.40 -17.08
N ALA F 117 -20.02 -23.42 -18.25
CA ALA F 117 -20.33 -24.43 -19.24
C ALA F 117 -19.48 -25.66 -18.94
N THR F 118 -18.17 -25.47 -18.90
CA THR F 118 -17.24 -26.53 -18.59
C THR F 118 -17.71 -27.27 -17.35
N THR F 119 -17.94 -26.51 -16.26
CA THR F 119 -18.37 -27.07 -14.98
C THR F 119 -19.88 -27.30 -14.94
N LEU F 120 -20.40 -27.82 -16.05
CA LEU F 120 -21.81 -28.16 -16.16
C LEU F 120 -21.83 -29.52 -16.83
N GLU F 121 -20.95 -29.65 -17.82
CA GLU F 121 -20.69 -30.89 -18.53
C GLU F 121 -19.28 -30.73 -19.06
N LYS F 122 -18.31 -31.20 -18.30
CA LYS F 122 -16.92 -30.98 -18.62
C LYS F 122 -16.55 -31.59 -19.96
N THR F 123 -17.43 -32.43 -20.50
CA THR F 123 -17.19 -33.13 -21.76
C THR F 123 -17.80 -32.41 -22.97
N TYR F 124 -18.02 -31.11 -22.84
CA TYR F 124 -18.46 -30.27 -23.96
C TYR F 124 -17.26 -29.56 -24.59
N GLY F 125 -16.77 -30.10 -25.70
CA GLY F 125 -15.59 -29.58 -26.36
C GLY F 125 -15.65 -28.16 -26.86
N PRO F 126 -16.73 -27.77 -27.55
CA PRO F 126 -16.78 -26.42 -28.13
C PRO F 126 -16.65 -25.32 -27.09
N ALA F 127 -16.84 -25.64 -25.81
CA ALA F 127 -16.67 -24.66 -24.75
C ALA F 127 -15.22 -24.57 -24.32
N TRP F 128 -14.49 -25.68 -24.53
CA TRP F 128 -13.10 -25.79 -24.11
C TRP F 128 -12.16 -25.16 -25.11
N ILE F 129 -12.60 -25.03 -26.36
CA ILE F 129 -11.82 -24.35 -27.37
C ILE F 129 -11.98 -22.84 -27.19
N ALA F 130 -13.22 -22.43 -26.93
CA ALA F 130 -13.54 -21.03 -26.68
C ALA F 130 -12.77 -20.51 -25.47
N TYR F 131 -12.77 -21.30 -24.40
CA TYR F 131 -12.11 -20.89 -23.16
C TYR F 131 -10.65 -20.54 -23.46
N GLY F 132 -9.97 -21.40 -24.20
CA GLY F 132 -8.58 -21.16 -24.54
C GLY F 132 -8.44 -19.82 -25.24
N HIS F 133 -9.37 -19.58 -26.16
CA HIS F 133 -9.36 -18.35 -26.94
C HIS F 133 -9.39 -17.09 -26.06
N SER F 134 -10.03 -17.17 -24.89
CA SER F 134 -10.16 -16.00 -24.03
C SER F 134 -8.81 -15.64 -23.39
N PHE F 135 -7.98 -16.64 -23.16
CA PHE F 135 -6.66 -16.42 -22.60
C PHE F 135 -5.67 -16.12 -23.72
N ALA F 136 -5.88 -16.73 -24.87
CA ALA F 136 -4.95 -16.59 -25.99
C ALA F 136 -4.81 -15.14 -26.45
N VAL F 137 -5.85 -14.35 -26.25
CA VAL F 137 -5.83 -12.94 -26.62
C VAL F 137 -5.34 -12.05 -25.46
N GLU F 138 -5.55 -12.50 -24.22
CA GLU F 138 -5.00 -11.81 -23.06
C GLU F 138 -3.54 -12.24 -22.83
N SER F 139 -3.08 -13.16 -23.67
CA SER F 139 -1.69 -13.61 -23.73
C SER F 139 -1.33 -14.86 -22.91
N GLU F 140 -1.94 -15.05 -21.73
CA GLU F 140 -1.61 -16.21 -20.91
C GLU F 140 -1.58 -17.47 -21.75
N HIS F 141 -0.38 -17.93 -22.08
CA HIS F 141 -0.20 -19.05 -23.02
C HIS F 141 -0.37 -20.40 -22.34
N ASP F 142 -0.16 -20.42 -21.02
CA ASP F 142 -0.30 -21.65 -20.24
C ASP F 142 -1.77 -22.07 -20.15
N GLN F 143 -2.59 -21.17 -19.66
CA GLN F 143 -4.02 -21.43 -19.47
C GLN F 143 -4.75 -21.67 -20.80
N ALA F 144 -4.33 -20.97 -21.85
CA ALA F 144 -4.92 -21.13 -23.17
C ALA F 144 -4.48 -22.44 -23.83
N ALA F 146 -3.66 -25.40 -22.23
CA ALA F 146 -4.43 -26.48 -21.61
C ALA F 146 -5.86 -26.56 -22.15
N ALA F 147 -6.48 -25.41 -22.41
CA ALA F 147 -7.84 -25.37 -22.95
C ALA F 147 -7.93 -25.94 -24.36
N TYR F 148 -6.87 -25.76 -25.13
CA TYR F 148 -6.83 -26.34 -26.48
C TYR F 148 -6.51 -27.82 -26.41
N PHE F 149 -5.63 -28.21 -25.49
CA PHE F 149 -5.26 -29.60 -25.36
C PHE F 149 -6.45 -30.43 -24.89
N THR F 150 -7.21 -29.88 -23.96
CA THR F 150 -8.46 -30.48 -23.51
C THR F 150 -9.42 -30.60 -24.68
N ALA F 151 -9.34 -29.61 -25.57
CA ALA F 151 -10.24 -29.52 -26.71
C ALA F 151 -9.90 -30.57 -27.76
N ALA F 152 -8.67 -31.06 -27.71
CA ALA F 152 -8.22 -32.08 -28.65
C ALA F 152 -8.78 -33.44 -28.28
N GLN F 153 -8.97 -33.68 -26.99
CA GLN F 153 -9.50 -34.95 -26.51
C GLN F 153 -10.99 -35.06 -26.78
N LEU F 154 -11.66 -33.93 -26.73
CA LEU F 154 -13.12 -33.88 -26.85
C LEU F 154 -13.59 -33.89 -28.30
N LYS F 156 -12.03 -34.89 -31.21
CA LYS F 156 -11.06 -35.60 -32.02
C LYS F 156 -11.49 -35.64 -33.49
N GLY F 157 -10.53 -35.43 -34.40
CA GLY F 157 -10.85 -35.31 -35.81
C GLY F 157 -11.02 -33.87 -36.27
N CYS F 158 -11.22 -32.95 -35.32
CA CYS F 158 -11.26 -31.53 -35.62
C CYS F 158 -9.84 -30.95 -35.69
N HIS F 159 -9.60 -30.08 -36.67
CA HIS F 159 -8.26 -29.53 -36.87
C HIS F 159 -7.99 -28.23 -36.12
N LEU F 160 -9.03 -27.56 -35.65
CA LEU F 160 -8.86 -26.29 -34.96
C LEU F 160 -8.06 -26.36 -33.66
N PRO F 161 -8.36 -27.36 -32.80
CA PRO F 161 -7.53 -27.48 -31.60
C PRO F 161 -6.06 -27.49 -31.94
N LEU F 163 -4.51 -26.64 -34.54
CA LEU F 163 -4.08 -25.38 -35.15
C LEU F 163 -3.56 -24.43 -34.08
N TYR F 164 -4.31 -24.32 -33.00
CA TYR F 164 -4.06 -23.27 -32.02
C TYR F 164 -3.07 -23.65 -30.93
N ILE F 165 -2.83 -24.93 -30.73
CA ILE F 165 -1.71 -25.34 -29.91
C ILE F 165 -0.46 -25.27 -30.76
N GLY F 166 -0.64 -25.40 -32.07
CA GLY F 166 0.45 -25.18 -33.01
C GLY F 166 0.89 -23.72 -32.98
N LEU F 167 -0.08 -22.81 -32.98
CA LEU F 167 0.22 -21.38 -32.94
C LEU F 167 0.85 -21.00 -31.62
N GLU F 168 0.22 -21.39 -30.52
CA GLU F 168 0.70 -21.05 -29.19
C GLU F 168 2.10 -21.63 -28.90
N TYR F 169 2.49 -22.66 -29.64
CA TYR F 169 3.85 -23.19 -29.57
C TYR F 169 4.85 -22.31 -30.30
N GLY F 170 4.49 -21.88 -31.51
CA GLY F 170 5.34 -21.01 -32.30
C GLY F 170 5.54 -19.67 -31.64
N LEU F 171 4.59 -19.27 -30.80
CA LEU F 171 4.69 -17.99 -30.11
C LEU F 171 5.57 -18.09 -28.87
N THR F 172 5.78 -19.31 -28.38
CA THR F 172 6.67 -19.51 -27.23
C THR F 172 8.00 -20.14 -27.65
N ASN F 173 8.32 -20.04 -28.94
CA ASN F 173 9.60 -20.49 -29.49
C ASN F 173 9.73 -22.01 -29.57
N ASN F 174 8.61 -22.71 -29.46
CA ASN F 174 8.58 -24.16 -29.58
C ASN F 174 8.37 -24.60 -31.03
N SER F 175 9.10 -23.98 -31.94
CA SER F 175 8.85 -24.12 -33.36
C SER F 175 8.69 -25.56 -33.85
N LYS F 176 9.40 -26.50 -33.25
CA LYS F 176 9.38 -27.88 -33.75
C LYS F 176 8.07 -28.63 -33.47
N LEU F 177 7.43 -28.33 -32.34
CA LEU F 177 6.12 -28.89 -32.01
C LEU F 177 5.01 -28.03 -32.60
N ALA F 178 5.37 -26.86 -33.12
CA ALA F 178 4.42 -26.00 -33.83
C ALA F 178 4.25 -26.50 -35.27
N GLU F 179 5.31 -27.06 -35.83
CA GLU F 179 5.27 -27.61 -37.17
C GLU F 179 4.56 -28.95 -37.14
N ARG F 180 4.65 -29.63 -35.99
CA ARG F 180 3.93 -30.88 -35.80
C ARG F 180 2.42 -30.68 -35.82
N PHE F 181 1.95 -29.67 -35.07
CA PHE F 181 0.52 -29.40 -34.95
C PHE F 181 -0.06 -28.57 -36.09
N PHE F 182 0.82 -27.95 -36.88
CA PHE F 182 0.39 -27.30 -38.11
C PHE F 182 0.24 -28.35 -39.20
N SER F 183 1.25 -29.20 -39.35
CA SER F 183 1.24 -30.24 -40.37
C SER F 183 0.19 -31.30 -40.10
N GLN F 184 -0.20 -31.44 -38.84
CA GLN F 184 -1.31 -32.32 -38.48
C GLN F 184 -2.64 -31.74 -38.98
N ALA F 185 -2.86 -30.44 -38.73
CA ALA F 185 -4.11 -29.79 -39.12
C ALA F 185 -4.22 -29.59 -40.63
N LEU F 186 -3.07 -29.43 -41.29
CA LEU F 186 -3.04 -29.32 -42.74
C LEU F 186 -3.60 -30.60 -43.34
N SER F 187 -3.15 -31.73 -42.81
CA SER F 187 -3.61 -33.02 -43.27
C SER F 187 -4.99 -33.37 -42.73
N ILE F 188 -5.90 -32.39 -42.76
CA ILE F 188 -7.30 -32.60 -42.38
C ILE F 188 -8.16 -31.63 -43.18
N ALA F 189 -7.69 -30.40 -43.29
CA ALA F 189 -8.35 -29.38 -44.10
C ALA F 189 -7.30 -28.52 -44.79
N PRO F 190 -6.48 -29.16 -45.64
CA PRO F 190 -5.33 -28.55 -46.33
C PRO F 190 -5.72 -27.27 -47.07
N GLU F 191 -7.01 -27.15 -47.38
CA GLU F 191 -7.52 -25.97 -48.09
C GLU F 191 -8.00 -24.91 -47.11
N ASP F 192 -7.37 -24.90 -45.93
CA ASP F 192 -7.66 -23.91 -44.91
C ASP F 192 -6.69 -22.75 -45.04
N PRO F 193 -7.23 -21.59 -45.39
CA PRO F 193 -6.39 -20.39 -45.48
C PRO F 193 -6.05 -19.85 -44.09
N PHE F 194 -6.86 -20.21 -43.09
CA PHE F 194 -6.62 -19.80 -41.70
C PHE F 194 -5.46 -20.55 -41.08
N VAL F 195 -5.29 -21.82 -41.46
CA VAL F 195 -4.11 -22.58 -41.06
C VAL F 195 -2.87 -21.95 -41.67
N HIS F 197 -2.34 -19.17 -42.90
CA HIS F 197 -2.09 -17.84 -42.37
C HIS F 197 -1.27 -17.92 -41.09
N GLU F 198 -1.79 -18.63 -40.09
CA GLU F 198 -1.12 -18.74 -38.79
C GLU F 198 0.26 -19.34 -38.92
N VAL F 199 0.44 -20.25 -39.89
CA VAL F 199 1.73 -20.87 -40.09
C VAL F 199 2.77 -19.83 -40.55
N GLY F 200 2.33 -18.90 -41.40
CA GLY F 200 3.18 -17.81 -41.83
C GLY F 200 3.49 -16.87 -40.68
N VAL F 201 2.45 -16.46 -39.98
CA VAL F 201 2.60 -15.62 -38.79
C VAL F 201 3.68 -16.15 -37.86
N VAL F 202 3.63 -17.44 -37.57
CA VAL F 202 4.64 -18.08 -36.73
C VAL F 202 6.02 -17.99 -37.37
N ALA F 203 6.08 -18.21 -38.67
CA ALA F 203 7.33 -18.14 -39.42
C ALA F 203 7.93 -16.74 -39.38
N PHE F 204 7.07 -15.73 -39.46
CA PHE F 204 7.48 -14.34 -39.38
C PHE F 204 8.25 -14.06 -38.10
N GLN F 205 7.78 -14.59 -36.98
CA GLN F 205 8.40 -14.31 -35.70
C GLN F 205 9.62 -15.17 -35.41
N ASN F 206 9.91 -16.12 -36.31
CA ASN F 206 11.18 -16.83 -36.28
C ASN F 206 12.22 -16.05 -37.08
N GLY F 207 11.74 -15.05 -37.83
CA GLY F 207 12.60 -14.21 -38.65
C GLY F 207 12.83 -14.73 -40.06
N GLU F 208 12.15 -15.83 -40.40
CA GLU F 208 12.26 -16.42 -41.72
C GLU F 208 11.30 -15.74 -42.69
N TRP F 209 11.40 -14.43 -42.74
CA TRP F 209 10.52 -13.60 -43.54
C TRP F 209 10.35 -14.15 -44.95
N LYS F 210 11.43 -14.62 -45.54
CA LYS F 210 11.35 -15.18 -46.88
C LYS F 210 10.25 -16.24 -46.97
N THR F 211 10.18 -17.13 -45.99
CA THR F 211 9.21 -18.25 -46.01
C THR F 211 7.83 -17.88 -45.47
N ALA F 212 7.77 -16.90 -44.58
CA ALA F 212 6.49 -16.41 -44.08
C ALA F 212 5.63 -15.92 -45.24
N GLU F 213 6.27 -15.37 -46.27
CA GLU F 213 5.57 -14.81 -47.42
C GLU F 213 4.88 -15.89 -48.27
N LYS F 214 5.46 -17.09 -48.32
CA LYS F 214 4.87 -18.16 -49.12
C LYS F 214 3.52 -18.61 -48.55
N TRP F 215 3.44 -18.71 -47.23
CA TRP F 215 2.21 -19.14 -46.56
C TRP F 215 1.14 -18.06 -46.57
N PHE F 216 1.57 -16.81 -46.43
CA PHE F 216 0.65 -15.68 -46.51
C PHE F 216 0.05 -15.51 -47.91
N LEU F 217 0.86 -15.76 -48.94
CA LEU F 217 0.36 -15.74 -50.33
C LEU F 217 -0.52 -16.95 -50.65
N ASP F 218 -0.09 -18.13 -50.22
CA ASP F 218 -0.85 -19.35 -50.48
C ASP F 218 -2.22 -19.29 -49.80
N ALA F 219 -2.27 -18.67 -48.63
CA ALA F 219 -3.56 -18.39 -47.99
C ALA F 219 -4.28 -17.35 -48.81
N LEU F 220 -3.51 -16.35 -49.25
CA LEU F 220 -4.03 -15.27 -50.08
C LEU F 220 -4.64 -15.81 -51.40
N GLU F 221 -3.91 -16.68 -52.09
CA GLU F 221 -4.45 -17.34 -53.28
C GLU F 221 -5.79 -17.96 -52.96
N LYS F 222 -5.77 -19.06 -52.22
CA LYS F 222 -6.98 -19.80 -51.86
C LYS F 222 -8.09 -18.86 -51.37
N ILE F 223 -7.90 -18.29 -50.19
CA ILE F 223 -8.93 -17.42 -49.60
C ILE F 223 -9.45 -16.36 -50.56
N LYS F 224 -8.73 -16.15 -51.66
CA LYS F 224 -9.19 -15.27 -52.72
C LYS F 224 -9.84 -16.07 -53.85
N ALA F 225 -9.14 -17.10 -54.30
CA ALA F 225 -9.57 -17.89 -55.46
C ALA F 225 -10.44 -19.07 -55.07
N ILE F 226 -9.88 -19.97 -54.27
CA ILE F 226 -10.52 -21.23 -53.88
C ILE F 226 -12.04 -21.10 -53.76
N GLY F 227 -12.49 -19.98 -53.19
CA GLY F 227 -13.90 -19.67 -53.12
C GLY F 227 -14.18 -18.50 -52.20
N ASN F 228 -14.41 -17.32 -52.78
CA ASN F 228 -14.63 -16.10 -52.00
C ASN F 228 -16.10 -15.88 -51.62
N GLU F 229 -16.36 -14.93 -50.72
CA GLU F 229 -17.71 -14.67 -50.24
C GLU F 229 -17.87 -13.24 -49.75
N VAL F 230 -16.80 -12.44 -49.92
CA VAL F 230 -16.68 -11.11 -49.34
C VAL F 230 -16.26 -11.23 -47.88
N THR F 231 -15.27 -12.09 -47.64
CA THR F 231 -14.86 -12.46 -46.29
C THR F 231 -14.40 -11.28 -45.44
N VAL F 232 -14.35 -10.09 -46.04
CA VAL F 232 -13.87 -8.90 -45.34
C VAL F 232 -14.73 -8.53 -44.12
N ASP F 233 -15.73 -9.36 -43.80
CA ASP F 233 -16.63 -9.14 -42.67
C ASP F 233 -15.86 -8.89 -41.38
N LYS F 234 -15.66 -7.62 -41.03
CA LYS F 234 -14.83 -7.26 -39.89
C LYS F 234 -13.48 -7.99 -39.98
N TRP F 235 -13.03 -8.21 -41.20
CA TRP F 235 -11.74 -8.84 -41.45
C TRP F 235 -10.88 -7.93 -42.31
N GLU F 236 -9.56 -8.10 -42.20
CA GLU F 236 -8.56 -7.28 -42.92
C GLU F 236 -7.09 -7.77 -42.85
N PRO F 237 -6.66 -8.32 -41.71
CA PRO F 237 -5.25 -8.62 -41.40
C PRO F 237 -4.37 -9.13 -42.54
N LEU F 238 -4.73 -10.23 -43.20
CA LEU F 238 -3.81 -10.96 -44.09
C LEU F 238 -2.91 -10.12 -45.03
N LEU F 239 -3.42 -8.99 -45.53
CA LEU F 239 -2.61 -8.12 -46.38
C LEU F 239 -1.74 -7.17 -45.55
N ASN F 240 -2.26 -6.72 -44.42
CA ASN F 240 -1.48 -5.92 -43.51
C ASN F 240 -0.19 -6.66 -43.12
N ASN F 241 -0.27 -7.98 -43.08
CA ASN F 241 0.87 -8.83 -42.76
C ASN F 241 1.90 -8.86 -43.88
N LEU F 242 1.44 -9.04 -45.11
CA LEU F 242 2.31 -8.99 -46.27
C LEU F 242 2.90 -7.59 -46.43
N GLY F 243 2.26 -6.62 -45.77
CA GLY F 243 2.83 -5.29 -45.69
C GLY F 243 4.03 -5.30 -44.76
N HIS F 244 3.96 -6.13 -43.73
CA HIS F 244 5.07 -6.27 -42.79
C HIS F 244 6.17 -7.19 -43.30
N VAL F 245 5.79 -8.26 -44.00
CA VAL F 245 6.79 -9.20 -44.54
C VAL F 245 7.67 -8.53 -45.58
N CYS F 246 7.06 -7.72 -46.43
CA CYS F 246 7.78 -7.06 -47.51
C CYS F 246 8.61 -5.90 -47.01
N ARG F 247 8.19 -5.25 -45.93
CA ARG F 247 8.99 -4.20 -45.34
C ARG F 247 10.22 -4.81 -44.69
N LYS F 248 10.07 -6.06 -44.27
CA LYS F 248 11.12 -6.79 -43.59
C LYS F 248 12.19 -7.30 -44.57
N LEU F 249 11.74 -7.71 -45.74
CA LEU F 249 12.64 -8.12 -46.81
C LEU F 249 13.14 -6.87 -47.54
N LYS F 250 12.78 -5.70 -47.02
CA LYS F 250 13.15 -4.40 -47.60
C LYS F 250 12.39 -4.07 -48.88
N LYS F 251 11.35 -4.83 -49.19
CA LYS F 251 10.54 -4.63 -50.39
C LYS F 251 9.61 -3.40 -50.31
N TYR F 252 10.02 -2.37 -49.58
CA TYR F 252 9.21 -1.17 -49.36
C TYR F 252 8.23 -0.94 -50.50
N ALA F 253 8.72 -1.06 -51.72
CA ALA F 253 7.88 -0.95 -52.90
C ALA F 253 6.58 -1.70 -52.63
N GLU F 254 6.70 -3.03 -52.57
CA GLU F 254 5.56 -3.93 -52.40
C GLU F 254 4.80 -3.74 -51.10
N ALA F 255 5.49 -3.32 -50.05
CA ALA F 255 4.84 -3.10 -48.76
C ALA F 255 3.75 -2.03 -48.87
N LEU F 256 4.11 -0.89 -49.45
CA LEU F 256 3.19 0.21 -49.63
C LEU F 256 1.93 -0.22 -50.38
N ASP F 257 2.08 -1.20 -51.27
CA ASP F 257 0.95 -1.80 -51.98
C ASP F 257 -0.06 -2.38 -50.99
N TYR F 258 0.43 -3.27 -50.13
CA TYR F 258 -0.41 -4.02 -49.22
C TYR F 258 -1.09 -3.12 -48.18
N HIS F 259 -0.36 -2.14 -47.68
CA HIS F 259 -0.88 -1.22 -46.66
C HIS F 259 -1.94 -0.28 -47.22
N ARG F 260 -1.82 0.04 -48.52
CA ARG F 260 -2.78 0.89 -49.21
C ARG F 260 -4.11 0.18 -49.33
N GLN F 261 -4.05 -1.12 -49.60
CA GLN F 261 -5.25 -1.94 -49.78
C GLN F 261 -5.85 -2.41 -48.46
N ALA F 262 -5.01 -2.60 -47.45
CA ALA F 262 -5.50 -2.92 -46.12
C ALA F 262 -6.28 -1.74 -45.54
N LEU F 263 -6.02 -0.54 -46.07
CA LEU F 263 -6.72 0.66 -45.64
C LEU F 263 -8.03 0.83 -46.40
N VAL F 264 -8.13 0.15 -47.54
CA VAL F 264 -9.40 0.09 -48.27
C VAL F 264 -10.44 -0.69 -47.48
N LEU F 265 -9.98 -1.66 -46.69
CA LEU F 265 -10.84 -2.52 -45.91
C LEU F 265 -11.19 -1.93 -44.53
N ILE F 266 -10.24 -1.22 -43.95
CA ILE F 266 -10.45 -0.56 -42.67
C ILE F 266 -9.70 0.77 -42.70
N PRO F 267 -10.37 1.81 -43.24
CA PRO F 267 -9.84 3.15 -43.52
C PRO F 267 -9.56 4.04 -42.30
N GLN F 268 -10.04 3.67 -41.13
CA GLN F 268 -9.74 4.46 -39.94
C GLN F 268 -8.65 3.80 -39.09
N ASN F 269 -7.94 2.85 -39.70
CA ASN F 269 -6.93 2.10 -38.99
C ASN F 269 -5.63 2.88 -38.81
N ALA F 270 -5.39 3.35 -37.59
CA ALA F 270 -4.20 4.12 -37.26
C ALA F 270 -2.93 3.30 -37.42
N SER F 271 -3.03 2.00 -37.15
CA SER F 271 -1.90 1.10 -37.24
C SER F 271 -1.31 1.06 -38.64
N THR F 272 -2.18 0.98 -39.64
CA THR F 272 -1.72 1.04 -41.02
C THR F 272 -1.15 2.41 -41.40
N TYR F 273 -1.71 3.48 -40.84
CA TYR F 273 -1.17 4.83 -41.06
C TYR F 273 0.23 5.00 -40.49
N SER F 274 0.49 4.37 -39.35
CA SER F 274 1.79 4.43 -38.72
C SER F 274 2.76 3.57 -39.52
N ALA F 275 2.25 2.44 -40.02
CA ALA F 275 3.08 1.51 -40.79
C ALA F 275 3.62 2.15 -42.06
N ILE F 276 2.72 2.77 -42.81
CA ILE F 276 3.08 3.46 -44.04
C ILE F 276 4.06 4.60 -43.81
N GLY F 277 3.92 5.29 -42.68
CA GLY F 277 4.85 6.34 -42.33
C GLY F 277 6.22 5.75 -42.13
N TYR F 278 6.31 4.69 -41.33
CA TYR F 278 7.59 4.04 -41.03
C TYR F 278 8.30 3.61 -42.30
N ILE F 279 7.51 3.16 -43.28
CA ILE F 279 8.08 2.74 -44.55
C ILE F 279 8.72 3.90 -45.30
N HIS F 280 8.18 5.10 -45.12
CA HIS F 280 8.80 6.30 -45.68
C HIS F 280 10.08 6.65 -44.90
N SER F 281 10.08 6.38 -43.61
CA SER F 281 11.28 6.59 -42.80
C SER F 281 12.45 5.71 -43.25
N LEU F 282 12.12 4.51 -43.73
CA LEU F 282 13.13 3.59 -44.21
C LEU F 282 13.55 3.97 -45.62
N GLY F 284 13.36 7.15 -46.77
CA GLY F 284 13.88 8.52 -46.79
C GLY F 284 12.87 9.50 -47.35
N ASN F 285 11.64 9.42 -46.86
CA ASN F 285 10.61 10.39 -47.17
C ASN F 285 10.09 10.94 -45.85
N PHE F 286 10.80 11.91 -45.29
CA PHE F 286 10.52 12.39 -43.92
C PHE F 286 9.34 13.34 -43.77
N GLU F 287 9.26 14.37 -44.60
CA GLU F 287 8.08 15.23 -44.62
C GLU F 287 6.86 14.35 -44.79
N ASN F 288 6.95 13.44 -45.74
CA ASN F 288 5.89 12.49 -46.05
C ASN F 288 5.66 11.53 -44.88
N ALA F 289 6.75 11.02 -44.30
CA ALA F 289 6.67 10.11 -43.16
C ALA F 289 6.00 10.77 -41.98
N VAL F 290 6.21 12.08 -41.85
CA VAL F 290 5.63 12.86 -40.77
C VAL F 290 4.14 13.07 -41.00
N ASP F 291 3.75 13.20 -42.26
CA ASP F 291 2.34 13.38 -42.57
C ASP F 291 1.53 12.19 -42.08
N TYR F 292 2.11 10.99 -42.19
CA TYR F 292 1.42 9.77 -41.78
C TYR F 292 1.53 9.56 -40.27
N PHE F 293 2.70 9.86 -39.72
CA PHE F 293 2.88 9.68 -38.29
C PHE F 293 2.00 10.67 -37.55
N HIS F 294 1.57 11.71 -38.25
CA HIS F 294 0.66 12.70 -37.68
C HIS F 294 -0.77 12.20 -37.67
N THR F 295 -1.21 11.70 -38.83
CA THR F 295 -2.57 11.23 -39.01
C THR F 295 -2.83 9.93 -38.26
N ALA F 296 -1.77 9.33 -37.72
CA ALA F 296 -1.89 8.15 -36.87
C ALA F 296 -2.26 8.56 -35.46
N LEU F 297 -1.64 9.63 -34.97
CA LEU F 297 -1.93 10.15 -33.64
C LEU F 297 -3.20 10.99 -33.65
N GLY F 298 -3.57 11.45 -34.84
CA GLY F 298 -4.86 12.07 -35.04
C GLY F 298 -5.97 11.05 -34.88
N LEU F 299 -5.58 9.80 -34.67
CA LEU F 299 -6.53 8.73 -34.38
C LEU F 299 -6.17 8.11 -33.03
N ARG F 300 -5.33 7.08 -33.05
CA ARG F 300 -4.83 6.51 -31.81
C ARG F 300 -3.85 7.53 -31.20
N ARG F 301 -3.99 7.80 -29.90
CA ARG F 301 -3.09 8.72 -29.23
C ARG F 301 -2.00 8.00 -28.40
N ASP F 302 -2.24 6.75 -28.05
CA ASP F 302 -1.23 5.94 -27.35
C ASP F 302 -0.40 5.15 -28.34
N ASP F 303 0.13 5.82 -29.34
CA ASP F 303 1.09 5.17 -30.23
C ASP F 303 2.49 5.51 -29.77
N THR F 304 3.07 4.61 -28.97
CA THR F 304 4.41 4.79 -28.45
C THR F 304 5.41 4.78 -29.60
N PHE F 305 5.16 3.93 -30.60
CA PHE F 305 6.06 3.79 -31.74
C PHE F 305 6.12 5.09 -32.53
N SER F 306 4.97 5.48 -33.08
CA SER F 306 4.88 6.67 -33.90
C SER F 306 5.47 7.91 -33.23
N VAL F 307 5.32 8.00 -31.91
CA VAL F 307 5.78 9.15 -31.14
C VAL F 307 7.30 9.24 -31.06
N THR F 308 7.94 8.07 -30.93
CA THR F 308 9.40 8.01 -30.86
C THR F 308 9.99 8.23 -32.23
N LEU F 310 8.52 10.02 -34.72
CA LEU F 310 8.36 11.45 -34.97
C LEU F 310 9.53 12.19 -34.37
N GLY F 311 10.05 11.65 -33.28
CA GLY F 311 11.23 12.21 -32.65
C GLY F 311 12.38 12.21 -33.63
N HIS F 312 12.83 11.03 -34.03
CA HIS F 312 14.00 10.93 -34.88
C HIS F 312 13.83 11.83 -36.10
N CYS F 313 12.59 11.96 -36.56
CA CYS F 313 12.28 12.80 -37.71
C CYS F 313 12.56 14.27 -37.47
N ILE F 314 12.53 14.68 -36.20
CA ILE F 314 12.75 16.09 -35.85
C ILE F 314 14.19 16.40 -35.43
N GLU F 315 14.86 15.45 -34.77
CA GLU F 315 16.28 15.59 -34.49
C GLU F 315 16.99 15.81 -35.81
N TYR F 317 15.65 17.09 -38.40
CA TYR F 317 15.19 18.33 -39.02
C TYR F 317 16.07 19.50 -38.60
N ILE F 318 16.66 19.39 -37.41
CA ILE F 318 17.65 20.38 -36.98
C ILE F 318 18.99 20.12 -37.67
N GLY F 319 19.00 20.32 -38.99
CA GLY F 319 20.13 20.09 -39.85
C GLY F 319 19.70 20.39 -41.27
N ASP F 320 18.83 21.40 -41.40
CA ASP F 320 18.19 21.79 -42.65
C ASP F 320 19.10 21.60 -43.87
N LEU G 2 10.60 -39.81 -15.25
CA LEU G 2 10.65 -39.31 -13.88
C LEU G 2 9.27 -39.35 -13.25
N ARG G 3 9.21 -39.58 -11.95
CA ARG G 3 7.93 -39.61 -11.24
C ARG G 3 7.97 -38.75 -9.97
N ARG G 4 6.79 -38.29 -9.56
CA ARG G 4 6.66 -37.64 -8.26
C ARG G 4 6.07 -38.60 -7.23
N LYS G 5 6.50 -38.42 -5.98
CA LYS G 5 6.05 -39.25 -4.88
C LYS G 5 4.52 -39.37 -4.86
N PRO G 6 4.03 -40.56 -4.50
CA PRO G 6 2.61 -40.93 -4.56
C PRO G 6 1.79 -39.99 -3.71
N THR G 7 0.86 -39.26 -4.32
CA THR G 7 0.12 -38.25 -3.59
C THR G 7 -0.40 -38.84 -2.27
N ARG G 8 -0.23 -38.07 -1.19
CA ARG G 8 -0.64 -38.50 0.16
C ARG G 8 -1.87 -37.73 0.65
N LEU G 9 -2.84 -38.46 1.19
CA LEU G 9 -4.09 -37.85 1.63
C LEU G 9 -3.93 -37.23 3.02
N GLU G 10 -4.66 -36.14 3.26
CA GLU G 10 -4.55 -35.35 4.49
C GLU G 10 -5.89 -34.74 4.89
N LEU G 11 -6.03 -34.38 6.16
CA LEU G 11 -7.31 -33.98 6.74
C LEU G 11 -7.78 -32.56 6.45
N LYS G 12 -8.98 -32.43 5.90
CA LYS G 12 -9.60 -31.13 5.66
C LYS G 12 -10.34 -30.66 6.92
N LEU G 13 -11.03 -29.53 6.81
CA LEU G 13 -11.89 -29.06 7.89
C LEU G 13 -13.34 -29.41 7.59
N ASP G 14 -13.63 -29.61 6.31
CA ASP G 14 -14.93 -30.10 5.87
C ASP G 14 -15.01 -31.57 6.22
N ASP G 15 -13.88 -32.15 6.62
CA ASP G 15 -13.80 -33.54 7.04
C ASP G 15 -14.29 -33.69 8.48
N ILE G 16 -14.26 -32.59 9.23
CA ILE G 16 -14.84 -32.58 10.56
C ILE G 16 -16.33 -32.89 10.46
N GLU G 17 -16.89 -32.60 9.30
CA GLU G 17 -18.31 -32.77 9.04
C GLU G 17 -18.83 -34.14 9.42
N GLU G 18 -17.97 -35.16 9.33
CA GLU G 18 -18.33 -36.53 9.68
C GLU G 18 -18.66 -36.63 11.16
N PHE G 19 -17.83 -35.96 11.94
CA PHE G 19 -17.99 -35.84 13.38
C PHE G 19 -19.23 -35.01 13.71
N GLU G 20 -19.56 -34.04 12.86
CA GLU G 20 -20.76 -33.23 13.02
C GLU G 20 -22.01 -34.10 13.00
N ASN G 21 -22.16 -34.84 11.90
CA ASN G 21 -23.32 -35.68 11.68
C ASN G 21 -23.44 -36.77 12.72
N ILE G 22 -22.35 -37.03 13.44
CA ILE G 22 -22.34 -38.08 14.44
C ILE G 22 -23.11 -37.66 15.71
N ARG G 23 -23.04 -36.38 16.07
CA ARG G 23 -23.86 -35.85 17.16
C ARG G 23 -25.31 -35.86 16.71
N LYS G 24 -25.61 -34.93 15.81
CA LYS G 24 -26.96 -34.71 15.33
C LYS G 24 -27.71 -36.01 15.10
N ASP G 25 -27.03 -36.98 14.47
CA ASP G 25 -27.61 -38.31 14.27
C ASP G 25 -27.64 -39.09 15.57
N GLN H 19 35.77 -54.22 -29.89
CA GLN H 19 34.41 -53.72 -30.08
C GLN H 19 33.63 -53.77 -28.78
N GLU H 20 32.57 -52.97 -28.68
CA GLU H 20 31.79 -52.94 -27.45
C GLU H 20 30.42 -52.26 -27.54
N ASN H 21 29.39 -53.10 -27.66
CA ASN H 21 28.00 -52.67 -27.76
C ASN H 21 27.28 -52.75 -26.42
N LEU H 22 26.78 -51.62 -25.93
CA LEU H 22 26.08 -51.59 -24.64
C LEU H 22 24.60 -51.19 -24.74
N ASP H 23 24.19 -50.69 -25.90
CA ASP H 23 22.85 -50.15 -26.08
C ASP H 23 21.73 -51.13 -25.65
N VAL H 24 22.08 -52.41 -25.55
CA VAL H 24 21.12 -53.43 -25.14
C VAL H 24 20.83 -53.35 -23.65
N VAL H 25 21.76 -52.77 -22.90
CA VAL H 25 21.56 -52.57 -21.48
C VAL H 25 20.48 -51.52 -21.24
N VAL H 26 20.62 -50.41 -21.93
CA VAL H 26 19.77 -49.25 -21.70
C VAL H 26 18.30 -49.56 -22.00
N SER H 27 18.04 -50.73 -22.57
CA SER H 27 16.67 -51.19 -22.75
C SER H 27 16.22 -51.91 -21.48
N LEU H 28 17.11 -52.74 -20.94
CA LEU H 28 16.82 -53.47 -19.73
C LEU H 28 16.84 -52.54 -18.53
N ALA H 29 17.76 -51.57 -18.56
CA ALA H 29 17.82 -50.56 -17.53
C ALA H 29 16.49 -49.83 -17.46
N GLU H 30 15.93 -49.53 -18.62
CA GLU H 30 14.62 -48.90 -18.66
C GLU H 30 13.52 -49.88 -18.24
N ARG H 31 13.63 -51.12 -18.70
CA ARG H 31 12.62 -52.14 -18.41
C ARG H 31 12.36 -52.29 -16.92
N HIS H 32 13.37 -51.95 -16.11
CA HIS H 32 13.26 -52.05 -14.65
C HIS H 32 12.74 -50.78 -14.01
N TYR H 33 12.96 -49.65 -14.68
CA TYR H 33 12.48 -48.38 -14.20
C TYR H 33 10.95 -48.35 -14.24
N TYR H 34 10.39 -48.77 -15.37
CA TYR H 34 8.94 -48.76 -15.54
C TYR H 34 8.25 -49.76 -14.60
N ASN H 35 8.76 -50.99 -14.57
CA ASN H 35 8.23 -51.99 -13.66
C ASN H 35 8.56 -51.69 -12.19
N CYS H 36 9.36 -50.65 -11.99
CA CYS H 36 9.63 -50.12 -10.65
C CYS H 36 10.55 -51.00 -9.79
N ASP H 37 11.54 -51.61 -10.42
CA ASP H 37 12.62 -52.22 -9.66
C ASP H 37 13.87 -51.35 -9.78
N PHE H 38 14.00 -50.36 -8.90
CA PHE H 38 15.10 -49.42 -9.00
C PHE H 38 16.41 -50.04 -8.51
N LYS H 39 16.32 -50.78 -7.41
CA LYS H 39 17.43 -51.53 -6.86
C LYS H 39 18.35 -52.05 -7.96
N CYS H 41 17.80 -51.71 -11.45
CA CYS H 41 17.98 -50.71 -12.49
C CYS H 41 19.16 -49.79 -12.16
N TYR H 42 19.40 -49.57 -10.87
CA TYR H 42 20.53 -48.75 -10.47
C TYR H 42 21.87 -49.39 -10.84
N LYS H 43 22.02 -50.67 -10.53
CA LYS H 43 23.28 -51.35 -10.79
C LYS H 43 23.46 -51.63 -12.27
N LEU H 44 22.35 -51.55 -13.01
CA LEU H 44 22.36 -51.67 -14.46
C LEU H 44 22.86 -50.37 -15.08
N THR H 45 22.49 -49.27 -14.46
CA THR H 45 22.83 -47.96 -14.97
C THR H 45 24.30 -47.63 -14.71
N SER H 46 24.72 -47.66 -13.45
CA SER H 46 26.10 -47.30 -13.13
C SER H 46 27.09 -48.11 -13.97
N VAL H 47 26.61 -49.21 -14.56
CA VAL H 47 27.42 -49.97 -15.49
C VAL H 47 27.63 -49.19 -16.77
N VAL H 48 26.54 -48.72 -17.35
CA VAL H 48 26.58 -47.93 -18.57
C VAL H 48 27.34 -46.61 -18.35
N GLU H 50 29.71 -46.22 -16.28
CA GLU H 50 31.11 -46.55 -16.11
C GLU H 50 31.82 -46.50 -17.46
N LYS H 51 31.11 -46.87 -18.51
CA LYS H 51 31.67 -46.85 -19.86
C LYS H 51 31.49 -45.49 -20.54
N ASP H 52 30.28 -44.92 -20.44
CA ASP H 52 29.96 -43.68 -21.13
C ASP H 52 28.94 -42.84 -20.36
N PRO H 53 29.42 -41.87 -19.58
CA PRO H 53 28.57 -41.10 -18.67
C PRO H 53 27.57 -40.22 -19.42
N PHE H 54 28.06 -39.40 -20.34
CA PHE H 54 27.21 -38.47 -21.08
C PHE H 54 26.29 -39.16 -22.09
N HIS H 55 25.89 -40.39 -21.79
CA HIS H 55 24.95 -41.13 -22.63
C HIS H 55 23.59 -40.44 -22.58
N ALA H 56 23.27 -39.69 -23.62
CA ALA H 56 22.09 -38.82 -23.62
C ALA H 56 20.77 -39.53 -23.30
N SER H 57 20.69 -40.82 -23.62
CA SER H 57 19.47 -41.59 -23.36
C SER H 57 19.52 -42.36 -22.05
N CYS H 58 20.71 -42.43 -21.45
CA CYS H 58 20.89 -43.17 -20.20
C CYS H 58 20.79 -42.28 -18.95
N LEU H 59 21.50 -41.16 -18.98
CA LEU H 59 21.48 -40.20 -17.87
C LEU H 59 20.07 -39.83 -17.38
N PRO H 60 19.09 -39.76 -18.30
CA PRO H 60 17.71 -39.52 -17.86
C PRO H 60 17.21 -40.61 -16.91
N VAL H 61 17.73 -41.82 -17.06
CA VAL H 61 17.33 -42.95 -16.23
C VAL H 61 18.18 -43.05 -14.96
N HIS H 62 19.49 -42.89 -15.12
CA HIS H 62 20.40 -42.90 -13.98
C HIS H 62 20.13 -41.73 -13.03
N ILE H 63 19.76 -40.58 -13.58
CA ILE H 63 19.36 -39.43 -12.77
C ILE H 63 18.05 -39.73 -12.05
N GLY H 64 17.11 -40.33 -12.78
CA GLY H 64 15.81 -40.72 -12.25
C GLY H 64 15.89 -41.72 -11.10
N THR H 65 16.68 -42.79 -11.26
CA THR H 65 16.79 -43.80 -10.21
C THR H 65 17.55 -43.32 -8.98
N LEU H 66 18.38 -42.29 -9.15
CA LEU H 66 19.09 -41.68 -8.04
C LEU H 66 18.12 -40.96 -7.11
N VAL H 67 17.10 -40.37 -7.72
CA VAL H 67 16.02 -39.73 -6.98
C VAL H 67 15.23 -40.80 -6.24
N GLU H 68 14.91 -41.87 -6.95
CA GLU H 68 14.02 -42.91 -6.43
C GLU H 68 14.71 -43.76 -5.35
N LEU H 69 16.03 -43.61 -5.26
CA LEU H 69 16.77 -44.28 -4.21
C LEU H 69 17.26 -43.30 -3.14
N ASN H 70 16.98 -42.01 -3.35
CA ASN H 70 17.43 -40.96 -2.41
C ASN H 70 18.94 -40.78 -2.29
N LYS H 71 19.67 -41.11 -3.36
CA LYS H 71 21.11 -40.87 -3.43
C LYS H 71 21.39 -39.36 -3.50
N ALA H 72 20.98 -38.61 -2.48
CA ALA H 72 21.19 -37.16 -2.45
C ALA H 72 22.65 -36.79 -2.63
N ASN H 73 23.55 -37.56 -2.02
CA ASN H 73 24.99 -37.39 -2.20
C ASN H 73 25.37 -37.51 -3.68
N GLU H 74 25.33 -38.75 -4.19
CA GLU H 74 25.66 -39.04 -5.59
C GLU H 74 25.10 -38.02 -6.59
N LEU H 75 23.79 -37.80 -6.55
CA LEU H 75 23.16 -36.89 -7.49
C LEU H 75 23.62 -35.46 -7.26
N PHE H 76 23.90 -35.14 -6.00
CA PHE H 76 24.42 -33.83 -5.64
C PHE H 76 25.71 -33.56 -6.40
N TYR H 77 26.66 -34.47 -6.31
CA TYR H 77 27.93 -34.34 -7.02
C TYR H 77 27.73 -34.39 -8.53
N LEU H 78 27.11 -35.47 -9.02
CA LEU H 78 26.87 -35.64 -10.45
C LEU H 78 26.17 -34.42 -11.04
N SER H 79 25.02 -34.10 -10.48
CA SER H 79 24.18 -33.02 -10.99
C SER H 79 24.98 -31.74 -11.25
N HIS H 80 25.96 -31.44 -10.39
CA HIS H 80 26.73 -30.20 -10.48
C HIS H 80 28.05 -30.30 -11.24
N LYS H 81 28.73 -31.43 -11.10
CA LYS H 81 29.94 -31.68 -11.88
C LYS H 81 29.58 -31.77 -13.36
N LEU H 82 28.32 -32.07 -13.63
CA LEU H 82 27.78 -32.06 -14.99
C LEU H 82 27.62 -30.63 -15.50
N VAL H 83 27.08 -29.75 -14.66
CA VAL H 83 26.88 -28.37 -15.05
C VAL H 83 28.22 -27.67 -15.21
N ASP H 84 29.26 -28.29 -14.64
CA ASP H 84 30.62 -27.75 -14.75
C ASP H 84 31.26 -28.06 -16.11
N LEU H 85 31.51 -29.34 -16.39
CA LEU H 85 32.25 -29.71 -17.59
C LEU H 85 31.37 -30.08 -18.77
N TYR H 86 30.15 -29.56 -18.79
CA TYR H 86 29.21 -29.79 -19.89
C TYR H 86 28.04 -28.81 -19.80
N PRO H 87 28.32 -27.51 -19.81
CA PRO H 87 27.28 -26.46 -19.76
C PRO H 87 26.63 -26.25 -21.12
N SER H 88 26.53 -27.32 -21.90
CA SER H 88 26.04 -27.22 -23.27
C SER H 88 24.86 -28.17 -23.49
N ASN H 89 24.93 -29.36 -22.88
CA ASN H 89 23.83 -30.31 -22.91
C ASN H 89 22.74 -29.82 -21.95
N PRO H 90 21.47 -30.04 -22.32
CA PRO H 90 20.39 -29.69 -21.38
C PRO H 90 20.44 -30.59 -20.16
N VAL H 91 20.88 -31.83 -20.37
CA VAL H 91 20.90 -32.83 -19.31
C VAL H 91 21.49 -32.28 -18.01
N SER H 92 22.57 -31.53 -18.11
CA SER H 92 23.27 -31.06 -16.91
C SER H 92 22.38 -30.22 -16.00
N TRP H 93 21.44 -29.48 -16.58
CA TRP H 93 20.49 -28.66 -15.82
C TRP H 93 19.29 -29.45 -15.35
N PHE H 94 18.80 -30.33 -16.22
CA PHE H 94 17.84 -31.33 -15.80
C PHE H 94 18.35 -32.01 -14.53
N ALA H 95 19.62 -32.40 -14.53
CA ALA H 95 20.24 -33.11 -13.41
C ALA H 95 20.19 -32.30 -12.13
N VAL H 96 20.41 -31.00 -12.25
CA VAL H 96 20.40 -30.12 -11.08
C VAL H 96 18.96 -29.73 -10.73
N GLY H 97 18.11 -29.61 -11.75
CA GLY H 97 16.69 -29.41 -11.55
C GLY H 97 16.14 -30.53 -10.67
N CYS H 98 16.26 -31.76 -11.14
CA CYS H 98 15.85 -32.94 -10.37
C CYS H 98 16.41 -32.95 -8.95
N TYR H 99 17.61 -32.40 -8.78
CA TYR H 99 18.26 -32.41 -7.48
C TYR H 99 17.46 -31.59 -6.48
N TYR H 100 17.06 -30.41 -6.90
CA TYR H 100 16.34 -29.48 -6.04
C TYR H 100 14.89 -29.91 -5.82
N LEU H 101 14.35 -30.69 -6.76
CA LEU H 101 12.99 -31.18 -6.63
C LEU H 101 12.89 -32.22 -5.53
N VAL H 103 14.77 -32.59 -3.07
CA VAL H 103 15.19 -32.09 -1.76
C VAL H 103 14.96 -30.59 -1.54
N GLY H 104 16.01 -29.87 -1.14
CA GLY H 104 15.91 -28.49 -0.66
C GLY H 104 14.78 -27.68 -1.22
N HIS H 105 13.97 -27.10 -0.34
CA HIS H 105 12.79 -26.35 -0.78
C HIS H 105 13.15 -25.11 -1.60
N LYS H 106 14.29 -25.18 -2.27
CA LYS H 106 14.63 -24.22 -3.30
C LYS H 106 13.79 -24.55 -4.54
N ASN H 107 12.50 -24.80 -4.32
CA ASN H 107 11.58 -25.10 -5.41
C ASN H 107 11.63 -24.00 -6.47
N GLU H 108 11.93 -22.79 -6.03
CA GLU H 108 12.15 -21.68 -6.94
C GLU H 108 13.34 -22.02 -7.83
N HIS H 109 14.44 -22.44 -7.20
CA HIS H 109 15.65 -22.80 -7.92
C HIS H 109 15.36 -23.78 -9.04
N ALA H 110 14.77 -24.92 -8.68
CA ALA H 110 14.54 -26.02 -9.61
C ALA H 110 13.86 -25.56 -10.89
N ARG H 111 12.73 -24.90 -10.73
CA ARG H 111 11.95 -24.41 -11.86
C ARG H 111 12.83 -23.60 -12.81
N ARG H 112 13.86 -22.96 -12.26
CA ARG H 112 14.78 -22.15 -13.06
C ARG H 112 15.78 -22.98 -13.86
N TYR H 113 16.23 -24.11 -13.29
CA TYR H 113 17.21 -24.97 -13.95
C TYR H 113 16.60 -25.87 -15.04
N LEU H 114 15.34 -26.25 -14.86
CA LEU H 114 14.63 -27.00 -15.88
C LEU H 114 14.32 -26.10 -17.07
N SER H 115 13.85 -24.90 -16.77
CA SER H 115 13.58 -23.90 -17.79
C SER H 115 14.83 -23.56 -18.62
N LYS H 116 15.97 -23.45 -17.95
CA LYS H 116 17.23 -23.21 -18.64
C LYS H 116 17.67 -24.39 -19.52
N ALA H 117 17.00 -25.54 -19.34
CA ALA H 117 17.25 -26.72 -20.17
C ALA H 117 16.29 -26.75 -21.34
N THR H 118 15.00 -26.57 -21.05
CA THR H 118 13.98 -26.51 -22.09
C THR H 118 14.34 -25.42 -23.08
N THR H 119 14.66 -24.24 -22.57
CA THR H 119 15.06 -23.11 -23.41
C THR H 119 16.51 -23.25 -23.88
N LEU H 120 17.09 -24.43 -23.63
CA LEU H 120 18.40 -24.78 -24.19
C LEU H 120 18.24 -25.86 -25.27
N GLU H 121 17.15 -26.61 -25.19
CA GLU H 121 16.71 -27.54 -26.24
C GLU H 121 15.25 -27.87 -25.97
N LYS H 122 14.37 -27.14 -26.63
CA LYS H 122 12.93 -27.25 -26.37
C LYS H 122 12.38 -28.65 -26.57
N THR H 123 13.08 -29.49 -27.33
CA THR H 123 12.61 -30.83 -27.65
C THR H 123 13.13 -31.87 -26.65
N TYR H 124 13.65 -31.39 -25.52
CA TYR H 124 14.02 -32.29 -24.43
C TYR H 124 12.78 -32.55 -23.59
N GLY H 125 12.30 -33.80 -23.64
CA GLY H 125 11.12 -34.20 -22.90
C GLY H 125 11.29 -34.23 -21.39
N PRO H 126 12.30 -34.97 -20.90
CA PRO H 126 12.45 -35.17 -19.46
C PRO H 126 12.46 -33.87 -18.66
N ALA H 127 12.75 -32.74 -19.30
CA ALA H 127 12.77 -31.48 -18.55
C ALA H 127 11.35 -30.94 -18.42
N TRP H 128 10.52 -31.24 -19.41
CA TRP H 128 9.13 -30.78 -19.40
C TRP H 128 8.29 -31.49 -18.34
N ILE H 129 8.43 -32.80 -18.26
CA ILE H 129 7.72 -33.58 -17.25
C ILE H 129 8.16 -33.16 -15.85
N ALA H 130 9.44 -32.84 -15.70
CA ALA H 130 9.95 -32.35 -14.42
C ALA H 130 9.39 -30.97 -14.11
N TYR H 131 9.49 -30.08 -15.09
CA TYR H 131 8.90 -28.75 -14.97
C TYR H 131 7.47 -28.90 -14.44
N GLY H 132 6.64 -29.60 -15.19
CA GLY H 132 5.25 -29.81 -14.80
C GLY H 132 5.12 -30.28 -13.36
N HIS H 133 6.05 -31.11 -12.93
CA HIS H 133 6.06 -31.61 -11.55
C HIS H 133 6.23 -30.49 -10.53
N SER H 134 6.96 -29.45 -10.92
CA SER H 134 7.28 -28.35 -10.02
C SER H 134 6.06 -27.50 -9.72
N PHE H 135 5.23 -27.28 -10.75
CA PHE H 135 3.96 -26.59 -10.57
C PHE H 135 2.94 -27.49 -9.87
N ALA H 136 2.91 -28.75 -10.28
CA ALA H 136 1.96 -29.73 -9.74
C ALA H 136 1.99 -29.80 -8.22
N VAL H 137 3.15 -29.56 -7.63
CA VAL H 137 3.33 -29.57 -6.17
C VAL H 137 2.88 -28.25 -5.53
N GLU H 138 3.09 -27.14 -6.24
CA GLU H 138 2.58 -25.83 -5.82
C GLU H 138 1.09 -25.76 -6.14
N SER H 139 0.57 -26.87 -6.67
CA SER H 139 -0.86 -27.04 -6.97
C SER H 139 -1.43 -26.09 -8.02
N GLU H 140 -0.58 -25.60 -8.93
CA GLU H 140 -1.06 -24.83 -10.07
C GLU H 140 -1.33 -25.77 -11.23
N HIS H 141 -2.59 -26.17 -11.37
CA HIS H 141 -2.95 -27.24 -12.28
C HIS H 141 -2.93 -26.79 -13.73
N ASP H 142 -2.75 -25.49 -13.96
CA ASP H 142 -2.72 -24.95 -15.32
C ASP H 142 -1.36 -25.11 -16.01
N GLN H 143 -0.33 -24.53 -15.40
CA GLN H 143 1.04 -24.63 -15.90
C GLN H 143 1.59 -26.04 -15.71
N ALA H 144 1.02 -26.77 -14.75
CA ALA H 144 1.39 -28.15 -14.52
C ALA H 144 0.92 -28.98 -15.71
N ALA H 146 0.13 -27.74 -18.91
CA ALA H 146 0.74 -27.29 -20.16
C ALA H 146 2.11 -27.90 -20.37
N ALA H 147 2.72 -28.38 -19.30
CA ALA H 147 4.02 -29.03 -19.39
C ALA H 147 3.89 -30.53 -19.65
N TYR H 148 2.97 -31.18 -18.94
CA TYR H 148 2.79 -32.62 -19.09
C TYR H 148 2.36 -32.97 -20.51
N PHE H 149 1.46 -32.17 -21.07
CA PHE H 149 0.98 -32.38 -22.43
C PHE H 149 2.06 -32.26 -23.49
N THR H 150 3.01 -31.34 -23.29
CA THR H 150 4.13 -31.18 -24.21
C THR H 150 5.09 -32.34 -24.05
N ALA H 151 5.22 -32.84 -22.82
CA ALA H 151 6.11 -33.98 -22.57
C ALA H 151 5.64 -35.25 -23.28
N ALA H 152 4.33 -35.46 -23.37
CA ALA H 152 3.80 -36.63 -24.06
C ALA H 152 4.12 -36.60 -25.56
N GLN H 153 4.30 -35.41 -26.09
CA GLN H 153 4.62 -35.23 -27.51
C GLN H 153 6.08 -35.58 -27.75
N LEU H 154 6.87 -35.49 -26.69
CA LEU H 154 8.30 -35.72 -26.78
C LEU H 154 8.64 -37.14 -26.42
N LYS H 156 6.83 -40.01 -26.52
CA LYS H 156 5.71 -40.82 -26.97
C LYS H 156 6.05 -42.29 -26.68
N GLY H 157 5.10 -43.01 -26.11
CA GLY H 157 5.35 -44.37 -25.66
C GLY H 157 5.56 -44.48 -24.17
N CYS H 158 5.99 -43.39 -23.53
CA CYS H 158 6.05 -43.35 -22.08
C CYS H 158 4.64 -43.12 -21.52
N HIS H 159 4.36 -43.71 -20.36
CA HIS H 159 3.04 -43.57 -19.76
C HIS H 159 3.02 -42.54 -18.64
N LEU H 160 4.21 -42.16 -18.17
CA LEU H 160 4.32 -41.17 -17.08
C LEU H 160 3.68 -39.83 -17.43
N PRO H 161 3.90 -39.32 -18.65
CA PRO H 161 3.19 -38.08 -18.96
C PRO H 161 1.68 -38.29 -18.84
N LEU H 163 -0.13 -40.64 -17.08
CA LEU H 163 -0.58 -40.79 -15.69
C LEU H 163 -0.77 -39.43 -15.04
N TYR H 164 0.12 -38.49 -15.34
CA TYR H 164 0.14 -37.21 -14.63
C TYR H 164 -0.85 -36.14 -15.13
N ILE H 165 -1.21 -36.20 -16.41
CA ILE H 165 -2.32 -35.39 -16.87
C ILE H 165 -3.61 -36.01 -16.36
N GLY H 166 -3.61 -37.34 -16.27
CA GLY H 166 -4.74 -38.07 -15.71
C GLY H 166 -5.06 -37.67 -14.29
N LEU H 167 -4.07 -37.71 -13.41
CA LEU H 167 -4.27 -37.29 -12.02
C LEU H 167 -4.77 -35.85 -11.97
N GLU H 168 -4.15 -34.98 -12.76
CA GLU H 168 -4.44 -33.55 -12.67
C GLU H 168 -5.88 -33.22 -13.05
N TYR H 169 -6.41 -33.95 -14.03
CA TYR H 169 -7.82 -33.84 -14.40
C TYR H 169 -8.71 -34.32 -13.25
N GLY H 170 -8.26 -35.36 -12.56
CA GLY H 170 -9.00 -35.88 -11.43
C GLY H 170 -9.20 -34.80 -10.37
N LEU H 171 -8.12 -34.10 -10.04
CA LEU H 171 -8.14 -33.09 -8.98
C LEU H 171 -8.75 -31.79 -9.47
N THR H 172 -9.53 -31.86 -10.54
CA THR H 172 -10.19 -30.68 -11.08
C THR H 172 -11.62 -30.99 -11.51
N ASN H 173 -12.11 -32.14 -11.04
CA ASN H 173 -13.49 -32.56 -11.32
C ASN H 173 -13.72 -32.95 -12.77
N ASN H 174 -12.62 -33.03 -13.52
CA ASN H 174 -12.62 -33.66 -14.84
C ASN H 174 -12.41 -35.16 -14.71
N SER H 175 -13.45 -35.88 -14.31
CA SER H 175 -13.29 -37.30 -13.97
C SER H 175 -13.41 -38.25 -15.15
N LYS H 176 -13.93 -37.75 -16.28
CA LYS H 176 -14.02 -38.60 -17.48
C LYS H 176 -12.72 -38.56 -18.29
N LEU H 177 -12.02 -37.43 -18.20
CA LEU H 177 -10.73 -37.27 -18.85
C LEU H 177 -9.63 -37.83 -17.96
N ALA H 178 -9.81 -37.69 -16.65
CA ALA H 178 -8.90 -38.31 -15.71
C ALA H 178 -8.89 -39.82 -15.93
N GLU H 179 -10.07 -40.41 -16.01
CA GLU H 179 -10.19 -41.84 -16.26
C GLU H 179 -9.61 -42.20 -17.63
N ARG H 180 -9.81 -41.32 -18.60
CA ARG H 180 -9.41 -41.60 -19.98
C ARG H 180 -7.90 -41.72 -20.17
N PHE H 181 -7.15 -41.00 -19.34
CA PHE H 181 -5.68 -41.07 -19.36
C PHE H 181 -5.15 -42.22 -18.49
N PHE H 182 -5.80 -42.45 -17.35
CA PHE H 182 -5.39 -43.52 -16.44
C PHE H 182 -5.42 -44.89 -17.10
N SER H 183 -6.49 -45.17 -17.85
CA SER H 183 -6.61 -46.48 -18.50
C SER H 183 -5.61 -46.58 -19.65
N GLN H 184 -5.17 -45.42 -20.15
CA GLN H 184 -4.12 -45.38 -21.18
C GLN H 184 -2.74 -45.71 -20.62
N ALA H 185 -2.39 -45.15 -19.46
CA ALA H 185 -1.14 -45.48 -18.78
C ALA H 185 -1.15 -46.91 -18.26
N LEU H 186 -2.34 -47.43 -17.97
CA LEU H 186 -2.48 -48.80 -17.50
C LEU H 186 -2.21 -49.81 -18.62
N SER H 187 -2.69 -49.49 -19.82
CA SER H 187 -2.47 -50.35 -20.97
C SER H 187 -1.08 -50.09 -21.54
N ILE H 188 -0.12 -49.86 -20.65
CA ILE H 188 1.28 -49.69 -21.04
C ILE H 188 2.15 -50.31 -19.97
N ALA H 189 2.09 -49.75 -18.76
CA ALA H 189 2.66 -50.39 -17.60
C ALA H 189 1.52 -50.78 -16.67
N PRO H 190 0.98 -51.99 -16.86
CA PRO H 190 -0.18 -52.49 -16.11
C PRO H 190 0.23 -53.05 -14.77
N GLU H 191 1.53 -53.20 -14.58
CA GLU H 191 2.08 -53.58 -13.28
C GLU H 191 2.82 -52.39 -12.65
N ASP H 192 2.26 -51.20 -12.84
CA ASP H 192 2.80 -50.00 -12.22
C ASP H 192 1.95 -49.66 -11.03
N PRO H 193 2.51 -49.83 -9.83
CA PRO H 193 1.79 -49.57 -8.57
C PRO H 193 1.37 -48.10 -8.47
N PHE H 194 2.28 -47.18 -8.80
CA PHE H 194 2.00 -45.75 -8.72
C PHE H 194 0.83 -45.34 -9.59
N VAL H 195 0.58 -46.08 -10.67
CA VAL H 195 -0.56 -45.82 -11.52
C VAL H 195 -1.82 -46.41 -10.90
N HIS H 197 -2.05 -46.51 -7.64
CA HIS H 197 -2.20 -45.63 -6.49
C HIS H 197 -2.95 -44.35 -6.86
N GLU H 198 -2.46 -43.63 -7.86
CA GLU H 198 -3.07 -42.35 -8.23
C GLU H 198 -4.54 -42.52 -8.59
N VAL H 199 -4.88 -43.63 -9.24
CA VAL H 199 -6.25 -43.85 -9.69
C VAL H 199 -7.24 -43.88 -8.54
N GLY H 200 -6.88 -44.59 -7.46
CA GLY H 200 -7.72 -44.66 -6.28
C GLY H 200 -7.75 -43.33 -5.54
N VAL H 201 -6.60 -42.66 -5.50
CA VAL H 201 -6.52 -41.33 -4.93
C VAL H 201 -7.58 -40.43 -5.54
N VAL H 202 -7.77 -40.57 -6.85
CA VAL H 202 -8.77 -39.78 -7.56
C VAL H 202 -10.18 -40.26 -7.20
N ALA H 203 -10.36 -41.57 -7.20
CA ALA H 203 -11.65 -42.14 -6.84
C ALA H 203 -12.09 -41.60 -5.49
N PHE H 204 -11.11 -41.46 -4.58
CA PHE H 204 -11.39 -41.00 -3.22
C PHE H 204 -12.06 -39.63 -3.21
N GLN H 205 -11.52 -38.69 -3.96
CA GLN H 205 -12.01 -37.31 -3.92
C GLN H 205 -13.35 -37.13 -4.62
N ASN H 206 -13.67 -38.02 -5.56
CA ASN H 206 -15.00 -38.06 -6.17
C ASN H 206 -16.04 -38.44 -5.14
N GLY H 207 -15.57 -38.96 -4.01
CA GLY H 207 -16.44 -39.43 -2.95
C GLY H 207 -16.64 -40.93 -2.97
N GLU H 208 -16.06 -41.58 -3.98
CA GLU H 208 -16.18 -43.03 -4.17
C GLU H 208 -15.21 -43.82 -3.28
N TRP H 209 -15.46 -43.76 -1.98
CA TRP H 209 -14.58 -44.37 -1.00
C TRP H 209 -14.58 -45.89 -1.07
N LYS H 210 -15.60 -46.46 -1.72
CA LYS H 210 -15.69 -47.91 -1.83
C LYS H 210 -14.79 -48.44 -2.95
N THR H 211 -14.80 -47.75 -4.10
CA THR H 211 -13.96 -48.10 -5.23
C THR H 211 -12.58 -47.46 -5.13
N ALA H 212 -12.38 -46.68 -4.08
CA ALA H 212 -11.07 -46.13 -3.76
C ALA H 212 -10.20 -47.15 -3.01
N GLU H 213 -10.84 -47.97 -2.17
CA GLU H 213 -10.12 -48.97 -1.37
C GLU H 213 -9.45 -50.07 -2.18
N LYS H 214 -10.07 -50.50 -3.28
CA LYS H 214 -9.52 -51.60 -4.07
C LYS H 214 -8.24 -51.24 -4.83
N TRP H 215 -8.13 -49.99 -5.28
CA TRP H 215 -6.90 -49.53 -5.95
C TRP H 215 -5.67 -49.48 -5.03
N PHE H 216 -5.88 -49.19 -3.74
CA PHE H 216 -4.77 -49.15 -2.80
C PHE H 216 -4.30 -50.54 -2.37
N LEU H 217 -5.26 -51.44 -2.13
CA LEU H 217 -4.95 -52.84 -1.85
C LEU H 217 -4.46 -53.59 -3.09
N ASP H 218 -4.65 -52.99 -4.27
CA ASP H 218 -4.17 -53.57 -5.53
C ASP H 218 -2.78 -53.06 -5.89
N ALA H 219 -2.43 -51.88 -5.40
CA ALA H 219 -1.08 -51.35 -5.51
C ALA H 219 -0.25 -51.96 -4.39
N LEU H 220 -0.92 -52.74 -3.53
CA LEU H 220 -0.29 -53.40 -2.42
C LEU H 220 -0.11 -54.89 -2.73
N GLU H 221 -1.06 -55.44 -3.47
CA GLU H 221 -0.93 -56.78 -4.02
C GLU H 221 -0.06 -56.70 -5.27
N LYS H 222 1.04 -55.97 -5.15
CA LYS H 222 2.06 -55.90 -6.19
C LYS H 222 3.36 -55.48 -5.51
N ILE H 223 3.25 -54.51 -4.60
CA ILE H 223 4.41 -54.05 -3.84
C ILE H 223 4.72 -55.02 -2.71
N LYS H 224 4.18 -56.23 -2.84
CA LYS H 224 4.63 -57.34 -2.02
C LYS H 224 5.54 -58.18 -2.90
N ALA H 225 5.35 -58.05 -4.20
CA ALA H 225 6.14 -58.76 -5.20
C ALA H 225 7.20 -57.86 -5.85
N ILE H 226 7.35 -56.65 -5.31
CA ILE H 226 8.37 -55.70 -5.76
C ILE H 226 8.64 -54.63 -4.69
N GLY H 227 7.63 -54.35 -3.88
CA GLY H 227 7.78 -53.42 -2.77
C GLY H 227 8.47 -54.06 -1.58
N ASN H 228 7.98 -55.23 -1.16
CA ASN H 228 8.67 -56.04 -0.16
C ASN H 228 9.67 -56.96 -0.85
N GLU H 229 9.49 -57.13 -2.16
CA GLU H 229 10.51 -57.77 -2.99
C GLU H 229 11.73 -56.85 -3.05
N VAL H 230 11.59 -55.68 -2.42
CA VAL H 230 12.69 -54.74 -2.31
C VAL H 230 12.48 -53.86 -1.06
N THR H 231 13.16 -52.72 -1.01
CA THR H 231 13.07 -51.85 0.17
C THR H 231 11.82 -50.98 0.17
N VAL H 232 11.18 -50.87 -0.99
CA VAL H 232 10.07 -49.93 -1.17
C VAL H 232 10.58 -48.51 -0.96
N ASP H 233 11.90 -48.34 -1.11
CA ASP H 233 12.60 -47.07 -0.87
C ASP H 233 12.12 -46.33 0.37
N LYS H 234 11.48 -47.05 1.29
CA LYS H 234 11.09 -46.52 2.60
C LYS H 234 10.06 -45.41 2.56
N TRP H 235 9.35 -45.26 1.45
CA TRP H 235 8.27 -44.28 1.34
C TRP H 235 7.26 -44.54 2.48
N GLU H 236 6.02 -44.11 2.33
CA GLU H 236 5.02 -44.36 3.38
C GLU H 236 3.55 -43.98 3.05
N PRO H 237 3.32 -43.23 1.97
CA PRO H 237 1.96 -42.72 1.72
C PRO H 237 0.88 -43.79 1.79
N LEU H 238 0.91 -44.70 0.82
CA LEU H 238 -0.11 -45.75 0.65
C LEU H 238 -0.89 -46.17 1.90
N LEU H 239 -0.18 -46.58 2.95
CA LEU H 239 -0.81 -47.01 4.20
C LEU H 239 -1.56 -45.89 4.88
N ASN H 240 -0.99 -44.69 4.91
CA ASN H 240 -1.70 -43.54 5.46
C ASN H 240 -3.04 -43.39 4.74
N ASN H 241 -2.98 -43.49 3.42
CA ASN H 241 -4.16 -43.29 2.59
C ASN H 241 -5.27 -44.28 2.90
N LEU H 242 -4.97 -45.56 2.80
CA LEU H 242 -5.94 -46.59 3.15
C LEU H 242 -6.71 -46.30 4.45
N GLY H 243 -5.99 -45.94 5.51
CA GLY H 243 -6.63 -45.56 6.76
C GLY H 243 -7.68 -44.48 6.55
N HIS H 244 -7.38 -43.53 5.66
CA HIS H 244 -8.28 -42.40 5.40
C HIS H 244 -9.54 -42.87 4.68
N VAL H 245 -9.43 -44.00 4.00
CA VAL H 245 -10.52 -44.53 3.19
C VAL H 245 -11.45 -45.34 4.10
N CYS H 246 -10.84 -46.08 5.01
CA CYS H 246 -11.55 -46.91 5.96
C CYS H 246 -12.29 -46.02 6.95
N ARG H 247 -11.61 -45.01 7.47
CA ARG H 247 -12.28 -44.02 8.33
C ARG H 247 -13.54 -43.46 7.67
N LYS H 248 -13.45 -43.24 6.36
CA LYS H 248 -14.56 -42.70 5.60
C LYS H 248 -15.67 -43.73 5.46
N LEU H 249 -15.27 -44.97 5.25
CA LEU H 249 -16.19 -46.10 5.13
C LEU H 249 -16.69 -46.57 6.51
N LYS H 250 -16.31 -45.84 7.56
CA LYS H 250 -16.65 -46.17 8.94
C LYS H 250 -15.94 -47.41 9.53
N LYS H 251 -15.11 -48.09 8.74
CA LYS H 251 -14.39 -49.27 9.22
C LYS H 251 -13.42 -48.96 10.35
N TYR H 252 -13.79 -48.03 11.22
CA TYR H 252 -12.91 -47.49 12.26
C TYR H 252 -11.87 -48.47 12.77
N ALA H 253 -12.27 -49.73 12.92
CA ALA H 253 -11.36 -50.80 13.29
C ALA H 253 -10.24 -50.90 12.26
N GLU H 254 -10.60 -51.28 11.04
CA GLU H 254 -9.67 -51.38 9.92
C GLU H 254 -8.73 -50.17 9.87
N ALA H 255 -9.30 -48.98 10.00
CA ALA H 255 -8.57 -47.72 9.78
C ALA H 255 -7.44 -47.50 10.78
N LEU H 256 -7.74 -47.64 12.06
CA LEU H 256 -6.72 -47.47 13.10
C LEU H 256 -5.52 -48.36 12.82
N ASP H 257 -5.77 -49.55 12.30
CA ASP H 257 -4.70 -50.47 11.96
C ASP H 257 -3.71 -49.85 10.97
N TYR H 258 -4.22 -49.47 9.80
CA TYR H 258 -3.38 -48.95 8.74
C TYR H 258 -2.44 -47.85 9.24
N HIS H 259 -2.96 -46.90 10.00
CA HIS H 259 -2.15 -45.77 10.44
C HIS H 259 -1.01 -46.22 11.34
N ARG H 260 -1.20 -47.36 12.02
CA ARG H 260 -0.20 -47.93 12.92
C ARG H 260 1.11 -48.30 12.20
N GLN H 261 0.99 -48.88 11.00
CA GLN H 261 2.16 -49.17 10.17
C GLN H 261 2.74 -47.95 9.48
N ALA H 262 1.92 -46.91 9.31
CA ALA H 262 2.36 -45.65 8.71
C ALA H 262 3.29 -44.88 9.62
N LEU H 263 3.04 -44.96 10.92
CA LEU H 263 3.93 -44.38 11.92
C LEU H 263 5.21 -45.20 12.00
N VAL H 264 5.06 -46.52 11.98
CA VAL H 264 6.18 -47.45 11.93
C VAL H 264 7.18 -47.05 10.85
N LEU H 265 6.67 -46.61 9.70
CA LEU H 265 7.53 -46.18 8.61
C LEU H 265 8.08 -44.80 8.89
N ILE H 266 7.18 -43.84 9.09
CA ILE H 266 7.56 -42.48 9.44
C ILE H 266 7.03 -42.13 10.83
N PRO H 267 7.80 -42.50 11.87
CA PRO H 267 7.42 -42.36 13.28
C PRO H 267 7.23 -40.93 13.78
N GLN H 268 7.91 -39.96 13.20
CA GLN H 268 7.85 -38.59 13.68
C GLN H 268 6.69 -37.79 13.06
N ASN H 269 5.83 -38.49 12.33
CA ASN H 269 4.79 -37.84 11.52
C ASN H 269 3.58 -37.35 12.31
N ALA H 270 3.32 -36.05 12.25
CA ALA H 270 2.23 -35.43 12.99
C ALA H 270 0.84 -35.74 12.43
N SER H 271 0.70 -35.68 11.11
CA SER H 271 -0.61 -35.84 10.47
C SER H 271 -1.23 -37.23 10.66
N THR H 272 -0.42 -38.27 10.82
CA THR H 272 -1.02 -39.57 11.07
C THR H 272 -1.46 -39.66 12.52
N TYR H 273 -0.73 -38.98 13.40
CA TYR H 273 -1.05 -38.95 14.82
C TYR H 273 -2.37 -38.25 15.08
N SER H 274 -2.61 -37.17 14.35
CA SER H 274 -3.85 -36.42 14.48
C SER H 274 -4.98 -37.24 13.89
N ALA H 275 -4.69 -37.92 12.80
CA ALA H 275 -5.69 -38.76 12.16
C ALA H 275 -6.12 -39.87 13.12
N ILE H 276 -5.16 -40.43 13.85
CA ILE H 276 -5.47 -41.44 14.85
C ILE H 276 -6.33 -40.83 15.95
N GLY H 277 -5.86 -39.73 16.53
CA GLY H 277 -6.65 -39.02 17.51
C GLY H 277 -8.06 -38.77 17.02
N TYR H 278 -8.19 -38.35 15.76
CA TYR H 278 -9.51 -38.02 15.20
C TYR H 278 -10.44 -39.23 15.08
N ILE H 279 -9.87 -40.39 14.76
CA ILE H 279 -10.71 -41.59 14.66
C ILE H 279 -11.32 -41.90 16.02
N HIS H 280 -10.53 -41.74 17.07
CA HIS H 280 -11.02 -41.84 18.44
C HIS H 280 -12.11 -40.79 18.70
N SER H 281 -11.95 -39.63 18.07
CA SER H 281 -12.94 -38.55 18.17
C SER H 281 -14.28 -39.00 17.57
N LEU H 282 -14.21 -39.82 16.53
CA LEU H 282 -15.40 -40.35 15.87
C LEU H 282 -16.01 -41.55 16.62
N GLY H 284 -15.52 -42.06 19.80
CA GLY H 284 -15.82 -41.58 21.14
C GLY H 284 -14.84 -41.95 22.23
N ASN H 285 -13.61 -42.29 21.86
CA ASN H 285 -12.54 -42.48 22.84
C ASN H 285 -11.84 -41.14 23.05
N PHE H 286 -12.60 -40.17 23.54
CA PHE H 286 -12.16 -38.79 23.66
C PHE H 286 -10.89 -38.60 24.49
N GLU H 287 -10.73 -39.37 25.55
CA GLU H 287 -9.53 -39.29 26.37
C GLU H 287 -8.30 -39.59 25.51
N ASN H 288 -8.43 -40.59 24.65
CA ASN H 288 -7.39 -40.94 23.68
C ASN H 288 -7.21 -39.87 22.61
N ALA H 289 -8.30 -39.55 21.91
CA ALA H 289 -8.24 -38.56 20.83
C ALA H 289 -7.37 -37.39 21.26
N VAL H 290 -7.69 -36.82 22.41
CA VAL H 290 -6.96 -35.65 22.91
C VAL H 290 -5.48 -35.94 23.09
N ASP H 291 -5.16 -37.06 23.73
CA ASP H 291 -3.78 -37.46 23.90
C ASP H 291 -3.06 -37.60 22.56
N TYR H 292 -3.80 -38.03 21.54
CA TYR H 292 -3.23 -38.16 20.19
C TYR H 292 -3.19 -36.82 19.45
N PHE H 293 -4.05 -35.90 19.84
CA PHE H 293 -4.07 -34.55 19.28
C PHE H 293 -2.99 -33.69 19.93
N HIS H 294 -2.78 -33.91 21.23
CA HIS H 294 -1.73 -33.23 21.99
C HIS H 294 -0.37 -33.45 21.34
N THR H 295 -0.04 -34.72 21.15
CA THR H 295 1.23 -35.15 20.57
C THR H 295 1.35 -34.67 19.13
N ALA H 296 0.20 -34.56 18.46
CA ALA H 296 0.12 -34.08 17.07
C ALA H 296 0.59 -32.64 16.96
N LEU H 297 0.10 -31.79 17.86
CA LEU H 297 0.53 -30.40 17.95
C LEU H 297 1.89 -30.35 18.64
N GLY H 298 2.21 -31.41 19.37
CA GLY H 298 3.52 -31.55 19.97
C GLY H 298 4.54 -31.84 18.90
N LEU H 299 4.16 -31.62 17.65
CA LEU H 299 5.01 -31.87 16.50
C LEU H 299 4.75 -30.84 15.40
N ARG H 300 3.55 -30.85 14.82
CA ARG H 300 3.12 -29.77 13.93
C ARG H 300 2.10 -28.89 14.66
N ARG H 301 2.54 -27.72 15.12
CA ARG H 301 1.70 -26.83 15.91
C ARG H 301 0.78 -25.96 15.07
N ASP H 302 1.04 -25.91 13.75
CA ASP H 302 0.13 -25.28 12.80
C ASP H 302 -0.91 -26.29 12.35
N ASP H 303 -1.46 -27.01 13.32
CA ASP H 303 -2.47 -28.00 13.01
C ASP H 303 -3.86 -27.40 13.11
N THR H 304 -4.16 -26.52 12.17
CA THR H 304 -5.48 -25.89 12.03
C THR H 304 -6.59 -26.88 12.42
N PHE H 305 -6.59 -28.04 11.78
CA PHE H 305 -7.55 -29.09 12.07
C PHE H 305 -7.49 -29.50 13.54
N SER H 306 -6.40 -30.13 13.93
CA SER H 306 -6.29 -30.71 15.26
C SER H 306 -6.84 -29.76 16.30
N VAL H 307 -6.51 -28.48 16.14
CA VAL H 307 -6.91 -27.46 17.12
C VAL H 307 -8.43 -27.37 17.29
N THR H 308 -9.17 -27.35 16.18
CA THR H 308 -10.61 -27.24 16.30
C THR H 308 -11.20 -28.56 16.79
N LEU H 310 -9.82 -30.36 19.08
CA LEU H 310 -9.66 -30.24 20.52
C LEU H 310 -10.67 -29.25 21.06
N GLY H 311 -11.04 -28.26 20.22
CA GLY H 311 -12.04 -27.28 20.55
C GLY H 311 -13.42 -27.90 20.62
N HIS H 312 -13.64 -28.92 19.80
CA HIS H 312 -14.86 -29.71 19.86
C HIS H 312 -14.84 -30.67 21.05
N CYS H 313 -13.68 -31.26 21.32
CA CYS H 313 -13.53 -32.25 22.38
C CYS H 313 -13.98 -31.75 23.73
N ILE H 314 -13.69 -30.48 24.02
CA ILE H 314 -13.87 -29.99 25.39
C ILE H 314 -15.12 -29.15 25.63
N GLU H 315 -15.83 -28.79 24.57
CA GLU H 315 -17.13 -28.17 24.75
C GLU H 315 -17.99 -29.18 25.48
N TYR H 317 -16.39 -31.81 27.54
CA TYR H 317 -15.80 -32.11 28.83
C TYR H 317 -16.43 -31.22 29.88
N ILE H 318 -16.89 -30.06 29.44
CA ILE H 318 -17.66 -29.18 30.31
C ILE H 318 -19.08 -29.73 30.34
N GLY H 319 -19.27 -30.74 31.19
CA GLY H 319 -20.46 -31.55 31.21
C GLY H 319 -20.00 -32.96 31.52
N ASP H 320 -18.67 -33.10 31.59
CA ASP H 320 -18.02 -34.36 31.94
C ASP H 320 -18.83 -35.56 31.49
N LEU I 2 7.08 -20.97 38.01
CA LEU I 2 7.14 -21.46 36.62
C LEU I 2 8.48 -21.23 35.90
N ARG I 3 9.06 -22.32 35.41
CA ARG I 3 10.29 -22.26 34.62
C ARG I 3 9.96 -22.28 33.13
N ARG I 4 10.96 -22.07 32.29
CA ARG I 4 10.83 -22.34 30.86
C ARG I 4 12.00 -23.19 30.37
N LYS I 5 11.89 -23.70 29.14
CA LYS I 5 12.86 -24.68 28.64
C LYS I 5 14.27 -24.12 28.67
N PRO I 6 15.23 -24.95 29.12
CA PRO I 6 16.64 -24.56 29.16
C PRO I 6 17.08 -24.24 27.75
N THR I 7 17.42 -22.98 27.51
CA THR I 7 17.72 -22.51 26.18
C THR I 7 18.60 -23.49 25.39
N ARG I 8 18.18 -23.85 24.19
CA ARG I 8 18.93 -24.78 23.35
C ARG I 8 19.66 -24.07 22.21
N LEU I 9 20.99 -24.14 22.24
CA LEU I 9 21.84 -23.43 21.27
C LEU I 9 21.63 -23.90 19.83
N GLU I 10 21.81 -22.98 18.89
CA GLU I 10 21.64 -23.27 17.47
C GLU I 10 22.78 -22.67 16.64
N LEU I 11 22.94 -23.16 15.43
CA LEU I 11 24.01 -22.69 14.55
C LEU I 11 23.76 -21.33 13.85
N LYS I 12 24.69 -20.41 14.06
CA LYS I 12 24.66 -19.08 13.44
C LYS I 12 25.33 -19.11 12.07
N LEU I 13 25.02 -18.12 11.23
CA LEU I 13 25.71 -17.97 9.95
C LEU I 13 27.09 -17.37 10.17
N ASP I 14 27.21 -16.57 11.23
CA ASP I 14 28.48 -15.96 11.60
C ASP I 14 29.43 -17.01 12.13
N ASP I 15 28.90 -18.22 12.35
CA ASP I 15 29.67 -19.31 12.91
C ASP I 15 30.51 -19.98 11.83
N ILE I 16 30.18 -19.72 10.58
CA ILE I 16 30.94 -20.29 9.48
C ILE I 16 32.34 -19.70 9.49
N GLU I 17 32.53 -18.63 10.28
CA GLU I 17 33.80 -17.93 10.36
C GLU I 17 34.95 -18.84 10.77
N GLU I 18 34.61 -19.93 11.46
CA GLU I 18 35.60 -20.91 11.88
C GLU I 18 36.10 -21.64 10.66
N PHE I 19 35.17 -22.24 9.95
CA PHE I 19 35.45 -22.85 8.68
C PHE I 19 36.23 -21.85 7.83
N GLU I 20 35.63 -20.69 7.58
CA GLU I 20 36.27 -19.62 6.81
C GLU I 20 37.76 -19.53 7.14
N ASN I 21 38.05 -19.19 8.39
CA ASN I 21 39.43 -19.00 8.86
C ASN I 21 40.26 -20.27 8.77
N ILE I 22 39.60 -21.42 8.73
CA ILE I 22 40.30 -22.69 8.57
C ILE I 22 40.60 -22.95 7.10
N ARG I 23 39.74 -22.46 6.22
CA ARG I 23 40.01 -22.48 4.78
C ARG I 23 41.09 -21.45 4.47
N LYS I 24 41.03 -20.32 5.16
CA LYS I 24 41.94 -19.20 4.95
C LYS I 24 43.34 -19.44 5.50
N ASP I 25 43.43 -19.64 6.81
CA ASP I 25 44.70 -19.87 7.47
C ASP I 25 45.42 -21.10 6.89
N LEU I 26 44.69 -22.21 6.78
CA LEU I 26 45.22 -23.43 6.16
C LEU I 26 45.19 -23.33 4.64
N GLU J 20 -5.37 -32.35 60.62
CA GLU J 20 -5.82 -32.13 59.25
C GLU J 20 -5.09 -30.97 58.58
N ASN J 21 -3.97 -30.57 59.18
CA ASN J 21 -3.21 -29.41 58.71
C ASN J 21 -2.30 -29.72 57.53
N LEU J 22 -2.60 -29.13 56.38
CA LEU J 22 -1.86 -29.43 55.15
C LEU J 22 -0.95 -28.32 54.62
N ASP J 23 -1.12 -27.10 55.09
CA ASP J 23 -0.29 -25.99 54.62
C ASP J 23 1.18 -26.39 54.63
N VAL J 24 1.52 -27.29 55.56
CA VAL J 24 2.88 -27.80 55.67
C VAL J 24 3.35 -28.41 54.35
N VAL J 25 2.49 -29.23 53.74
CA VAL J 25 2.84 -29.93 52.51
C VAL J 25 3.22 -28.97 51.40
N VAL J 26 2.33 -28.00 51.17
CA VAL J 26 2.54 -27.01 50.13
C VAL J 26 3.98 -26.49 50.19
N SER J 27 4.51 -26.38 51.39
CA SER J 27 5.87 -25.90 51.58
C SER J 27 6.89 -26.94 51.11
N LEU J 28 6.63 -28.20 51.45
CA LEU J 28 7.51 -29.29 51.04
C LEU J 28 7.30 -29.60 49.57
N ALA J 29 6.07 -29.40 49.11
CA ALA J 29 5.78 -29.52 47.70
C ALA J 29 6.70 -28.57 46.97
N GLU J 30 6.70 -27.32 47.41
CA GLU J 30 7.53 -26.28 46.80
C GLU J 30 9.02 -26.62 46.92
N ARG J 31 9.39 -27.30 47.99
CA ARG J 31 10.78 -27.64 48.24
C ARG J 31 11.36 -28.51 47.14
N HIS J 32 10.53 -29.39 46.59
CA HIS J 32 10.98 -30.31 45.55
C HIS J 32 10.88 -29.69 44.17
N TYR J 33 10.06 -28.66 44.05
CA TYR J 33 9.97 -27.94 42.79
C TYR J 33 11.25 -27.16 42.54
N TYR J 34 11.63 -26.34 43.51
CA TYR J 34 12.82 -25.50 43.40
C TYR J 34 14.11 -26.31 43.27
N ASN J 35 14.09 -27.54 43.78
CA ASN J 35 15.25 -28.43 43.67
C ASN J 35 15.15 -29.39 42.49
N CYS J 36 14.21 -29.13 41.59
CA CYS J 36 14.04 -29.87 40.34
C CYS J 36 13.66 -31.36 40.48
N ASP J 37 13.05 -31.70 41.62
CA ASP J 37 12.47 -33.02 41.84
C ASP J 37 10.95 -32.95 41.62
N PHE J 38 10.54 -32.96 40.34
CA PHE J 38 9.13 -32.84 39.99
C PHE J 38 8.37 -34.15 40.22
N LYS J 39 9.08 -35.27 40.07
CA LYS J 39 8.49 -36.59 40.30
C LYS J 39 7.83 -36.65 41.67
N CYS J 41 7.51 -33.98 44.01
CA CYS J 41 6.66 -32.81 44.20
C CYS J 41 5.26 -33.08 43.67
N TYR J 42 5.17 -33.81 42.58
CA TYR J 42 3.88 -34.17 41.97
C TYR J 42 2.98 -34.98 42.92
N LYS J 43 3.54 -36.00 43.57
CA LYS J 43 2.78 -36.80 44.52
C LYS J 43 2.44 -35.96 45.75
N LEU J 44 3.26 -34.96 46.03
CA LEU J 44 2.97 -34.04 47.11
C LEU J 44 1.73 -33.24 46.78
N THR J 45 1.73 -32.63 45.60
CA THR J 45 0.64 -31.78 45.15
C THR J 45 -0.69 -32.53 44.97
N SER J 46 -0.64 -33.71 44.36
CA SER J 46 -1.86 -34.48 44.11
C SER J 46 -2.58 -34.83 45.40
N VAL J 47 -1.79 -34.98 46.47
CA VAL J 47 -2.32 -35.22 47.80
C VAL J 47 -3.12 -34.01 48.30
N VAL J 48 -2.45 -32.86 48.36
CA VAL J 48 -3.09 -31.59 48.65
C VAL J 48 -4.29 -31.31 47.74
N GLU J 50 -6.20 -33.52 46.45
CA GLU J 50 -7.29 -34.42 46.79
C GLU J 50 -8.14 -33.82 47.90
N LYS J 51 -7.47 -33.09 48.79
CA LYS J 51 -8.14 -32.35 49.85
C LYS J 51 -8.82 -31.08 49.35
N ASP J 52 -8.00 -30.15 48.86
CA ASP J 52 -8.49 -28.84 48.47
C ASP J 52 -7.89 -28.44 47.12
N PRO J 53 -8.69 -28.55 46.06
CA PRO J 53 -8.18 -28.18 44.73
C PRO J 53 -7.85 -26.69 44.65
N PHE J 54 -8.83 -25.84 44.95
CA PHE J 54 -8.69 -24.40 44.81
C PHE J 54 -7.75 -23.78 45.84
N HIS J 55 -6.76 -24.55 46.28
CA HIS J 55 -5.78 -24.02 47.22
C HIS J 55 -4.91 -22.99 46.51
N ALA J 56 -5.17 -21.71 46.78
CA ALA J 56 -4.52 -20.62 46.06
C ALA J 56 -3.00 -20.74 46.03
N SER J 57 -2.42 -21.14 47.15
CA SER J 57 -0.96 -21.20 47.28
C SER J 57 -0.37 -22.52 46.78
N CYS J 58 -1.26 -23.45 46.42
CA CYS J 58 -0.87 -24.81 46.03
C CYS J 58 -0.89 -25.04 44.52
N LEU J 59 -1.94 -24.55 43.84
CA LEU J 59 -2.09 -24.73 42.40
C LEU J 59 -0.87 -24.26 41.61
N PRO J 60 -0.39 -23.04 41.89
CA PRO J 60 0.78 -22.52 41.17
C PRO J 60 1.90 -23.54 41.04
N VAL J 61 2.11 -24.33 42.08
CA VAL J 61 3.14 -25.37 42.07
C VAL J 61 2.67 -26.61 41.33
N HIS J 62 1.40 -26.96 41.51
CA HIS J 62 0.84 -28.15 40.87
C HIS J 62 0.74 -27.99 39.35
N ILE J 63 0.21 -26.84 38.90
CA ILE J 63 0.16 -26.53 37.48
C ILE J 63 1.58 -26.50 36.90
N GLY J 64 2.49 -25.88 37.65
CA GLY J 64 3.89 -25.83 37.27
C GLY J 64 4.42 -27.23 37.03
N THR J 65 4.40 -28.06 38.06
CA THR J 65 4.87 -29.43 37.90
C THR J 65 4.18 -30.15 36.74
N LEU J 66 2.91 -29.83 36.49
CA LEU J 66 2.17 -30.46 35.40
C LEU J 66 2.82 -30.14 34.08
N VAL J 67 3.30 -28.91 33.94
CA VAL J 67 3.89 -28.47 32.68
C VAL J 67 5.28 -29.05 32.51
N GLU J 68 6.03 -29.07 33.60
CA GLU J 68 7.39 -29.54 33.59
C GLU J 68 7.47 -31.02 33.25
N LEU J 69 6.39 -31.75 33.52
CA LEU J 69 6.33 -33.19 33.30
C LEU J 69 5.62 -33.60 31.99
N ASN J 70 5.17 -32.61 31.22
CA ASN J 70 4.43 -32.86 29.99
C ASN J 70 3.01 -33.40 30.21
N LYS J 71 2.42 -33.03 31.34
CA LYS J 71 1.02 -33.35 31.61
C LYS J 71 0.09 -32.50 30.76
N ALA J 72 0.29 -32.56 29.44
CA ALA J 72 -0.57 -31.84 28.50
C ALA J 72 -2.02 -32.24 28.70
N ASN J 73 -2.24 -33.51 28.99
CA ASN J 73 -3.57 -33.99 29.26
C ASN J 73 -4.10 -33.42 30.56
N GLU J 74 -3.54 -33.87 31.68
CA GLU J 74 -3.95 -33.36 32.98
C GLU J 74 -4.21 -31.84 32.94
N LEU J 75 -3.18 -31.09 32.59
CA LEU J 75 -3.26 -29.63 32.56
C LEU J 75 -4.41 -29.13 31.67
N PHE J 76 -4.60 -29.77 30.53
CA PHE J 76 -5.72 -29.44 29.64
C PHE J 76 -7.05 -29.52 30.39
N TYR J 77 -7.32 -30.69 30.99
CA TYR J 77 -8.56 -30.88 31.73
C TYR J 77 -8.63 -29.91 32.90
N LEU J 78 -7.73 -30.11 33.87
CA LEU J 78 -7.68 -29.27 35.05
C LEU J 78 -7.82 -27.77 34.73
N SER J 79 -7.17 -27.32 33.65
CA SER J 79 -7.05 -25.87 33.39
C SER J 79 -8.30 -25.22 32.81
N HIS J 80 -9.03 -25.94 31.96
CA HIS J 80 -10.26 -25.40 31.39
C HIS J 80 -11.44 -25.52 32.36
N LYS J 81 -11.38 -26.53 33.22
CA LYS J 81 -12.36 -26.67 34.29
C LYS J 81 -12.34 -25.43 35.19
N LEU J 82 -11.17 -25.09 35.70
CA LEU J 82 -11.00 -23.96 36.62
C LEU J 82 -11.60 -22.68 36.04
N VAL J 83 -11.64 -22.58 34.71
CA VAL J 83 -12.19 -21.39 34.07
C VAL J 83 -13.71 -21.45 34.08
N ASP J 84 -14.26 -22.65 34.03
CA ASP J 84 -15.70 -22.85 34.01
C ASP J 84 -16.35 -22.37 35.30
N LEU J 85 -16.02 -23.04 36.39
CA LEU J 85 -16.71 -22.87 37.66
C LEU J 85 -16.07 -21.84 38.60
N TYR J 86 -14.90 -21.33 38.20
CA TYR J 86 -14.20 -20.33 39.01
C TYR J 86 -13.56 -19.24 38.15
N PRO J 87 -14.38 -18.52 37.38
CA PRO J 87 -13.93 -17.42 36.52
C PRO J 87 -13.64 -16.15 37.30
N SER J 88 -13.20 -16.30 38.55
CA SER J 88 -12.92 -15.16 39.40
C SER J 88 -11.51 -15.23 39.96
N ASN J 89 -11.09 -16.43 40.35
CA ASN J 89 -9.74 -16.64 40.85
C ASN J 89 -8.73 -16.69 39.70
N PRO J 90 -7.86 -15.67 39.59
CA PRO J 90 -6.96 -15.46 38.45
C PRO J 90 -6.02 -16.64 38.23
N VAL J 91 -6.14 -17.67 39.07
CA VAL J 91 -5.40 -18.91 38.85
C VAL J 91 -6.01 -19.66 37.67
N SER J 92 -7.23 -19.28 37.32
CA SER J 92 -7.94 -19.92 36.21
C SER J 92 -7.29 -19.58 34.87
N TRP J 93 -7.02 -18.29 34.67
CA TRP J 93 -6.38 -17.83 33.44
C TRP J 93 -4.90 -18.15 33.42
N PHE J 94 -4.30 -18.15 34.60
CA PHE J 94 -2.95 -18.64 34.76
C PHE J 94 -2.90 -20.05 34.19
N ALA J 95 -3.82 -20.90 34.66
CA ALA J 95 -3.88 -22.31 34.26
C ALA J 95 -3.91 -22.52 32.74
N VAL J 96 -4.86 -21.90 32.07
CA VAL J 96 -5.03 -22.07 30.64
C VAL J 96 -3.97 -21.32 29.83
N GLY J 97 -3.54 -20.16 30.35
CA GLY J 97 -2.40 -19.45 29.79
C GLY J 97 -1.20 -20.38 29.79
N CYS J 98 -0.93 -20.96 30.96
CA CYS J 98 0.10 -21.99 31.10
C CYS J 98 -0.13 -23.14 30.13
N TYR J 99 -1.35 -23.29 29.64
CA TYR J 99 -1.62 -24.39 28.74
C TYR J 99 -1.07 -24.08 27.34
N TYR J 100 -1.31 -22.85 26.89
CA TYR J 100 -0.91 -22.44 25.56
C TYR J 100 0.59 -22.25 25.44
N LEU J 101 1.25 -22.19 26.59
CA LEU J 101 2.70 -22.04 26.64
C LEU J 101 3.46 -23.36 26.43
N VAL J 103 2.54 -25.86 24.79
CA VAL J 103 2.17 -26.43 23.50
C VAL J 103 1.43 -25.39 22.66
N GLY J 104 0.73 -25.86 21.62
CA GLY J 104 -0.24 -25.07 20.89
C GLY J 104 0.23 -23.90 20.04
N HIS J 105 1.45 -23.43 20.25
CA HIS J 105 1.94 -22.20 19.61
C HIS J 105 0.84 -21.14 19.47
N LYS J 106 -0.26 -21.33 20.19
CA LYS J 106 -1.29 -20.30 20.24
C LYS J 106 -0.76 -19.20 21.12
N ASN J 107 0.50 -18.83 20.88
CA ASN J 107 1.21 -17.82 21.67
C ASN J 107 0.52 -16.46 21.72
N GLU J 108 -0.38 -16.21 20.78
CA GLU J 108 -1.18 -15.00 20.81
C GLU J 108 -2.22 -15.13 21.92
N HIS J 109 -2.90 -16.28 21.95
CA HIS J 109 -3.92 -16.59 22.96
C HIS J 109 -3.37 -16.53 24.39
N ALA J 110 -2.31 -17.31 24.66
CA ALA J 110 -1.75 -17.39 26.00
C ALA J 110 -1.50 -16.00 26.59
N ARG J 111 -0.84 -15.16 25.80
CA ARG J 111 -0.54 -13.82 26.24
C ARG J 111 -1.84 -13.10 26.57
N ARG J 112 -2.92 -13.51 25.92
CA ARG J 112 -4.23 -12.91 26.12
C ARG J 112 -4.92 -13.38 27.41
N TYR J 113 -4.58 -14.59 27.86
CA TYR J 113 -5.15 -15.11 29.09
C TYR J 113 -4.41 -14.60 30.32
N LEU J 114 -3.09 -14.50 30.21
CA LEU J 114 -2.26 -14.08 31.34
C LEU J 114 -2.59 -12.66 31.77
N SER J 115 -2.86 -11.80 30.80
CA SER J 115 -3.28 -10.43 31.08
C SER J 115 -4.72 -10.40 31.61
N LYS J 116 -5.37 -11.56 31.63
CA LYS J 116 -6.70 -11.69 32.24
C LYS J 116 -6.55 -11.93 33.74
N ALA J 117 -5.52 -12.66 34.12
CA ALA J 117 -5.19 -12.84 35.52
C ALA J 117 -4.67 -11.52 36.12
N THR J 118 -3.92 -10.77 35.33
CA THR J 118 -3.34 -9.51 35.79
C THR J 118 -4.40 -8.44 36.01
N THR J 119 -5.12 -8.06 34.95
CA THR J 119 -6.16 -7.03 35.07
C THR J 119 -7.26 -7.51 35.99
N LEU J 120 -7.11 -8.73 36.49
CA LEU J 120 -8.02 -9.28 37.47
C LEU J 120 -7.36 -9.10 38.83
N GLU J 121 -6.16 -9.66 38.95
CA GLU J 121 -5.35 -9.56 40.15
C GLU J 121 -3.94 -9.15 39.75
N LYS J 122 -3.71 -7.85 39.72
CA LYS J 122 -2.41 -7.30 39.36
C LYS J 122 -1.35 -7.78 40.36
N THR J 123 -1.80 -8.26 41.50
CA THR J 123 -0.91 -8.70 42.58
C THR J 123 -0.57 -10.19 42.47
N TYR J 124 -1.20 -10.88 41.53
CA TYR J 124 -0.94 -12.30 41.29
C TYR J 124 0.37 -12.48 40.52
N GLY J 125 1.45 -12.82 41.24
CA GLY J 125 2.78 -12.91 40.67
C GLY J 125 3.08 -14.06 39.70
N PRO J 126 2.60 -15.28 40.00
CA PRO J 126 2.91 -16.40 39.11
C PRO J 126 2.44 -16.18 37.66
N ALA J 127 1.47 -15.29 37.48
CA ALA J 127 1.05 -14.90 36.14
C ALA J 127 2.06 -13.95 35.50
N TRP J 128 2.74 -13.16 36.33
CA TRP J 128 3.74 -12.20 35.85
C TRP J 128 5.03 -12.87 35.38
N ILE J 129 5.46 -13.92 36.08
CA ILE J 129 6.66 -14.62 35.63
C ILE J 129 6.39 -15.36 34.33
N ALA J 130 5.16 -15.85 34.16
CA ALA J 130 4.80 -16.58 32.95
C ALA J 130 4.47 -15.65 31.78
N TYR J 131 3.89 -14.49 32.08
CA TYR J 131 3.58 -13.49 31.08
C TYR J 131 4.87 -13.10 30.36
N GLY J 132 5.94 -12.94 31.15
CA GLY J 132 7.25 -12.65 30.62
C GLY J 132 7.70 -13.75 29.69
N HIS J 133 7.69 -14.97 30.20
CA HIS J 133 8.00 -16.15 29.40
C HIS J 133 7.42 -16.09 27.99
N SER J 134 6.19 -15.58 27.87
CA SER J 134 5.52 -15.48 26.57
C SER J 134 6.22 -14.51 25.61
N PHE J 135 6.75 -13.40 26.14
CA PHE J 135 7.50 -12.45 25.32
C PHE J 135 8.91 -12.98 25.07
N ALA J 136 9.54 -13.46 26.12
CA ALA J 136 10.93 -13.90 26.06
C ALA J 136 11.18 -14.95 24.97
N VAL J 137 10.14 -15.73 24.65
CA VAL J 137 10.25 -16.73 23.58
C VAL J 137 10.00 -16.10 22.20
N GLU J 138 9.28 -14.99 22.17
CA GLU J 138 9.13 -14.20 20.95
C GLU J 138 10.32 -13.28 20.76
N SER J 139 11.26 -13.34 21.72
CA SER J 139 12.50 -12.56 21.69
C SER J 139 12.29 -11.05 21.86
N GLU J 140 11.19 -10.67 22.49
CA GLU J 140 10.91 -9.27 22.80
C GLU J 140 11.38 -8.95 24.22
N HIS J 141 12.70 -8.76 24.35
CA HIS J 141 13.37 -8.67 25.65
C HIS J 141 12.83 -7.59 26.58
N ASP J 142 12.48 -6.44 26.03
CA ASP J 142 12.07 -5.31 26.84
C ASP J 142 10.79 -5.65 27.61
N GLN J 143 9.84 -6.23 26.90
CA GLN J 143 8.52 -6.54 27.47
C GLN J 143 8.56 -7.76 28.39
N ALA J 144 9.51 -8.66 28.14
CA ALA J 144 9.78 -9.78 29.04
C ALA J 144 10.49 -9.26 30.29
N ALA J 146 10.37 -6.40 31.86
CA ALA J 146 9.48 -5.73 32.80
C ALA J 146 8.63 -6.70 33.64
N ALA J 147 8.23 -7.81 33.02
CA ALA J 147 7.42 -8.84 33.69
C ALA J 147 8.18 -9.60 34.78
N TYR J 148 9.44 -9.91 34.52
CA TYR J 148 10.30 -10.58 35.49
C TYR J 148 10.62 -9.68 36.69
N PHE J 149 10.74 -8.39 36.45
CA PHE J 149 10.96 -7.42 37.53
C PHE J 149 9.70 -7.20 38.37
N THR J 150 8.54 -7.16 37.72
CA THR J 150 7.25 -7.10 38.42
C THR J 150 7.03 -8.35 39.28
N ALA J 151 7.48 -9.49 38.78
CA ALA J 151 7.29 -10.78 39.48
C ALA J 151 8.22 -10.93 40.67
N ALA J 152 9.45 -10.43 40.53
CA ALA J 152 10.44 -10.47 41.61
C ALA J 152 9.96 -9.74 42.84
N GLN J 153 9.12 -8.72 42.63
CA GLN J 153 8.56 -7.92 43.71
C GLN J 153 7.48 -8.70 44.46
N LEU J 154 6.58 -9.30 43.69
CA LEU J 154 5.44 -10.01 44.27
C LEU J 154 5.84 -11.35 44.91
N LYS J 156 8.76 -12.44 46.40
CA LYS J 156 10.08 -12.05 46.89
C LYS J 156 11.02 -13.20 47.29
N GLY J 157 10.48 -14.25 47.92
CA GLY J 157 11.33 -15.35 48.35
C GLY J 157 11.88 -16.19 47.21
N CYS J 158 11.32 -16.01 46.01
CA CYS J 158 11.66 -16.87 44.88
C CYS J 158 12.89 -16.43 44.07
N HIS J 159 13.57 -17.40 43.49
CA HIS J 159 14.81 -17.17 42.76
C HIS J 159 14.59 -17.30 41.26
N LEU J 160 13.44 -17.85 40.89
CA LEU J 160 13.11 -18.07 39.48
C LEU J 160 13.12 -16.79 38.66
N PRO J 161 12.43 -15.74 39.16
CA PRO J 161 12.39 -14.49 38.40
C PRO J 161 13.81 -14.00 38.14
N LEU J 163 16.69 -15.63 38.06
CA LEU J 163 17.38 -16.46 37.07
C LEU J 163 17.13 -15.95 35.66
N TYR J 164 15.92 -15.49 35.42
CA TYR J 164 15.52 -15.07 34.07
C TYR J 164 15.81 -13.61 33.72
N ILE J 165 15.65 -12.68 34.68
CA ILE J 165 16.14 -11.33 34.40
C ILE J 165 17.64 -11.38 34.17
N GLY J 166 18.33 -12.21 34.95
CA GLY J 166 19.74 -12.48 34.72
C GLY J 166 19.95 -13.04 33.32
N LEU J 167 19.05 -13.90 32.87
CA LEU J 167 19.14 -14.48 31.54
C LEU J 167 18.92 -13.42 30.46
N GLU J 168 17.84 -12.67 30.60
CA GLU J 168 17.52 -11.57 29.67
C GLU J 168 18.53 -10.43 29.66
N TYR J 169 19.33 -10.31 30.72
CA TYR J 169 20.43 -9.36 30.74
C TYR J 169 21.62 -9.94 29.99
N GLY J 170 21.93 -11.20 30.27
CA GLY J 170 23.01 -11.89 29.58
C GLY J 170 22.81 -11.87 28.08
N LEU J 171 21.54 -11.96 27.67
CA LEU J 171 21.19 -12.01 26.25
C LEU J 171 21.26 -10.62 25.64
N THR J 172 21.23 -9.60 26.49
CA THR J 172 21.32 -8.21 26.04
C THR J 172 22.69 -7.60 26.32
N ASN J 173 23.67 -8.46 26.59
CA ASN J 173 25.06 -8.04 26.75
C ASN J 173 25.32 -7.22 28.01
N ASN J 174 24.43 -7.37 29.00
CA ASN J 174 24.66 -6.82 30.33
C ASN J 174 25.35 -7.84 31.23
N SER J 175 26.50 -8.34 30.78
CA SER J 175 27.19 -9.45 31.43
C SER J 175 27.56 -9.20 32.90
N LYS J 176 27.56 -7.94 33.33
CA LYS J 176 27.86 -7.64 34.73
C LYS J 176 26.60 -7.76 35.60
N LEU J 177 25.47 -7.33 35.05
CA LEU J 177 24.19 -7.45 35.76
C LEU J 177 23.59 -8.83 35.58
N ALA J 178 24.07 -9.54 34.56
CA ALA J 178 23.72 -10.94 34.38
C ALA J 178 24.41 -11.78 35.46
N GLU J 179 25.59 -11.32 35.87
CA GLU J 179 26.32 -11.95 36.96
C GLU J 179 25.53 -11.83 38.25
N ARG J 180 25.25 -10.58 38.64
CA ARG J 180 24.57 -10.27 39.89
C ARG J 180 23.34 -11.13 40.14
N PHE J 181 22.54 -11.32 39.10
CA PHE J 181 21.27 -12.01 39.24
C PHE J 181 21.44 -13.51 39.32
N PHE J 182 22.30 -14.06 38.48
CA PHE J 182 22.58 -15.49 38.52
C PHE J 182 23.17 -15.85 39.88
N SER J 183 24.11 -15.03 40.35
CA SER J 183 24.71 -15.24 41.66
C SER J 183 23.68 -15.07 42.77
N GLN J 184 22.74 -14.14 42.58
CA GLN J 184 21.64 -13.96 43.54
C GLN J 184 20.74 -15.21 43.56
N ALA J 185 20.61 -15.86 42.40
CA ALA J 185 19.72 -17.01 42.29
C ALA J 185 20.35 -18.26 42.87
N LEU J 186 21.66 -18.38 42.70
CA LEU J 186 22.38 -19.57 43.15
C LEU J 186 22.42 -19.66 44.67
N SER J 187 22.56 -18.53 45.33
CA SER J 187 22.54 -18.51 46.78
C SER J 187 21.18 -18.93 47.33
N ILE J 188 20.20 -19.05 46.43
CA ILE J 188 18.86 -19.51 46.81
C ILE J 188 18.69 -21.00 46.53
N ALA J 189 18.61 -21.37 45.26
CA ALA J 189 18.62 -22.78 44.88
C ALA J 189 19.92 -23.11 44.16
N PRO J 190 21.00 -23.31 44.92
CA PRO J 190 22.31 -23.61 44.32
C PRO J 190 22.23 -24.94 43.61
N GLU J 191 21.22 -25.72 43.99
CA GLU J 191 21.02 -27.05 43.43
C GLU J 191 20.09 -26.99 42.21
N ASP J 192 20.02 -25.83 41.58
CA ASP J 192 19.24 -25.72 40.34
C ASP J 192 20.09 -25.92 39.09
N PRO J 193 19.81 -27.01 38.37
CA PRO J 193 20.47 -27.30 37.09
C PRO J 193 20.36 -26.10 36.17
N PHE J 194 19.13 -25.68 35.94
CA PHE J 194 18.82 -24.62 34.99
C PHE J 194 19.63 -23.37 35.26
N VAL J 195 19.69 -22.96 36.52
CA VAL J 195 20.49 -21.81 36.90
C VAL J 195 21.94 -22.00 36.43
N HIS J 197 22.93 -23.99 34.23
CA HIS J 197 22.78 -24.01 32.77
C HIS J 197 22.85 -22.62 32.13
N GLU J 198 21.78 -21.85 32.28
CA GLU J 198 21.70 -20.52 31.68
C GLU J 198 22.99 -19.76 31.95
N VAL J 199 23.51 -19.91 33.17
CA VAL J 199 24.74 -19.22 33.53
C VAL J 199 25.79 -19.51 32.48
N GLY J 200 25.93 -20.80 32.17
CA GLY J 200 26.85 -21.26 31.14
C GLY J 200 26.47 -20.74 29.77
N VAL J 201 25.22 -20.97 29.38
CA VAL J 201 24.73 -20.48 28.10
C VAL J 201 25.23 -19.06 27.85
N VAL J 202 24.87 -18.15 28.74
CA VAL J 202 25.30 -16.77 28.66
C VAL J 202 26.81 -16.66 28.48
N ALA J 203 27.56 -17.42 29.29
CA ALA J 203 29.03 -17.41 29.25
C ALA J 203 29.55 -17.75 27.86
N PHE J 204 28.84 -18.62 27.16
CA PHE J 204 29.18 -18.97 25.78
C PHE J 204 29.20 -17.72 24.90
N GLN J 205 28.14 -16.92 24.98
CA GLN J 205 27.94 -15.81 24.07
C GLN J 205 28.79 -14.57 24.39
N ASN J 206 29.45 -14.60 25.53
CA ASN J 206 30.43 -13.55 25.85
C ASN J 206 31.71 -13.77 25.04
N GLY J 207 32.13 -15.03 24.93
CA GLY J 207 33.35 -15.36 24.23
C GLY J 207 34.14 -16.39 25.01
N GLU J 208 33.76 -16.55 26.28
CA GLU J 208 34.44 -17.45 27.19
C GLU J 208 33.94 -18.89 27.09
N TRP J 209 34.11 -19.49 25.92
CA TRP J 209 33.73 -20.88 25.72
C TRP J 209 34.40 -21.77 26.76
N LYS J 210 35.60 -21.34 27.19
CA LYS J 210 36.41 -22.11 28.13
C LYS J 210 35.73 -22.28 29.47
N THR J 211 35.28 -21.16 30.04
CA THR J 211 34.60 -21.16 31.34
C THR J 211 33.16 -21.62 31.22
N ALA J 212 32.61 -21.59 30.01
CA ALA J 212 31.28 -22.12 29.78
C ALA J 212 31.26 -23.60 30.14
N GLU J 213 32.23 -24.35 29.63
CA GLU J 213 32.29 -25.82 29.78
C GLU J 213 32.23 -26.34 31.22
N LYS J 214 32.55 -25.49 32.20
CA LYS J 214 32.55 -25.96 33.58
C LYS J 214 31.12 -26.08 34.14
N TRP J 215 30.42 -24.95 34.22
CA TRP J 215 29.07 -24.91 34.77
C TRP J 215 28.10 -25.56 33.81
N PHE J 216 28.56 -25.79 32.59
CA PHE J 216 27.80 -26.55 31.60
C PHE J 216 27.87 -28.04 31.90
N LEU J 217 28.87 -28.44 32.69
CA LEU J 217 28.99 -29.82 33.10
C LEU J 217 28.36 -30.07 34.47
N ASP J 218 28.44 -29.06 35.34
CA ASP J 218 27.91 -29.17 36.70
C ASP J 218 26.40 -29.33 36.70
N ALA J 219 25.78 -28.94 35.58
CA ALA J 219 24.33 -28.91 35.47
C ALA J 219 23.71 -30.31 35.53
N LEU J 220 24.28 -31.24 34.78
CA LEU J 220 23.81 -32.62 34.77
C LEU J 220 24.16 -33.32 36.09
N GLU J 221 25.06 -32.70 36.85
CA GLU J 221 25.34 -33.12 38.21
C GLU J 221 24.30 -32.51 39.15
N LYS J 222 23.04 -32.74 38.83
CA LYS J 222 21.90 -32.28 39.63
C LYS J 222 20.60 -32.49 38.86
N ILE J 223 20.73 -32.53 37.54
CA ILE J 223 19.59 -32.60 36.62
C ILE J 223 19.14 -34.03 36.31
N LYS J 224 20.08 -34.96 36.29
CA LYS J 224 19.77 -36.36 36.04
C LYS J 224 20.81 -37.22 36.73
N ALA J 225 21.66 -36.58 37.52
CA ALA J 225 22.61 -37.29 38.35
C ALA J 225 21.94 -37.77 39.62
N ILE J 226 21.34 -36.85 40.38
CA ILE J 226 20.64 -37.18 41.61
C ILE J 226 19.13 -36.95 41.49
N GLY J 227 18.73 -35.73 41.14
CA GLY J 227 17.33 -35.39 40.98
C GLY J 227 16.74 -36.05 39.75
N ASN J 228 17.43 -37.09 39.30
CA ASN J 228 17.05 -37.81 38.08
C ASN J 228 15.66 -38.39 38.15
N GLU J 229 14.88 -38.14 37.10
CA GLU J 229 13.54 -38.70 36.95
C GLU J 229 13.21 -38.72 35.47
N VAL J 230 14.00 -39.48 34.73
CA VAL J 230 13.90 -39.51 33.28
C VAL J 230 13.97 -38.08 32.74
N THR J 231 15.09 -37.41 33.01
CA THR J 231 15.34 -36.09 32.42
C THR J 231 15.09 -36.23 30.94
N VAL J 232 13.88 -35.89 30.52
CA VAL J 232 13.38 -36.31 29.23
C VAL J 232 12.17 -35.49 28.77
N ASP J 233 11.56 -34.78 29.71
CA ASP J 233 10.33 -34.03 29.43
C ASP J 233 10.60 -32.65 28.84
N LYS J 234 10.05 -32.39 27.65
CA LYS J 234 10.27 -31.13 26.96
C LYS J 234 11.75 -30.82 26.97
N TRP J 235 12.57 -31.86 26.91
CA TRP J 235 13.99 -31.66 27.16
C TRP J 235 14.93 -32.63 26.42
N GLU J 236 16.19 -32.21 26.34
CA GLU J 236 17.22 -32.84 25.54
C GLU J 236 18.42 -31.90 25.37
N PRO J 237 18.15 -30.60 25.07
CA PRO J 237 19.10 -29.52 24.79
C PRO J 237 20.46 -29.67 25.44
N LEU J 238 20.50 -29.56 26.76
CA LEU J 238 21.75 -29.59 27.49
C LEU J 238 22.88 -30.23 26.69
N LEU J 239 22.77 -31.53 26.42
CA LEU J 239 23.87 -32.24 25.78
C LEU J 239 24.42 -31.59 24.51
N ASN J 240 23.54 -31.31 23.55
CA ASN J 240 23.95 -30.68 22.29
C ASN J 240 24.73 -29.41 22.54
N ASN J 241 24.50 -28.78 23.68
CA ASN J 241 25.20 -27.53 24.00
C ASN J 241 26.71 -27.76 24.16
N LEU J 242 27.09 -28.68 25.03
CA LEU J 242 28.51 -28.98 25.22
C LEU J 242 29.18 -29.44 23.91
N GLY J 243 28.37 -29.74 22.90
CA GLY J 243 28.87 -30.05 21.56
C GLY J 243 29.13 -28.79 20.76
N HIS J 244 28.34 -27.76 21.04
CA HIS J 244 28.59 -26.46 20.47
C HIS J 244 29.77 -25.81 21.21
N VAL J 245 30.01 -26.26 22.43
CA VAL J 245 31.08 -25.70 23.29
C VAL J 245 32.47 -26.16 22.85
N CYS J 246 32.63 -27.48 22.69
CA CYS J 246 33.93 -28.05 22.36
C CYS J 246 34.33 -27.89 20.91
N ARG J 247 33.35 -27.75 20.01
CA ARG J 247 33.65 -27.53 18.60
C ARG J 247 34.25 -26.14 18.43
N LYS J 248 33.95 -25.27 19.39
CA LYS J 248 34.49 -23.90 19.40
C LYS J 248 35.85 -23.77 20.10
N LEU J 249 36.15 -24.70 21.01
CA LEU J 249 37.47 -24.78 21.61
C LEU J 249 38.41 -25.42 20.61
N LYS J 250 37.85 -25.77 19.45
CA LYS J 250 38.48 -26.60 18.43
C LYS J 250 38.50 -28.09 18.81
N LYS J 251 38.11 -28.38 20.05
CA LYS J 251 37.90 -29.73 20.53
C LYS J 251 36.80 -30.42 19.74
N TYR J 252 37.11 -30.90 18.53
CA TYR J 252 36.09 -31.55 17.70
C TYR J 252 35.85 -32.93 18.26
N ALA J 253 36.94 -33.62 18.53
CA ALA J 253 36.90 -34.91 19.16
C ALA J 253 35.76 -34.92 20.16
N GLU J 254 35.80 -33.96 21.10
CA GLU J 254 34.86 -33.93 22.21
C GLU J 254 33.47 -33.38 21.89
N ALA J 255 33.26 -32.94 20.66
CA ALA J 255 31.94 -32.44 20.27
C ALA J 255 31.20 -33.51 19.46
N LEU J 256 31.94 -34.19 18.59
CA LEU J 256 31.41 -35.33 17.86
C LEU J 256 30.72 -36.25 18.86
N ASP J 257 31.24 -36.26 20.08
CA ASP J 257 30.76 -37.12 21.17
C ASP J 257 29.36 -36.78 21.67
N TYR J 258 29.18 -35.54 22.12
CA TYR J 258 27.92 -35.13 22.74
C TYR J 258 26.72 -35.15 21.79
N HIS J 259 26.90 -34.63 20.58
CA HIS J 259 25.82 -34.54 19.60
C HIS J 259 25.24 -35.92 19.35
N ARG J 260 26.11 -36.92 19.46
CA ARG J 260 25.72 -38.32 19.41
C ARG J 260 24.62 -38.61 20.44
N GLN J 261 24.94 -38.42 21.73
CA GLN J 261 23.97 -38.60 22.81
C GLN J 261 22.72 -37.72 22.65
N ALA J 262 22.90 -36.53 22.08
CA ALA J 262 21.79 -35.59 21.92
C ALA J 262 20.77 -36.15 20.94
N LEU J 263 21.27 -36.93 19.97
CA LEU J 263 20.39 -37.64 19.06
C LEU J 263 19.71 -38.78 19.82
N VAL J 264 20.45 -39.41 20.73
CA VAL J 264 19.89 -40.45 21.59
C VAL J 264 18.61 -39.96 22.29
N LEU J 265 18.52 -38.66 22.54
CA LEU J 265 17.38 -38.10 23.27
C LEU J 265 16.28 -37.57 22.35
N ILE J 266 16.69 -36.98 21.23
CA ILE J 266 15.76 -36.59 20.19
C ILE J 266 16.40 -36.95 18.86
N PRO J 267 16.23 -38.21 18.43
CA PRO J 267 16.73 -38.77 17.17
C PRO J 267 16.33 -38.06 15.87
N GLN J 268 15.19 -37.38 15.83
CA GLN J 268 14.72 -36.72 14.60
C GLN J 268 15.02 -35.23 14.54
N ASN J 269 16.17 -34.83 15.10
CA ASN J 269 16.50 -33.42 15.23
C ASN J 269 17.29 -32.84 14.05
N ALA J 270 16.73 -31.85 13.37
CA ALA J 270 17.36 -31.24 12.21
C ALA J 270 18.69 -30.61 12.59
N SER J 271 18.65 -29.78 13.62
CA SER J 271 19.84 -29.07 14.07
C SER J 271 20.98 -30.05 14.34
N THR J 272 20.78 -30.97 15.28
CA THR J 272 21.81 -31.95 15.64
C THR J 272 22.40 -32.57 14.38
N TYR J 273 21.55 -32.79 13.39
CA TYR J 273 22.02 -33.29 12.10
C TYR J 273 23.04 -32.33 11.47
N SER J 274 22.57 -31.13 11.15
CA SER J 274 23.44 -30.05 10.72
C SER J 274 24.74 -29.95 11.52
N ALA J 275 24.62 -29.81 12.84
CA ALA J 275 25.79 -29.68 13.71
C ALA J 275 26.83 -30.73 13.39
N ILE J 276 26.34 -31.93 13.04
CA ILE J 276 27.20 -33.10 12.84
C ILE J 276 28.00 -33.08 11.53
N GLY J 277 27.38 -32.55 10.49
CA GLY J 277 28.08 -32.34 9.22
C GLY J 277 29.09 -31.22 9.35
N TYR J 278 28.75 -30.19 10.12
CA TYR J 278 29.62 -29.03 10.24
C TYR J 278 30.97 -29.42 10.80
N ILE J 279 30.95 -30.27 11.81
CA ILE J 279 32.18 -30.72 12.45
C ILE J 279 33.11 -31.41 11.44
N HIS J 280 32.53 -32.14 10.50
CA HIS J 280 33.30 -32.70 9.39
C HIS J 280 33.90 -31.56 8.56
N SER J 281 33.07 -30.61 8.17
CA SER J 281 33.55 -29.41 7.46
C SER J 281 34.79 -28.79 8.09
N LEU J 282 34.80 -28.64 9.41
CA LEU J 282 35.96 -28.13 10.12
C LEU J 282 37.09 -29.19 10.22
N GLY J 284 37.34 -32.04 7.92
CA GLY J 284 37.72 -32.33 6.55
C GLY J 284 37.17 -33.64 6.02
N ASN J 285 36.06 -34.12 6.59
CA ASN J 285 35.44 -35.37 6.13
C ASN J 285 34.30 -35.12 5.15
N PHE J 286 34.53 -34.17 4.25
CA PHE J 286 33.47 -33.61 3.40
C PHE J 286 32.44 -34.59 2.83
N GLU J 287 32.89 -35.76 2.38
CA GLU J 287 31.93 -36.75 1.87
C GLU J 287 30.90 -37.04 2.95
N ASN J 288 31.37 -37.17 4.19
CA ASN J 288 30.49 -37.39 5.33
C ASN J 288 29.64 -36.17 5.64
N ALA J 289 30.29 -35.01 5.71
CA ALA J 289 29.59 -33.77 6.06
C ALA J 289 28.44 -33.48 5.11
N VAL J 290 28.60 -33.87 3.84
CA VAL J 290 27.52 -33.72 2.87
C VAL J 290 26.43 -34.77 3.11
N ASP J 291 26.81 -35.90 3.69
CA ASP J 291 25.85 -36.92 4.09
C ASP J 291 24.91 -36.36 5.17
N TYR J 292 25.50 -35.83 6.24
CA TYR J 292 24.74 -35.27 7.34
C TYR J 292 24.05 -33.96 6.98
N PHE J 293 24.55 -33.28 5.96
CA PHE J 293 23.93 -32.08 5.44
C PHE J 293 22.80 -32.42 4.47
N HIS J 294 22.70 -33.69 4.09
CA HIS J 294 21.63 -34.16 3.22
C HIS J 294 20.38 -34.52 4.01
N THR J 295 20.60 -35.26 5.08
CA THR J 295 19.51 -35.70 5.95
C THR J 295 18.79 -34.51 6.59
N ALA J 296 19.56 -33.49 6.98
CA ALA J 296 19.03 -32.34 7.70
C ALA J 296 18.24 -31.36 6.83
N LEU J 297 18.18 -31.65 5.53
CA LEU J 297 17.27 -30.96 4.63
C LEU J 297 16.10 -31.89 4.34
N GLY J 298 16.26 -33.14 4.78
CA GLY J 298 15.20 -34.13 4.78
C GLY J 298 14.35 -33.97 6.03
N LEU J 299 14.48 -32.80 6.66
CA LEU J 299 13.68 -32.43 7.83
C LEU J 299 13.42 -30.91 7.80
N ARG J 300 14.46 -30.12 8.02
CA ARG J 300 14.36 -28.66 7.90
C ARG J 300 14.90 -28.18 6.56
N ARG J 301 13.98 -27.87 5.64
CA ARG J 301 14.36 -27.30 4.35
C ARG J 301 14.42 -25.77 4.41
N ASP J 302 14.57 -25.25 5.63
CA ASP J 302 14.86 -23.83 5.84
C ASP J 302 16.05 -23.71 6.80
N ASP J 303 16.95 -24.70 6.75
CA ASP J 303 18.21 -24.63 7.45
C ASP J 303 19.17 -23.81 6.60
N THR J 304 19.12 -22.49 6.76
CA THR J 304 19.92 -21.59 5.96
C THR J 304 21.40 -21.94 6.06
N PHE J 305 21.82 -22.36 7.25
CA PHE J 305 23.20 -22.75 7.54
C PHE J 305 23.64 -23.97 6.72
N SER J 306 22.78 -24.99 6.68
CA SER J 306 23.13 -26.25 6.04
C SER J 306 23.26 -26.10 4.53
N VAL J 307 22.60 -25.09 3.97
CA VAL J 307 22.67 -24.81 2.54
C VAL J 307 23.97 -24.07 2.22
N THR J 308 24.33 -23.14 3.11
CA THR J 308 25.53 -22.36 2.97
C THR J 308 26.77 -23.25 3.03
N LEU J 310 26.71 -26.71 2.23
CA LEU J 310 26.66 -27.58 1.05
C LEU J 310 27.22 -26.87 -0.17
N GLY J 311 27.13 -25.55 -0.16
CA GLY J 311 27.76 -24.72 -1.19
C GLY J 311 29.27 -24.72 -1.03
N HIS J 312 29.74 -24.40 0.17
CA HIS J 312 31.16 -24.46 0.49
C HIS J 312 31.72 -25.84 0.18
N CYS J 313 30.94 -26.87 0.52
CA CYS J 313 31.38 -28.24 0.31
C CYS J 313 31.66 -28.55 -1.15
N ILE J 314 30.75 -28.17 -2.04
CA ILE J 314 30.88 -28.57 -3.43
C ILE J 314 31.80 -27.68 -4.25
N GLU J 315 31.84 -26.38 -3.94
CA GLU J 315 32.70 -25.47 -4.69
C GLU J 315 34.10 -26.05 -4.77
N TYR J 317 34.63 -29.48 -4.45
CA TYR J 317 34.53 -30.73 -5.18
C TYR J 317 34.91 -30.52 -6.63
N ILE J 318 34.59 -29.33 -7.15
CA ILE J 318 35.01 -28.93 -8.48
C ILE J 318 36.48 -28.54 -8.46
N GLY J 319 37.34 -29.56 -8.54
CA GLY J 319 38.76 -29.39 -8.33
C GLY J 319 39.22 -30.49 -7.40
N ASP J 320 38.92 -31.72 -7.77
CA ASP J 320 39.18 -32.89 -6.95
C ASP J 320 40.39 -32.73 -6.04
N LEU K 2 18.84 12.56 37.68
CA LEU K 2 17.99 13.24 36.71
C LEU K 2 16.49 12.99 36.93
N ARG K 3 15.65 13.95 36.54
CA ARG K 3 14.20 13.83 36.66
C ARG K 3 13.49 14.28 35.39
N ARG K 4 12.20 13.99 35.29
CA ARG K 4 11.35 14.59 34.26
C ARG K 4 10.30 15.48 34.91
N LYS K 5 9.82 16.45 34.15
CA LYS K 5 8.81 17.38 34.64
C LYS K 5 7.58 16.64 35.14
N PRO K 6 7.04 17.10 36.28
CA PRO K 6 5.93 16.42 36.97
C PRO K 6 4.75 16.22 36.05
N THR K 7 4.29 14.99 35.99
CA THR K 7 3.12 14.64 35.17
C THR K 7 2.05 15.70 35.36
N ARG K 8 1.60 16.29 34.25
CA ARG K 8 0.58 17.32 34.33
C ARG K 8 -0.76 16.87 33.75
N LEU K 9 -1.74 16.78 34.64
CA LEU K 9 -3.07 16.28 34.31
C LEU K 9 -3.70 17.03 33.15
N GLU K 10 -4.47 16.31 32.33
CA GLU K 10 -5.24 16.94 31.29
C GLU K 10 -6.66 16.38 31.31
N LEU K 11 -7.58 17.03 30.59
CA LEU K 11 -8.97 16.60 30.56
C LEU K 11 -9.16 15.41 29.63
N LYS K 12 -9.65 14.32 30.18
CA LYS K 12 -10.01 13.14 29.41
C LYS K 12 -11.35 13.43 28.76
N LEU K 13 -11.70 12.68 27.73
CA LEU K 13 -13.00 12.86 27.10
C LEU K 13 -14.10 12.33 28.00
N ASP K 14 -13.83 11.19 28.64
CA ASP K 14 -14.82 10.56 29.51
C ASP K 14 -15.19 11.52 30.64
N ASP K 15 -14.28 12.45 30.92
CA ASP K 15 -14.49 13.46 31.95
C ASP K 15 -15.69 14.34 31.66
N ILE K 16 -16.28 14.18 30.48
CA ILE K 16 -17.49 14.91 30.16
C ILE K 16 -18.67 14.21 30.82
N GLU K 17 -18.54 12.89 30.98
CA GLU K 17 -19.51 12.10 31.71
C GLU K 17 -19.88 12.78 33.04
N GLU K 18 -18.98 13.61 33.55
CA GLU K 18 -19.26 14.43 34.72
C GLU K 18 -20.45 15.34 34.43
N PHE K 19 -20.26 16.20 33.44
CA PHE K 19 -21.28 17.16 33.07
C PHE K 19 -22.58 16.43 32.68
N GLU K 20 -22.43 15.29 32.02
CA GLU K 20 -23.58 14.47 31.61
C GLU K 20 -24.56 14.28 32.75
N ASN K 21 -24.15 13.49 33.74
CA ASN K 21 -25.00 13.21 34.89
C ASN K 21 -25.24 14.43 35.80
N ILE K 22 -25.02 15.62 35.25
CA ILE K 22 -25.49 16.85 35.88
C ILE K 22 -26.73 17.38 35.16
N ARG K 23 -26.84 17.08 33.87
CA ARG K 23 -28.05 17.39 33.11
C ARG K 23 -29.14 16.37 33.40
N GLU L 20 42.98 21.28 48.74
CA GLU L 20 42.61 21.17 47.33
C GLU L 20 41.83 19.87 47.05
N ASN L 21 41.35 19.25 48.13
CA ASN L 21 40.50 18.05 48.03
C ASN L 21 39.04 18.42 47.78
N LEU L 22 38.48 17.97 46.65
CA LEU L 22 37.16 18.44 46.23
C LEU L 22 36.02 17.41 46.19
N ASP L 23 36.32 16.15 46.49
CA ASP L 23 35.28 15.11 46.46
C ASP L 23 34.21 15.36 47.52
N VAL L 24 34.54 16.20 48.50
CA VAL L 24 33.60 16.60 49.55
C VAL L 24 32.45 17.42 48.97
N VAL L 25 32.77 18.34 48.07
CA VAL L 25 31.76 19.22 47.50
C VAL L 25 30.75 18.41 46.73
N VAL L 26 31.24 17.54 45.84
CA VAL L 26 30.34 16.74 45.02
C VAL L 26 29.18 16.16 45.85
N SER L 27 29.47 15.73 47.08
CA SER L 27 28.46 15.16 47.97
C SER L 27 27.46 16.21 48.41
N LEU L 28 27.97 17.37 48.82
CA LEU L 28 27.11 18.49 49.24
C LEU L 28 26.29 19.01 48.08
N ALA L 29 26.92 19.12 46.91
CA ALA L 29 26.22 19.52 45.70
C ALA L 29 25.28 18.42 45.26
N GLU L 30 25.40 17.24 45.86
CA GLU L 30 24.45 16.16 45.62
C GLU L 30 23.31 16.25 46.63
N ARG L 31 23.68 16.57 47.87
CA ARG L 31 22.74 16.77 48.95
C ARG L 31 21.65 17.79 48.56
N HIS L 32 22.03 18.75 47.71
CA HIS L 32 21.13 19.81 47.23
C HIS L 32 20.30 19.41 46.02
N TYR L 33 20.75 18.39 45.29
CA TYR L 33 20.00 17.93 44.12
C TYR L 33 18.87 16.98 44.54
N TYR L 34 19.11 16.22 45.60
CA TYR L 34 18.08 15.32 46.13
C TYR L 34 17.11 16.06 47.05
N ASN L 35 17.58 17.18 47.59
CA ASN L 35 16.72 18.06 48.38
C ASN L 35 16.14 19.21 47.55
N CYS L 36 16.07 19.00 46.23
CA CYS L 36 15.37 19.92 45.32
C CYS L 36 15.79 21.40 45.44
N ASP L 37 17.00 21.64 45.94
CA ASP L 37 17.58 22.97 45.95
C ASP L 37 18.58 23.14 44.80
N PHE L 38 18.06 23.37 43.60
CA PHE L 38 18.89 23.45 42.40
C PHE L 38 19.52 24.82 42.23
N LYS L 39 18.97 25.83 42.90
CA LYS L 39 19.59 27.14 42.89
C LYS L 39 21.00 27.03 43.46
N CYS L 41 22.86 24.15 44.71
CA CYS L 41 23.62 23.07 44.08
C CYS L 41 24.34 23.53 42.83
N TYR L 42 23.67 24.35 42.02
CA TYR L 42 24.26 24.83 40.77
C TYR L 42 25.63 25.51 40.99
N LYS L 43 25.65 26.55 41.82
CA LYS L 43 26.90 27.21 42.12
C LYS L 43 27.88 26.28 42.84
N LEU L 44 27.38 25.16 43.34
CA LEU L 44 28.24 24.21 44.06
C LEU L 44 28.97 23.34 43.07
N THR L 45 28.37 23.16 41.90
CA THR L 45 28.92 22.26 40.92
C THR L 45 29.82 22.97 39.94
N SER L 46 29.41 24.16 39.50
CA SER L 46 30.20 24.93 38.54
C SER L 46 31.52 25.32 39.18
N VAL L 47 31.54 25.38 40.50
CA VAL L 47 32.79 25.57 41.23
C VAL L 47 33.71 24.37 40.97
N VAL L 48 33.19 23.15 41.19
CA VAL L 48 33.94 21.95 40.86
C VAL L 48 34.26 21.96 39.37
N GLU L 50 34.87 24.26 37.61
CA GLU L 50 35.98 25.17 37.39
C GLU L 50 37.30 24.45 37.54
N LYS L 51 37.39 23.57 38.54
CA LYS L 51 38.58 22.77 38.76
C LYS L 51 38.66 21.63 37.74
N ASP L 52 37.96 20.54 38.03
CA ASP L 52 37.95 19.35 37.18
C ASP L 52 36.65 19.23 36.37
N PRO L 53 36.72 19.48 35.05
CA PRO L 53 35.55 19.37 34.18
C PRO L 53 35.09 17.92 34.04
N PHE L 54 35.96 17.06 33.52
CA PHE L 54 35.62 15.67 33.26
C PHE L 54 35.51 14.83 34.54
N HIS L 55 35.08 15.46 35.63
CA HIS L 55 34.75 14.76 36.87
C HIS L 55 33.61 13.79 36.57
N ALA L 56 33.92 12.50 36.54
CA ALA L 56 32.96 11.49 36.07
C ALA L 56 31.74 11.32 36.97
N SER L 57 31.89 11.68 38.25
CA SER L 57 30.79 11.57 39.21
C SER L 57 30.01 12.89 39.31
N CYS L 58 30.75 14.00 39.32
CA CYS L 58 30.16 15.32 39.48
C CYS L 58 29.38 15.75 38.23
N LEU L 59 29.91 15.41 37.07
CA LEU L 59 29.30 15.87 35.82
C LEU L 59 27.82 15.52 35.70
N PRO L 60 27.47 14.25 35.96
CA PRO L 60 26.05 13.85 35.83
C PRO L 60 25.14 14.73 36.68
N VAL L 61 25.63 15.21 37.83
CA VAL L 61 24.85 16.14 38.62
C VAL L 61 24.83 17.49 37.94
N HIS L 62 26.01 18.01 37.59
CA HIS L 62 26.12 19.29 36.91
C HIS L 62 25.16 19.29 35.73
N ILE L 63 25.25 18.26 34.88
CA ILE L 63 24.34 18.14 33.76
C ILE L 63 22.88 18.29 34.20
N GLY L 64 22.44 17.42 35.11
CA GLY L 64 21.06 17.43 35.57
C GLY L 64 20.60 18.79 36.04
N THR L 65 21.37 19.39 36.95
CA THR L 65 21.04 20.70 37.48
C THR L 65 20.77 21.73 36.38
N LEU L 66 21.51 21.60 35.29
CA LEU L 66 21.38 22.51 34.16
C LEU L 66 20.00 22.39 33.53
N VAL L 67 19.63 21.17 33.13
CA VAL L 67 18.31 20.92 32.56
C VAL L 67 17.22 21.52 33.45
N GLU L 68 17.35 21.28 34.75
CA GLU L 68 16.33 21.67 35.73
C GLU L 68 16.05 23.17 35.72
N LEU L 69 17.12 23.97 35.58
CA LEU L 69 17.00 25.41 35.52
C LEU L 69 16.89 25.88 34.08
N ASN L 70 16.56 24.95 33.18
CA ASN L 70 16.48 25.27 31.76
C ASN L 70 17.69 26.06 31.24
N LYS L 71 18.85 25.83 31.84
CA LYS L 71 20.10 26.28 31.27
C LYS L 71 20.31 25.53 29.95
N ALA L 72 19.36 25.69 29.03
CA ALA L 72 19.53 25.14 27.70
C ALA L 72 20.85 25.67 27.17
N ASN L 73 21.08 26.96 27.39
CA ASN L 73 22.32 27.62 26.98
C ASN L 73 23.58 26.88 27.42
N GLU L 74 23.84 26.88 28.73
CA GLU L 74 25.02 26.22 29.28
C GLU L 74 25.14 24.77 28.81
N LEU L 75 24.07 24.00 28.97
CA LEU L 75 24.11 22.60 28.57
C LEU L 75 24.43 22.48 27.10
N PHE L 76 23.77 23.29 26.29
CA PHE L 76 23.95 23.25 24.84
C PHE L 76 25.44 23.18 24.55
N TYR L 77 26.16 24.20 25.00
CA TYR L 77 27.60 24.24 24.83
C TYR L 77 28.20 23.02 25.54
N LEU L 78 28.16 23.01 26.87
CA LEU L 78 28.77 21.93 27.64
C LEU L 78 28.61 20.55 26.99
N SER L 79 27.40 20.24 26.55
CA SER L 79 27.11 18.89 26.06
C SER L 79 27.85 18.58 24.76
N HIS L 80 27.71 19.45 23.78
CA HIS L 80 28.24 19.20 22.44
C HIS L 80 29.77 19.20 22.36
N LYS L 81 30.38 20.04 23.19
CA LYS L 81 31.84 20.09 23.29
C LYS L 81 32.38 18.79 23.87
N LEU L 82 31.85 18.40 25.03
CA LEU L 82 32.26 17.14 25.66
C LEU L 82 32.24 15.98 24.67
N VAL L 83 31.54 16.15 23.55
CA VAL L 83 31.50 15.10 22.53
C VAL L 83 32.64 15.29 21.53
N ASP L 84 33.05 16.53 21.32
CA ASP L 84 34.13 16.86 20.40
C ASP L 84 35.52 16.40 20.89
N LEU L 85 35.70 16.33 22.21
CA LEU L 85 37.02 16.10 22.76
C LEU L 85 37.13 14.93 23.75
N TYR L 86 36.02 14.21 23.95
CA TYR L 86 36.02 13.02 24.79
C TYR L 86 34.99 11.99 24.32
N PRO L 87 34.99 11.67 23.02
CA PRO L 87 34.04 10.71 22.46
C PRO L 87 34.27 9.29 22.98
N SER L 88 34.96 9.18 24.12
CA SER L 88 35.16 7.90 24.78
C SER L 88 34.24 7.74 25.98
N ASN L 89 34.18 8.78 26.82
CA ASN L 89 33.35 8.78 28.03
C ASN L 89 31.86 8.98 27.74
N PRO L 90 31.02 8.04 28.19
CA PRO L 90 29.57 8.01 27.91
C PRO L 90 28.83 9.26 28.38
N VAL L 91 29.47 10.05 29.23
CA VAL L 91 28.87 11.29 29.70
C VAL L 91 28.66 12.25 28.53
N SER L 92 29.56 12.17 27.55
CA SER L 92 29.50 13.04 26.39
C SER L 92 28.12 12.94 25.74
N TRP L 93 27.71 11.70 25.44
CA TRP L 93 26.40 11.42 24.84
C TRP L 93 25.26 11.69 25.81
N PHE L 94 25.41 11.18 27.02
CA PHE L 94 24.46 11.42 28.10
C PHE L 94 24.21 12.92 28.20
N ALA L 95 25.23 13.71 27.87
CA ALA L 95 25.12 15.15 27.97
C ALA L 95 24.16 15.73 26.93
N VAL L 96 24.35 15.36 25.68
CA VAL L 96 23.47 15.88 24.64
C VAL L 96 22.17 15.09 24.61
N GLY L 97 22.27 13.78 24.83
CA GLY L 97 21.08 12.93 24.94
C GLY L 97 20.08 13.64 25.82
N CYS L 98 20.56 14.08 26.98
CA CYS L 98 19.76 14.91 27.85
C CYS L 98 19.36 16.19 27.14
N TYR L 99 20.31 16.80 26.44
CA TYR L 99 20.03 18.06 25.77
C TYR L 99 18.76 17.96 24.91
N TYR L 100 18.65 16.90 24.11
CA TYR L 100 17.47 16.71 23.27
C TYR L 100 16.22 16.43 24.09
N LEU L 101 16.42 15.97 25.32
CA LEU L 101 15.30 15.61 26.18
C LEU L 101 14.68 16.86 26.81
N VAL L 103 14.58 19.84 25.48
CA VAL L 103 14.01 20.73 24.48
C VAL L 103 13.48 20.03 23.22
N GLY L 104 14.06 20.39 22.07
CA GLY L 104 13.57 19.98 20.77
C GLY L 104 13.01 18.57 20.72
N HIS L 105 11.87 18.42 20.07
CA HIS L 105 11.20 17.12 19.99
C HIS L 105 12.02 16.12 19.17
N LYS L 106 13.34 16.24 19.24
CA LYS L 106 14.22 15.27 18.63
C LYS L 106 14.34 14.03 19.52
N ASN L 107 13.18 13.55 20.01
CA ASN L 107 13.11 12.38 20.88
C ASN L 107 13.73 11.15 20.22
N GLU L 108 13.73 11.14 18.88
CA GLU L 108 14.38 10.07 18.13
C GLU L 108 15.89 10.14 18.37
N HIS L 109 16.44 11.34 18.24
CA HIS L 109 17.87 11.60 18.43
C HIS L 109 18.34 11.27 19.85
N ALA L 110 17.61 11.78 20.84
CA ALA L 110 17.97 11.59 22.24
C ALA L 110 18.10 10.12 22.59
N ARG L 111 17.04 9.36 22.35
CA ARG L 111 17.06 7.95 22.67
C ARG L 111 18.27 7.28 22.01
N ARG L 112 18.55 7.67 20.76
CA ARG L 112 19.62 7.08 19.98
C ARG L 112 21.02 7.39 20.51
N TYR L 113 21.20 8.59 21.08
CA TYR L 113 22.46 8.94 21.70
C TYR L 113 22.61 8.26 23.05
N LEU L 114 21.47 8.04 23.72
CA LEU L 114 21.49 7.48 25.07
C LEU L 114 21.86 5.99 25.10
N SER L 115 21.49 5.24 24.07
CA SER L 115 22.00 3.89 23.92
C SER L 115 23.44 3.93 23.38
N LYS L 116 23.85 5.09 22.87
CA LYS L 116 25.23 5.30 22.46
C LYS L 116 26.11 5.35 23.71
N ALA L 117 25.47 5.62 24.84
CA ALA L 117 26.13 5.61 26.14
C ALA L 117 25.99 4.25 26.84
N THR L 118 24.92 3.51 26.53
CA THR L 118 24.75 2.16 27.06
C THR L 118 25.71 1.19 26.37
N THR L 119 25.57 1.03 25.06
CA THR L 119 26.53 0.24 24.30
C THR L 119 27.83 1.03 24.14
N LEU L 120 28.30 1.57 25.26
CA LEU L 120 29.61 2.20 25.35
C LEU L 120 30.15 1.80 26.71
N GLU L 121 29.29 1.94 27.71
CA GLU L 121 29.56 1.44 29.05
C GLU L 121 28.22 1.10 29.70
N LYS L 122 27.80 -0.15 29.53
CA LYS L 122 26.48 -0.61 29.99
C LYS L 122 26.23 -0.32 31.48
N THR L 123 27.30 -0.10 32.24
CA THR L 123 27.21 0.13 33.68
C THR L 123 26.84 1.57 34.06
N TYR L 124 26.68 2.43 33.05
CA TYR L 124 26.50 3.87 33.31
C TYR L 124 25.07 4.25 33.71
N GLY L 125 24.81 4.23 35.01
CA GLY L 125 23.48 4.48 35.54
C GLY L 125 22.71 5.65 34.94
N PRO L 126 23.29 6.86 35.02
CA PRO L 126 22.63 8.08 34.57
C PRO L 126 22.02 7.99 33.16
N ALA L 127 22.68 7.26 32.26
CA ALA L 127 22.13 7.10 30.91
C ALA L 127 20.81 6.35 30.96
N TRP L 128 20.84 5.16 31.55
CA TRP L 128 19.66 4.30 31.68
C TRP L 128 18.41 5.03 32.15
N ILE L 129 18.52 5.68 33.30
CA ILE L 129 17.39 6.37 33.89
C ILE L 129 16.70 7.29 32.87
N ALA L 130 17.51 8.01 32.07
CA ALA L 130 16.98 8.95 31.07
C ALA L 130 16.61 8.26 29.76
N TYR L 131 17.22 7.12 29.50
CA TYR L 131 16.81 6.30 28.36
C TYR L 131 15.32 6.02 28.53
N GLY L 132 14.97 5.47 29.69
CA GLY L 132 13.57 5.24 30.04
C GLY L 132 12.72 6.49 29.92
N HIS L 133 13.20 7.61 30.43
CA HIS L 133 12.42 8.84 30.35
C HIS L 133 12.01 9.13 28.91
N SER L 134 12.78 8.64 27.95
CA SER L 134 12.47 8.87 26.54
C SER L 134 11.26 8.06 26.11
N PHE L 135 11.12 6.87 26.69
CA PHE L 135 9.96 6.05 26.43
C PHE L 135 8.78 6.57 27.25
N ALA L 136 9.03 6.81 28.53
CA ALA L 136 7.98 7.20 29.47
C ALA L 136 7.11 8.37 28.98
N VAL L 137 7.74 9.40 28.43
CA VAL L 137 7.02 10.55 27.88
C VAL L 137 6.40 10.22 26.52
N GLU L 138 6.92 9.18 25.87
CA GLU L 138 6.40 8.73 24.59
C GLU L 138 5.22 7.78 24.78
N SER L 139 4.89 7.51 26.04
CA SER L 139 3.77 6.63 26.39
C SER L 139 4.17 5.17 26.35
N GLU L 140 5.42 4.91 25.99
CA GLU L 140 5.94 3.54 25.94
C GLU L 140 6.19 2.98 27.33
N HIS L 141 5.12 2.57 27.98
CA HIS L 141 5.16 2.16 29.38
C HIS L 141 6.08 0.99 29.61
N ASP L 142 6.07 0.04 28.67
CA ASP L 142 6.85 -1.18 28.81
C ASP L 142 8.34 -0.92 28.72
N GLN L 143 8.76 -0.24 27.66
CA GLN L 143 10.16 -0.02 27.40
C GLN L 143 10.84 0.95 28.37
N ALA L 144 10.07 1.86 28.95
CA ALA L 144 10.61 2.72 30.00
C ALA L 144 10.84 1.91 31.28
N ALA L 146 11.79 -1.28 32.00
CA ALA L 146 13.01 -2.07 32.16
C ALA L 146 14.22 -1.17 32.31
N ALA L 147 14.14 0.01 31.71
CA ALA L 147 15.21 0.99 31.76
C ALA L 147 15.39 1.55 33.18
N TYR L 148 14.29 1.75 33.90
CA TYR L 148 14.37 2.23 35.29
C TYR L 148 14.82 1.11 36.24
N PHE L 149 14.43 -0.12 35.92
CA PHE L 149 14.84 -1.27 36.72
C PHE L 149 16.31 -1.56 36.59
N THR L 150 16.88 -1.24 35.43
CA THR L 150 18.32 -1.39 35.22
C THR L 150 19.07 -0.26 35.90
N ALA L 151 18.45 0.92 35.91
CA ALA L 151 19.04 2.10 36.52
C ALA L 151 19.02 2.01 38.05
N ALA L 152 18.19 1.12 38.57
CA ALA L 152 18.08 0.88 40.01
C ALA L 152 19.08 -0.16 40.50
N GLN L 153 19.56 -1.00 39.59
CA GLN L 153 20.60 -1.95 39.95
C GLN L 153 21.93 -1.23 39.97
N LEU L 154 22.06 -0.25 39.08
CA LEU L 154 23.30 0.51 38.94
C LEU L 154 23.40 1.63 39.97
N LYS L 156 22.27 2.20 43.09
CA LYS L 156 21.66 1.64 44.29
C LYS L 156 21.64 2.69 45.39
N GLY L 157 20.52 2.79 46.09
CA GLY L 157 20.35 3.78 47.14
C GLY L 157 19.78 5.08 46.60
N CYS L 158 19.84 5.25 45.29
CA CYS L 158 19.14 6.37 44.66
C CYS L 158 17.62 6.11 44.60
N HIS L 159 16.85 7.13 44.93
CA HIS L 159 15.41 6.99 45.03
C HIS L 159 14.67 7.35 43.75
N LEU L 160 15.37 7.96 42.81
CA LEU L 160 14.76 8.44 41.58
C LEU L 160 14.31 7.35 40.61
N PRO L 161 15.15 6.32 40.40
CA PRO L 161 14.73 5.20 39.56
C PRO L 161 13.46 4.53 40.10
N LEU L 163 11.25 5.96 42.09
CA LEU L 163 10.18 6.93 42.03
C LEU L 163 9.36 6.74 40.75
N TYR L 164 10.07 6.51 39.66
CA TYR L 164 9.42 6.48 38.35
C TYR L 164 8.82 5.14 37.98
N ILE L 165 9.48 4.05 38.39
CA ILE L 165 8.88 2.74 38.17
C ILE L 165 7.53 2.66 38.88
N GLY L 166 7.46 3.16 40.11
CA GLY L 166 6.21 3.19 40.86
C GLY L 166 5.16 4.01 40.13
N LEU L 167 5.58 5.05 39.43
CA LEU L 167 4.64 5.86 38.65
C LEU L 167 4.13 5.01 37.49
N GLU L 168 5.06 4.46 36.71
CA GLU L 168 4.67 3.61 35.58
C GLU L 168 3.72 2.51 36.04
N TYR L 169 3.95 1.99 37.24
CA TYR L 169 3.05 0.99 37.83
C TYR L 169 1.67 1.58 38.10
N GLY L 170 1.64 2.75 38.72
CA GLY L 170 0.40 3.44 39.02
C GLY L 170 -0.23 3.99 37.76
N LEU L 171 0.59 4.15 36.73
CA LEU L 171 0.14 4.62 35.41
C LEU L 171 -0.38 3.47 34.52
N THR L 172 -0.56 2.30 35.12
CA THR L 172 -0.95 1.09 34.39
C THR L 172 -1.86 0.20 35.23
N ASN L 173 -2.40 0.77 36.31
CA ASN L 173 -3.30 0.06 37.21
C ASN L 173 -2.63 -0.86 38.23
N ASN L 174 -1.31 -0.75 38.37
CA ASN L 174 -0.58 -1.50 39.39
C ASN L 174 -0.44 -0.70 40.68
N SER L 175 -1.59 -0.41 41.30
CA SER L 175 -1.65 0.44 42.49
C SER L 175 -0.83 -0.09 43.66
N LYS L 176 -0.95 -1.39 43.95
CA LYS L 176 -0.28 -1.95 45.12
C LYS L 176 1.23 -1.83 44.99
N LEU L 177 1.75 -2.05 43.77
CA LEU L 177 3.18 -1.97 43.55
C LEU L 177 3.65 -0.52 43.43
N ALA L 178 2.85 0.31 42.77
CA ALA L 178 3.07 1.75 42.75
C ALA L 178 3.16 2.24 44.19
N GLU L 179 2.44 1.56 45.07
CA GLU L 179 2.51 1.86 46.49
C GLU L 179 3.89 1.49 47.07
N ARG L 180 4.34 0.28 46.81
CA ARG L 180 5.62 -0.16 47.38
C ARG L 180 6.75 0.80 47.03
N PHE L 181 6.70 1.36 45.82
CA PHE L 181 7.84 2.11 45.28
C PHE L 181 7.87 3.57 45.68
N PHE L 182 6.68 4.12 45.91
CA PHE L 182 6.60 5.48 46.44
C PHE L 182 7.10 5.54 47.88
N SER L 183 6.68 4.57 48.69
CA SER L 183 7.15 4.50 50.07
C SER L 183 8.65 4.13 50.16
N GLN L 184 9.10 3.23 49.29
CA GLN L 184 10.52 2.90 49.20
C GLN L 184 11.32 4.17 48.89
N ALA L 185 10.81 4.99 47.98
CA ALA L 185 11.45 6.25 47.61
C ALA L 185 11.37 7.29 48.73
N LEU L 186 10.24 7.30 49.43
CA LEU L 186 9.98 8.32 50.42
C LEU L 186 10.89 8.24 51.64
N SER L 187 11.08 7.04 52.16
CA SER L 187 11.98 6.84 53.29
C SER L 187 13.39 7.35 53.00
N ILE L 188 13.64 7.78 51.76
CA ILE L 188 14.97 8.26 51.38
C ILE L 188 15.03 9.77 51.44
N ALA L 189 14.33 10.43 50.53
CA ALA L 189 14.14 11.88 50.59
C ALA L 189 12.66 12.15 50.76
N PRO L 190 12.19 12.16 52.02
CA PRO L 190 10.77 12.37 52.32
C PRO L 190 10.40 13.82 52.04
N GLU L 191 11.43 14.65 51.88
CA GLU L 191 11.27 16.06 51.56
C GLU L 191 11.41 16.27 50.05
N ASP L 192 10.67 15.50 49.26
CA ASP L 192 10.72 15.68 47.81
C ASP L 192 9.32 15.84 47.27
N PRO L 193 9.02 17.04 46.75
CA PRO L 193 7.74 17.47 46.17
C PRO L 193 7.40 16.56 45.02
N PHE L 194 8.39 16.30 44.17
CA PHE L 194 8.21 15.42 43.00
C PHE L 194 7.74 14.05 43.45
N VAL L 195 8.46 13.45 44.38
CA VAL L 195 8.00 12.20 44.98
C VAL L 195 6.56 12.32 45.48
N HIS L 197 4.36 14.59 44.64
CA HIS L 197 3.48 14.91 43.51
C HIS L 197 2.91 13.63 42.91
N GLU L 198 3.73 12.92 42.15
CA GLU L 198 3.35 11.69 41.48
C GLU L 198 2.47 10.78 42.35
N VAL L 199 2.66 10.86 43.66
CA VAL L 199 1.89 10.03 44.59
C VAL L 199 0.40 10.37 44.52
N GLY L 200 0.11 11.66 44.44
CA GLY L 200 -1.25 12.13 44.25
C GLY L 200 -1.76 11.76 42.87
N VAL L 201 -1.06 12.22 41.84
CA VAL L 201 -1.40 11.90 40.45
C VAL L 201 -1.97 10.49 40.33
N VAL L 202 -1.21 9.52 40.82
CA VAL L 202 -1.61 8.12 40.78
C VAL L 202 -2.97 7.93 41.44
N ALA L 203 -3.09 8.38 42.68
CA ALA L 203 -4.32 8.26 43.45
C ALA L 203 -5.50 8.86 42.69
N PHE L 204 -5.26 10.03 42.10
CA PHE L 204 -6.22 10.70 41.23
C PHE L 204 -6.77 9.76 40.15
N GLN L 205 -5.87 9.01 39.53
CA GLN L 205 -6.26 8.07 38.48
C GLN L 205 -6.94 6.81 39.01
N ASN L 206 -6.60 6.42 40.24
CA ASN L 206 -7.24 5.29 40.90
C ASN L 206 -8.69 5.61 41.28
N GLY L 207 -9.06 6.88 41.18
CA GLY L 207 -10.39 7.31 41.55
C GLY L 207 -10.49 7.63 43.03
N GLU L 208 -9.43 8.22 43.58
CA GLU L 208 -9.41 8.60 45.00
C GLU L 208 -9.08 10.06 45.18
N TRP L 209 -9.86 10.92 44.53
CA TRP L 209 -9.63 12.37 44.53
C TRP L 209 -9.60 12.95 45.94
N LYS L 210 -10.18 12.21 46.88
CA LYS L 210 -10.12 12.61 48.28
C LYS L 210 -8.69 12.54 48.79
N THR L 211 -8.11 11.34 48.80
CA THR L 211 -6.71 11.18 49.20
C THR L 211 -5.79 11.90 48.22
N ALA L 212 -6.29 12.08 47.00
CA ALA L 212 -5.59 12.83 45.97
C ALA L 212 -5.41 14.30 46.37
N GLU L 213 -6.44 14.90 46.96
CA GLU L 213 -6.31 16.23 47.52
C GLU L 213 -5.33 16.20 48.67
N LYS L 214 -5.38 15.12 49.45
CA LYS L 214 -4.43 14.96 50.53
C LYS L 214 -3.01 15.13 49.99
N TRP L 215 -2.54 14.13 49.26
CA TRP L 215 -1.16 14.13 48.77
C TRP L 215 -0.84 15.29 47.84
N PHE L 216 -1.87 15.89 47.25
CA PHE L 216 -1.67 17.10 46.48
C PHE L 216 -1.47 18.29 47.42
N LEU L 217 -1.94 18.15 48.66
CA LEU L 217 -1.87 19.23 49.63
C LEU L 217 -0.67 19.10 50.57
N ASP L 218 -0.26 17.87 50.86
CA ASP L 218 1.00 17.64 51.56
C ASP L 218 2.12 18.26 50.73
N ALA L 219 2.05 17.98 49.43
CA ALA L 219 3.01 18.46 48.45
C ALA L 219 2.94 19.98 48.29
N LEU L 220 1.83 20.55 48.76
CA LEU L 220 1.65 21.99 48.70
C LEU L 220 2.37 22.64 49.87
N GLU L 221 1.94 22.31 51.09
CA GLU L 221 2.64 22.78 52.29
C GLU L 221 4.01 22.11 52.39
N LYS L 222 4.97 22.64 51.63
CA LYS L 222 6.33 22.12 51.61
C LYS L 222 7.10 22.61 50.38
N ILE L 223 6.42 22.68 49.23
CA ILE L 223 7.09 22.88 47.95
C ILE L 223 7.83 24.22 47.81
N LYS L 224 7.23 25.17 47.09
CA LYS L 224 7.81 26.50 46.95
C LYS L 224 7.94 27.13 48.32
N ALA L 225 7.05 26.74 49.23
CA ALA L 225 7.00 27.26 50.59
C ALA L 225 8.34 27.07 51.31
N ILE L 226 8.85 25.84 51.33
CA ILE L 226 10.16 25.57 51.93
C ILE L 226 11.27 26.00 50.98
N GLY L 227 11.90 25.03 50.30
CA GLY L 227 13.00 25.33 49.40
C GLY L 227 12.59 26.04 48.12
N ASN L 228 12.50 27.36 48.19
CA ASN L 228 12.16 28.16 47.02
C ASN L 228 13.42 28.53 46.25
N GLU L 229 13.26 28.91 44.99
CA GLU L 229 14.38 29.28 44.13
C GLU L 229 13.91 29.80 42.78
N VAL L 232 7.87 27.17 39.24
CA VAL L 232 7.56 27.84 37.98
C VAL L 232 8.68 27.67 36.94
N ASP L 233 9.78 27.05 37.34
CA ASP L 233 10.91 26.83 36.45
C ASP L 233 10.64 25.69 35.46
N LYS L 234 10.50 26.04 34.18
CA LYS L 234 10.10 25.08 33.15
C LYS L 234 8.93 24.27 33.68
N TRP L 235 7.97 24.98 34.28
CA TRP L 235 7.00 24.35 35.16
C TRP L 235 5.68 25.14 35.20
N GLU L 236 4.57 24.41 35.21
CA GLU L 236 3.23 24.99 35.14
C GLU L 236 2.16 24.25 35.95
N PRO L 237 2.25 22.91 36.00
CA PRO L 237 1.22 22.08 36.65
C PRO L 237 1.01 22.31 38.15
N LEU L 238 1.00 21.21 38.90
CA LEU L 238 0.56 21.14 40.30
C LEU L 238 -0.75 21.86 40.59
N LEU L 239 -0.72 23.18 40.69
CA LEU L 239 -1.92 23.98 40.96
C LEU L 239 -3.03 23.60 39.99
N ASN L 240 -2.72 23.72 38.70
CA ASN L 240 -3.59 23.28 37.65
C ASN L 240 -4.16 21.91 37.96
N ASN L 241 -3.39 21.12 38.68
CA ASN L 241 -3.79 19.75 38.96
C ASN L 241 -4.78 19.60 40.14
N LEU L 242 -4.58 20.35 41.23
CA LEU L 242 -5.52 20.26 42.35
C LEU L 242 -6.89 20.85 42.01
N GLY L 243 -6.91 21.84 41.10
CA GLY L 243 -8.17 22.32 40.56
C GLY L 243 -8.91 21.21 39.83
N HIS L 244 -8.15 20.24 39.33
CA HIS L 244 -8.71 19.07 38.66
C HIS L 244 -9.32 18.13 39.70
N VAL L 245 -8.72 18.10 40.89
CA VAL L 245 -9.19 17.22 41.95
C VAL L 245 -10.49 17.76 42.54
N CYS L 246 -10.50 19.04 42.88
CA CYS L 246 -11.64 19.66 43.53
C CYS L 246 -12.89 19.67 42.65
N ARG L 247 -12.71 20.00 41.37
CA ARG L 247 -13.82 19.92 40.44
C ARG L 247 -14.33 18.49 40.41
N LYS L 248 -13.42 17.54 40.62
CA LYS L 248 -13.76 16.13 40.72
C LYS L 248 -14.43 15.78 42.06
N LEU L 249 -14.33 16.69 43.02
CA LEU L 249 -15.02 16.51 44.32
C LEU L 249 -16.24 17.41 44.44
N LYS L 250 -16.65 18.03 43.34
CA LYS L 250 -17.75 18.99 43.37
C LYS L 250 -17.37 20.31 44.06
N LYS L 251 -16.12 20.42 44.50
CA LYS L 251 -15.60 21.65 45.11
C LYS L 251 -15.34 22.71 44.04
N TYR L 252 -16.32 22.95 43.18
CA TYR L 252 -16.13 23.84 42.04
C TYR L 252 -15.63 25.21 42.48
N ALA L 253 -16.18 25.75 43.55
CA ALA L 253 -15.76 27.04 44.04
C ALA L 253 -14.26 27.06 44.19
N GLU L 254 -13.74 25.99 44.77
CA GLU L 254 -12.32 25.88 45.11
C GLU L 254 -11.45 25.54 43.90
N ALA L 255 -11.98 24.74 42.99
CA ALA L 255 -11.21 24.34 41.83
C ALA L 255 -10.84 25.56 40.99
N LEU L 256 -11.85 26.36 40.70
CA LEU L 256 -11.69 27.57 39.91
C LEU L 256 -10.45 28.34 40.32
N ASP L 257 -10.22 28.37 41.64
CA ASP L 257 -9.15 29.17 42.24
C ASP L 257 -7.76 28.76 41.79
N TYR L 258 -7.50 27.46 41.79
CA TYR L 258 -6.18 26.94 41.45
C TYR L 258 -5.86 27.18 39.98
N HIS L 259 -6.85 26.92 39.11
CA HIS L 259 -6.66 27.12 37.68
C HIS L 259 -6.35 28.58 37.36
N ARG L 260 -6.93 29.49 38.15
CA ARG L 260 -6.68 30.93 38.02
C ARG L 260 -5.20 31.28 38.21
N GLN L 261 -4.64 30.82 39.31
CA GLN L 261 -3.21 30.99 39.59
C GLN L 261 -2.38 30.21 38.57
N ALA L 262 -2.86 29.02 38.20
CA ALA L 262 -2.23 28.20 37.18
C ALA L 262 -1.93 29.03 35.92
N LEU L 263 -2.77 30.04 35.68
CA LEU L 263 -2.59 30.94 34.53
C LEU L 263 -1.54 32.00 34.76
N VAL L 264 -1.44 32.46 36.01
CA VAL L 264 -0.39 33.41 36.37
C VAL L 264 1.00 32.83 36.09
N LEU L 265 1.08 31.50 36.02
CA LEU L 265 2.37 30.82 35.80
C LEU L 265 2.60 30.44 34.33
N ILE L 266 1.56 29.93 33.68
CA ILE L 266 1.57 29.83 32.24
C ILE L 266 0.28 30.46 31.73
N PRO L 267 0.35 31.75 31.37
CA PRO L 267 -0.77 32.50 30.81
C PRO L 267 -1.28 32.00 29.44
N GLN L 268 -0.41 31.50 28.57
CA GLN L 268 -0.83 31.07 27.23
C GLN L 268 -1.13 29.57 27.09
N ASN L 269 -1.71 28.97 28.13
CA ASN L 269 -1.96 27.53 28.10
C ASN L 269 -3.40 27.16 27.69
N ALA L 270 -3.55 26.62 26.48
CA ALA L 270 -4.89 26.25 26.00
C ALA L 270 -5.60 25.33 26.99
N SER L 271 -4.89 24.32 27.47
CA SER L 271 -5.44 23.36 28.42
C SER L 271 -6.04 24.04 29.64
N THR L 272 -5.25 24.93 30.25
CA THR L 272 -5.72 25.63 31.46
C THR L 272 -6.94 26.49 31.14
N TYR L 273 -7.06 26.92 29.89
CA TYR L 273 -8.23 27.67 29.46
C TYR L 273 -9.49 26.81 29.43
N SER L 274 -9.45 25.77 28.61
CA SER L 274 -10.52 24.79 28.52
C SER L 274 -10.95 24.36 29.91
N ALA L 275 -9.96 24.10 30.76
CA ALA L 275 -10.22 23.64 32.12
C ALA L 275 -11.18 24.57 32.84
N ILE L 276 -10.89 25.86 32.83
CA ILE L 276 -11.72 26.85 33.52
C ILE L 276 -13.14 26.87 32.96
N GLY L 277 -13.24 26.78 31.63
CA GLY L 277 -14.53 26.81 30.98
C GLY L 277 -15.37 25.62 31.41
N TYR L 278 -14.72 24.47 31.56
CA TYR L 278 -15.46 23.25 31.87
C TYR L 278 -16.17 23.34 33.21
N ILE L 279 -15.60 24.09 34.14
CA ILE L 279 -16.20 24.21 35.47
C ILE L 279 -17.48 25.04 35.41
N HIS L 280 -17.44 26.17 34.70
CA HIS L 280 -18.65 26.92 34.43
C HIS L 280 -19.67 25.98 33.80
N SER L 281 -19.24 25.32 32.73
CA SER L 281 -20.06 24.31 32.07
C SER L 281 -20.71 23.36 33.07
N LEU L 282 -19.96 22.96 34.08
CA LEU L 282 -20.46 22.11 35.16
C LEU L 282 -21.37 22.86 36.12
N GLY L 284 -22.95 26.04 35.45
CA GLY L 284 -24.11 26.56 34.75
C GLY L 284 -23.91 27.89 34.04
N ASN L 285 -22.75 28.51 34.19
CA ASN L 285 -22.47 29.81 33.58
C ASN L 285 -22.09 29.72 32.09
N PHE L 286 -22.93 29.03 31.31
CA PHE L 286 -22.67 28.71 29.90
C PHE L 286 -22.09 29.81 29.02
N GLU L 287 -22.70 30.98 29.02
CA GLU L 287 -22.21 32.10 28.22
C GLU L 287 -20.75 32.37 28.57
N ASN L 288 -20.44 32.20 29.85
CA ASN L 288 -19.08 32.37 30.34
C ASN L 288 -18.21 31.14 30.11
N ALA L 289 -18.85 29.98 30.01
CA ALA L 289 -18.13 28.74 29.69
C ALA L 289 -17.74 28.75 28.22
N VAL L 290 -18.64 29.24 27.37
CA VAL L 290 -18.36 29.31 25.94
C VAL L 290 -17.24 30.31 25.70
N ASP L 291 -17.18 31.32 26.55
CA ASP L 291 -16.11 32.30 26.46
C ASP L 291 -14.76 31.62 26.61
N TYR L 292 -14.67 30.69 27.55
CA TYR L 292 -13.41 30.01 27.87
C TYR L 292 -13.03 28.90 26.92
N PHE L 293 -14.03 28.23 26.35
CA PHE L 293 -13.78 27.19 25.35
C PHE L 293 -13.29 27.83 24.05
N HIS L 294 -13.73 29.06 23.79
CA HIS L 294 -13.46 29.74 22.53
C HIS L 294 -12.03 30.26 22.40
N THR L 295 -11.57 30.96 23.42
CA THR L 295 -10.18 31.40 23.47
C THR L 295 -9.28 30.19 23.59
N ALA L 296 -9.91 29.03 23.78
CA ALA L 296 -9.20 27.76 23.92
C ALA L 296 -8.76 27.19 22.58
N LEU L 297 -9.69 27.12 21.63
CA LEU L 297 -9.35 26.75 20.28
C LEU L 297 -8.62 27.92 19.64
N GLY L 298 -8.75 29.09 20.29
CA GLY L 298 -8.00 30.29 19.95
C GLY L 298 -6.53 30.15 20.32
N LEU L 299 -6.11 28.89 20.46
CA LEU L 299 -4.72 28.51 20.65
C LEU L 299 -4.51 27.10 20.09
N ARG L 300 -5.03 26.10 20.82
CA ARG L 300 -4.99 24.71 20.37
C ARG L 300 -6.25 24.37 19.58
N ARG L 301 -6.05 23.91 18.34
CA ARG L 301 -7.16 23.63 17.44
C ARG L 301 -7.59 22.17 17.48
N ASP L 302 -6.75 21.33 18.07
CA ASP L 302 -7.06 19.91 18.21
C ASP L 302 -7.56 19.58 19.61
N ASP L 303 -7.99 20.60 20.36
CA ASP L 303 -8.63 20.39 21.64
C ASP L 303 -9.96 19.67 21.42
N THR L 304 -9.93 18.35 21.35
CA THR L 304 -11.14 17.59 21.04
C THR L 304 -12.21 17.77 22.12
N PHE L 305 -11.76 17.96 23.35
CA PHE L 305 -12.67 18.14 24.48
C PHE L 305 -13.43 19.44 24.37
N SER L 306 -12.70 20.54 24.22
CA SER L 306 -13.32 21.86 24.11
C SER L 306 -14.30 21.92 22.95
N VAL L 307 -14.09 21.07 21.93
CA VAL L 307 -15.02 21.03 20.80
C VAL L 307 -16.27 20.20 21.10
N THR L 308 -16.07 18.95 21.51
CA THR L 308 -17.20 18.10 21.89
C THR L 308 -18.09 18.86 22.86
N LEU L 310 -18.29 22.28 23.33
CA LEU L 310 -18.93 23.42 22.69
C LEU L 310 -20.30 23.07 22.14
N GLY L 311 -20.44 21.86 21.61
CA GLY L 311 -21.72 21.41 21.08
C GLY L 311 -22.79 21.32 22.15
N HIS L 312 -22.40 20.93 23.36
CA HIS L 312 -23.36 20.81 24.44
C HIS L 312 -23.88 22.18 24.79
N CYS L 313 -23.01 23.18 24.59
CA CYS L 313 -23.35 24.56 24.92
C CYS L 313 -24.31 25.20 23.92
N ILE L 314 -24.28 24.78 22.66
CA ILE L 314 -25.24 25.30 21.67
C ILE L 314 -26.46 24.41 21.43
N GLU L 315 -26.28 23.09 21.38
CA GLU L 315 -27.42 22.20 21.23
C GLU L 315 -28.46 22.64 22.26
N TYR L 317 -28.44 25.82 23.50
CA TYR L 317 -28.79 27.20 23.18
C TYR L 317 -30.07 27.25 22.35
N ILE L 318 -30.25 26.25 21.48
CA ILE L 318 -31.48 26.11 20.73
C ILE L 318 -32.64 25.74 21.65
N GLY L 319 -33.21 26.76 22.29
CA GLY L 319 -34.20 26.61 23.34
C GLY L 319 -34.13 27.82 24.25
N ASP L 320 -34.24 29.00 23.65
CA ASP L 320 -34.01 30.29 24.32
C ASP L 320 -33.81 30.21 25.83
#